data_3HVY
#
_entry.id   3HVY
#
_cell.length_a   58.830
_cell.length_b   186.620
_cell.length_c   93.710
_cell.angle_alpha   90.000
_cell.angle_beta   103.060
_cell.angle_gamma   90.000
#
_symmetry.space_group_name_H-M   'P 1 21 1'
#
loop_
_entity.id
_entity.type
_entity.pdbx_description
1 polymer 'Cystathionine beta-lyase family protein, YNBB B.subtilis ortholog'
2 non-polymer 'SODIUM ION'
3 non-polymer 1,2-ETHANEDIOL
4 water water
#
_entity_poly.entity_id   1
_entity_poly.type   'polypeptide(L)'
_entity_poly.pdbx_seq_one_letter_code
;G(MSE)LEFTKRSL(MSE)NKYNINERVLELYERALNDVEKEFKYYDEIREYNQLKVLKAFQEERISESHFTNSSGYGYN
DIGRDSLDRVYANIFNTESAFVRPHFVNGTHAIGAALFGNLRPNDT(MSE)(MSE)SICG(MSE)PYDTLHDIIG(MSE)
DDSKKVGSLREYGVKYK(MSE)VDLKDGKVDINTVKEELKKDDSIKLIHIQRSTGYGWRKSLRIAEIAEIIKSIREVNEN
VIVFVDNCYGEFVEEKEPTDVGADIIAGSLI(LLP)NIGGGIATTGGYIAGKEEYVTQATFRVTVPGIGGECGSTFGV
(MSE)RSLYEGLF(MSE)APHVTIEAVKGAVFCARI(MSE)ELAGFDVLPKYNDKRTDIIQAIKFNDEKKLIDFIKGIQT
ASPVDSFVQCEAWD(MSE)PGYEDKVI(MSE)AAGTFVQGASIELSADAPIREPYIGYLQGGLTFDHAKLGVLIALSKLI
(MSE)
;
_entity_poly.pdbx_strand_id   A,B,C,D
#
loop_
_chem_comp.id
_chem_comp.type
_chem_comp.name
_chem_comp.formula
EDO non-polymer 1,2-ETHANEDIOL 'C2 H6 O2'
NA non-polymer 'SODIUM ION' 'Na 1'
#
# COMPACT_ATOMS: atom_id res chain seq x y z
N GLY A 1 -2.58 -41.65 9.41
CA GLY A 1 -1.29 -42.03 8.77
C GLY A 1 -0.25 -40.93 8.99
N MSE A 2 -0.32 -40.27 10.14
CA MSE A 2 0.67 -39.25 10.46
C MSE A 2 2.06 -39.80 10.13
O MSE A 2 2.42 -40.85 10.60
CB MSE A 2 0.56 -38.87 11.94
CG MSE A 2 1.71 -38.03 12.40
SE MSE A 2 1.57 -37.37 14.24
CE MSE A 2 0.38 -35.86 13.98
N LEU A 3 2.84 -39.08 9.32
CA LEU A 3 4.18 -39.56 8.98
C LEU A 3 5.06 -39.68 10.24
N GLU A 4 6.03 -40.60 10.22
CA GLU A 4 6.90 -40.83 11.35
C GLU A 4 7.66 -39.57 11.70
N PHE A 5 8.13 -38.82 10.69
CA PHE A 5 8.91 -37.61 10.97
C PHE A 5 7.99 -36.50 11.51
N THR A 6 6.69 -36.56 11.20
CA THR A 6 5.79 -35.56 11.79
C THR A 6 5.73 -35.86 13.29
N LYS A 7 5.50 -37.13 13.61
CA LYS A 7 5.44 -37.58 15.00
C LYS A 7 6.68 -37.20 15.78
N ARG A 8 7.85 -37.56 15.25
CA ARG A 8 9.09 -37.26 15.93
C ARG A 8 9.24 -35.77 16.16
N SER A 9 8.89 -34.96 15.16
CA SER A 9 9.07 -33.55 15.30
C SER A 9 8.16 -32.96 16.36
N LEU A 10 6.89 -33.38 16.37
CA LEU A 10 5.93 -32.94 17.39
C LEU A 10 6.41 -33.27 18.80
N MSE A 11 6.87 -34.50 18.99
CA MSE A 11 7.36 -34.91 20.29
C MSE A 11 8.59 -34.12 20.71
O MSE A 11 8.65 -33.57 21.82
CB MSE A 11 7.65 -36.39 20.31
CG MSE A 11 6.37 -37.22 20.08
SE MSE A 11 6.63 -39.16 20.27
CE MSE A 11 4.84 -39.62 20.41
N ASN A 12 9.54 -34.03 19.80
CA ASN A 12 10.79 -33.38 20.09
C ASN A 12 10.70 -31.88 20.23
N LYS A 13 9.87 -31.21 19.45
CA LYS A 13 9.79 -29.76 19.58
C LYS A 13 8.80 -29.33 20.64
N TYR A 14 7.64 -29.98 20.72
CA TYR A 14 6.57 -29.52 21.60
C TYR A 14 6.24 -30.41 22.80
N ASN A 15 7.00 -31.48 22.94
CA ASN A 15 6.72 -32.47 23.97
C ASN A 15 5.31 -33.05 23.86
N ILE A 16 4.82 -33.23 22.64
CA ILE A 16 3.54 -33.92 22.46
C ILE A 16 3.80 -35.39 22.87
N ASN A 17 2.88 -35.97 23.65
CA ASN A 17 3.10 -37.31 24.24
C ASN A 17 2.20 -38.37 23.56
N GLU A 18 2.50 -39.63 23.85
CA GLU A 18 1.81 -40.76 23.25
C GLU A 18 0.33 -40.81 23.59
N ARG A 19 -0.01 -40.43 24.81
CA ARG A 19 -1.42 -40.44 25.18
C ARG A 19 -2.17 -39.49 24.26
N VAL A 20 -1.65 -38.28 24.07
CA VAL A 20 -2.31 -37.29 23.22
C VAL A 20 -2.36 -37.79 21.79
N LEU A 21 -1.28 -38.42 21.31
CA LEU A 21 -1.30 -38.93 19.94
C LEU A 21 -2.35 -40.05 19.73
N GLU A 22 -2.55 -40.89 20.75
CA GLU A 22 -3.54 -41.96 20.69
C GLU A 22 -4.93 -41.30 20.61
N LEU A 23 -5.18 -40.31 21.45
CA LEU A 23 -6.45 -39.60 21.42
C LEU A 23 -6.66 -38.89 20.06
N TYR A 24 -5.59 -38.34 19.49
CA TYR A 24 -5.64 -37.74 18.18
C TYR A 24 -6.17 -38.74 17.13
N GLU A 25 -5.59 -39.92 17.05
CA GLU A 25 -6.01 -40.90 16.07
C GLU A 25 -7.49 -41.27 16.23
N ARG A 26 -7.89 -41.52 17.47
CA ARG A 26 -9.27 -41.80 17.78
C ARG A 26 -10.20 -40.67 17.34
N ALA A 27 -9.88 -39.44 17.78
CA ALA A 27 -10.75 -38.32 17.54
C ALA A 27 -10.87 -38.05 16.06
N LEU A 28 -9.76 -38.18 15.34
CA LEU A 28 -9.78 -37.91 13.93
C LEU A 28 -10.72 -38.90 13.25
N ASN A 29 -10.65 -40.16 13.64
CA ASN A 29 -11.57 -41.16 13.07
C ASN A 29 -13.00 -40.88 13.43
N ASP A 30 -13.22 -40.49 14.68
CA ASP A 30 -14.57 -40.24 15.16
C ASP A 30 -15.26 -39.09 14.47
N VAL A 31 -14.51 -38.09 14.03
CA VAL A 31 -15.15 -36.90 13.46
C VAL A 31 -15.31 -36.95 11.95
N GLU A 32 -14.90 -38.05 11.33
CA GLU A 32 -14.91 -38.14 9.86
C GLU A 32 -16.24 -37.87 9.17
N LYS A 33 -17.32 -38.45 9.69
CA LYS A 33 -18.65 -38.26 9.11
C LYS A 33 -19.10 -36.80 9.32
N GLU A 34 -18.75 -36.17 10.46
CA GLU A 34 -19.08 -34.76 10.67
C GLU A 34 -18.37 -33.91 9.63
N PHE A 35 -17.10 -34.18 9.41
CA PHE A 35 -16.30 -33.47 8.44
C PHE A 35 -16.86 -33.56 7.01
N LYS A 36 -17.23 -34.77 6.63
CA LYS A 36 -17.86 -34.96 5.30
C LYS A 36 -19.13 -34.12 5.20
N TYR A 37 -19.85 -33.96 6.30
CA TYR A 37 -21.05 -33.15 6.32
C TYR A 37 -20.70 -31.70 6.06
N TYR A 38 -19.64 -31.19 6.72
CA TYR A 38 -19.26 -29.78 6.52
C TYR A 38 -18.70 -29.54 5.09
N ASP A 39 -18.06 -30.56 4.51
CA ASP A 39 -17.61 -30.44 3.13
C ASP A 39 -18.76 -30.21 2.16
N GLU A 40 -19.93 -30.74 2.45
CA GLU A 40 -21.08 -30.52 1.60
C GLU A 40 -21.56 -29.07 1.62
N ILE A 41 -21.59 -28.50 2.81
CA ILE A 41 -21.94 -27.12 3.01
C ILE A 41 -20.84 -26.22 2.38
N ARG A 42 -19.57 -26.58 2.55
CA ARG A 42 -18.48 -25.78 2.02
C ARG A 42 -18.58 -25.71 0.50
N GLU A 43 -18.84 -26.85 -0.12
CA GLU A 43 -19.02 -26.87 -1.60
C GLU A 43 -20.15 -25.97 -2.08
N TYR A 44 -21.29 -26.03 -1.39
CA TYR A 44 -22.41 -25.19 -1.70
C TYR A 44 -22.05 -23.70 -1.57
N ASN A 45 -21.44 -23.32 -0.45
CA ASN A 45 -21.05 -21.93 -0.21
C ASN A 45 -19.99 -21.45 -1.15
N GLN A 46 -19.06 -22.32 -1.48
CA GLN A 46 -18.04 -21.96 -2.46
C GLN A 46 -18.70 -21.58 -3.78
N LEU A 47 -19.71 -22.34 -4.18
CA LEU A 47 -20.39 -22.11 -5.42
C LEU A 47 -21.22 -20.85 -5.34
N LYS A 48 -21.87 -20.64 -4.20
CA LYS A 48 -22.69 -19.44 -4.10
C LYS A 48 -21.82 -18.17 -4.15
N VAL A 49 -20.61 -18.21 -3.58
CA VAL A 49 -19.70 -17.06 -3.69
C VAL A 49 -19.26 -16.87 -5.17
N LEU A 50 -18.85 -17.97 -5.79
CA LEU A 50 -18.38 -17.95 -7.20
C LEU A 50 -19.45 -17.35 -8.09
N LYS A 51 -20.68 -17.80 -7.93
CA LYS A 51 -21.77 -17.25 -8.75
C LYS A 51 -21.92 -15.76 -8.56
N ALA A 52 -21.78 -15.29 -7.31
CA ALA A 52 -21.94 -13.87 -7.03
C ALA A 52 -20.87 -13.05 -7.75
N PHE A 53 -19.63 -13.54 -7.75
CA PHE A 53 -18.56 -12.91 -8.46
C PHE A 53 -18.86 -12.87 -9.94
N GLN A 54 -19.34 -13.97 -10.48
CA GLN A 54 -19.55 -14.04 -11.91
C GLN A 54 -20.75 -13.16 -12.33
N GLU A 55 -21.79 -13.15 -11.51
CA GLU A 55 -22.97 -12.30 -11.83
C GLU A 55 -22.65 -10.82 -11.77
N GLU A 56 -21.68 -10.41 -10.98
CA GLU A 56 -21.28 -8.99 -10.91
C GLU A 56 -20.17 -8.69 -11.92
N ARG A 57 -19.71 -9.70 -12.63
CA ARG A 57 -18.69 -9.58 -13.66
C ARG A 57 -17.41 -8.98 -13.10
N ILE A 58 -16.96 -9.55 -11.99
CA ILE A 58 -15.74 -9.04 -11.34
C ILE A 58 -14.58 -9.20 -12.32
N SER A 59 -13.79 -8.14 -12.41
N SER A 59 -13.81 -8.13 -12.43
CA SER A 59 -12.66 -8.09 -13.31
CA SER A 59 -12.66 -8.08 -13.31
C SER A 59 -11.47 -7.46 -12.58
C SER A 59 -11.48 -7.43 -12.59
N GLU A 60 -10.33 -7.40 -13.25
CA GLU A 60 -9.13 -6.78 -12.67
C GLU A 60 -9.39 -5.31 -12.38
N SER A 61 -10.27 -4.68 -13.14
CA SER A 61 -10.57 -3.30 -12.92
C SER A 61 -11.29 -3.00 -11.57
N HIS A 62 -11.74 -4.05 -10.87
CA HIS A 62 -12.42 -3.89 -9.58
C HIS A 62 -11.39 -3.78 -8.46
N PHE A 63 -10.15 -4.10 -8.80
CA PHE A 63 -9.06 -4.02 -7.85
C PHE A 63 -8.51 -2.55 -7.82
N THR A 64 -9.38 -1.65 -7.33
CA THR A 64 -9.17 -0.22 -7.32
C THR A 64 -8.13 0.22 -6.29
N ASN A 65 -7.70 1.46 -6.50
CA ASN A 65 -6.70 2.14 -5.70
C ASN A 65 -7.20 3.59 -5.52
N SER A 66 -8.43 3.76 -5.00
CA SER A 66 -9.13 5.03 -5.01
C SER A 66 -8.47 5.99 -4.01
N SER A 67 -8.69 7.29 -4.23
CA SER A 67 -8.14 8.34 -3.38
C SER A 67 -9.22 9.34 -3.05
N GLY A 68 -8.90 10.26 -2.15
CA GLY A 68 -9.76 11.37 -1.81
C GLY A 68 -11.15 10.87 -1.49
N TYR A 69 -12.13 11.52 -2.08
CA TYR A 69 -13.56 11.25 -1.84
C TYR A 69 -13.96 9.85 -2.17
N GLY A 70 -13.24 9.23 -3.12
CA GLY A 70 -13.57 7.89 -3.54
C GLY A 70 -14.85 7.86 -4.36
N TYR A 71 -15.23 8.97 -5.02
CA TYR A 71 -16.41 8.92 -5.89
C TYR A 71 -16.21 7.84 -6.96
N ASN A 72 -17.26 7.05 -7.17
CA ASN A 72 -17.26 6.00 -8.21
C ASN A 72 -16.07 4.98 -8.09
N ASP A 73 -15.81 4.50 -6.88
CA ASP A 73 -14.86 3.41 -6.68
C ASP A 73 -15.65 2.15 -7.06
N ILE A 74 -15.43 1.64 -8.27
CA ILE A 74 -16.25 0.54 -8.78
C ILE A 74 -15.96 -0.75 -8.08
N GLY A 75 -14.74 -0.92 -7.59
CA GLY A 75 -14.42 -2.10 -6.80
C GLY A 75 -15.24 -2.09 -5.51
N ARG A 76 -15.26 -0.95 -4.85
CA ARG A 76 -16.03 -0.78 -3.63
C ARG A 76 -17.49 -1.05 -3.90
N ASP A 77 -18.08 -0.39 -4.88
CA ASP A 77 -19.50 -0.54 -5.12
C ASP A 77 -19.91 -1.97 -5.57
N SER A 78 -19.07 -2.60 -6.38
CA SER A 78 -19.32 -3.95 -6.82
C SER A 78 -19.22 -4.92 -5.69
N LEU A 79 -18.34 -4.69 -4.71
CA LEU A 79 -18.25 -5.63 -3.57
C LEU A 79 -19.50 -5.58 -2.72
N ASP A 80 -20.07 -4.38 -2.57
CA ASP A 80 -21.35 -4.27 -1.88
C ASP A 80 -22.41 -5.12 -2.57
N ARG A 81 -22.42 -5.11 -3.90
CA ARG A 81 -23.38 -5.87 -4.69
C ARG A 81 -23.18 -7.37 -4.54
N VAL A 82 -21.94 -7.79 -4.59
CA VAL A 82 -21.60 -9.19 -4.40
C VAL A 82 -22.05 -9.69 -3.03
N TYR A 83 -21.76 -8.92 -1.97
CA TYR A 83 -22.25 -9.29 -0.64
C TYR A 83 -23.74 -9.40 -0.57
N ALA A 84 -24.44 -8.44 -1.18
CA ALA A 84 -25.88 -8.43 -1.17
C ALA A 84 -26.47 -9.65 -1.89
N ASN A 85 -25.80 -10.07 -2.97
CA ASN A 85 -26.21 -11.27 -3.67
C ASN A 85 -26.01 -12.49 -2.77
N ILE A 86 -24.83 -12.60 -2.17
CA ILE A 86 -24.52 -13.73 -1.32
C ILE A 86 -25.50 -13.89 -0.15
N PHE A 87 -25.84 -12.76 0.47
CA PHE A 87 -26.70 -12.74 1.66
C PHE A 87 -28.20 -12.68 1.30
N ASN A 88 -28.47 -12.60 0.01
CA ASN A 88 -29.83 -12.44 -0.55
C ASN A 88 -30.54 -11.26 0.08
N THR A 89 -29.88 -10.10 0.05
CA THR A 89 -30.42 -8.87 0.65
C THR A 89 -30.57 -7.84 -0.43
N GLU A 90 -31.39 -6.83 -0.18
CA GLU A 90 -31.45 -5.70 -1.11
C GLU A 90 -30.14 -4.93 -1.22
N SER A 91 -29.42 -4.79 -0.10
CA SER A 91 -28.24 -3.93 -0.07
C SER A 91 -27.21 -4.48 0.86
N ALA A 92 -26.00 -3.96 0.71
CA ALA A 92 -24.88 -4.26 1.62
C ALA A 92 -23.93 -3.07 1.59
N PHE A 93 -23.16 -2.93 2.66
CA PHE A 93 -22.22 -1.86 2.83
C PHE A 93 -21.00 -2.45 3.50
N VAL A 94 -19.96 -2.62 2.71
CA VAL A 94 -18.74 -3.30 3.14
C VAL A 94 -17.60 -2.29 3.08
N ARG A 95 -16.91 -2.04 4.19
CA ARG A 95 -15.88 -1.01 4.21
C ARG A 95 -14.72 -1.33 5.13
N PRO A 96 -13.52 -0.98 4.70
CA PRO A 96 -12.37 -1.09 5.59
C PRO A 96 -12.40 -0.01 6.70
N HIS A 97 -13.28 0.98 6.60
CA HIS A 97 -13.40 2.07 7.54
C HIS A 97 -13.91 1.59 8.91
N PHE A 98 -14.60 0.44 8.96
CA PHE A 98 -15.07 -0.07 10.25
C PHE A 98 -13.84 -0.50 11.04
N VAL A 99 -13.71 -0.06 12.29
CA VAL A 99 -12.51 -0.33 13.08
C VAL A 99 -12.53 -1.71 13.67
N ASN A 100 -13.74 -2.28 13.76
CA ASN A 100 -13.97 -3.66 14.20
C ASN A 100 -15.42 -4.03 13.99
N GLY A 101 -15.78 -5.23 14.40
CA GLY A 101 -17.17 -5.68 14.29
C GLY A 101 -18.16 -4.92 15.14
N THR A 102 -17.73 -4.48 16.32
CA THR A 102 -18.58 -3.70 17.20
C THR A 102 -18.96 -2.44 16.52
N HIS A 103 -18.03 -1.85 15.78
CA HIS A 103 -18.34 -0.60 15.05
C HIS A 103 -19.51 -0.83 14.06
N ALA A 104 -19.43 -1.93 13.31
CA ALA A 104 -20.47 -2.27 12.31
C ALA A 104 -21.85 -2.48 12.98
N ILE A 105 -21.87 -3.26 14.05
CA ILE A 105 -23.09 -3.53 14.80
C ILE A 105 -23.64 -2.26 15.35
N GLY A 106 -22.78 -1.49 16.00
CA GLY A 106 -23.22 -0.19 16.58
C GLY A 106 -23.83 0.77 15.57
N ALA A 107 -23.22 0.85 14.39
CA ALA A 107 -23.72 1.70 13.31
C ALA A 107 -25.11 1.23 12.82
N ALA A 108 -25.28 -0.07 12.66
CA ALA A 108 -26.58 -0.61 12.26
C ALA A 108 -27.62 -0.24 13.31
N LEU A 109 -27.24 -0.31 14.59
CA LEU A 109 -28.17 0.05 15.67
C LEU A 109 -28.52 1.52 15.71
N PHE A 110 -27.49 2.36 15.81
CA PHE A 110 -27.68 3.79 15.91
C PHE A 110 -28.43 4.30 14.71
N GLY A 111 -28.03 3.85 13.53
CA GLY A 111 -28.63 4.32 12.29
C GLY A 111 -30.12 4.13 12.22
N ASN A 112 -30.60 3.09 12.85
CA ASN A 112 -31.98 2.73 12.79
C ASN A 112 -32.76 3.00 14.06
N LEU A 113 -32.22 3.84 14.94
CA LEU A 113 -32.93 4.20 16.16
C LEU A 113 -32.96 5.72 16.35
N ARG A 114 -34.00 6.21 17.02
CA ARG A 114 -34.20 7.62 17.29
C ARG A 114 -34.70 7.75 18.73
N PRO A 115 -34.60 8.96 19.31
CA PRO A 115 -35.08 9.14 20.68
C PRO A 115 -36.50 8.69 20.85
N ASN A 116 -36.77 8.09 22.01
CA ASN A 116 -38.04 7.51 22.37
C ASN A 116 -38.34 6.18 21.73
N ASP A 117 -37.51 5.73 20.80
CA ASP A 117 -37.55 4.35 20.35
C ASP A 117 -37.01 3.47 21.47
N THR A 118 -37.41 2.20 21.42
CA THR A 118 -36.87 1.17 22.29
C THR A 118 -36.22 0.05 21.45
N MSE A 119 -35.02 -0.34 21.86
CA MSE A 119 -34.33 -1.49 21.31
C MSE A 119 -34.55 -2.61 22.30
O MSE A 119 -34.46 -2.38 23.53
CB MSE A 119 -32.83 -1.19 21.21
CG MSE A 119 -31.94 -2.39 20.92
SE MSE A 119 -30.11 -1.81 21.06
CE MSE A 119 -29.14 -3.55 21.13
N MSE A 120 -34.83 -3.80 21.78
CA MSE A 120 -34.99 -5.00 22.63
C MSE A 120 -34.08 -6.13 22.24
O MSE A 120 -34.18 -6.67 21.14
CB MSE A 120 -36.44 -5.50 22.63
CG MSE A 120 -36.67 -6.62 23.64
SE MSE A 120 -38.57 -7.06 23.94
CE MSE A 120 -38.95 -7.63 22.08
N SER A 121 -33.15 -6.48 23.13
CA SER A 121 -32.29 -7.66 22.96
C SER A 121 -33.07 -8.87 23.46
N ILE A 122 -33.12 -9.93 22.66
CA ILE A 122 -33.91 -11.10 23.02
C ILE A 122 -33.12 -12.37 23.35
N CYS A 123 -31.81 -12.31 23.32
CA CYS A 123 -30.99 -13.47 23.71
C CYS A 123 -30.26 -13.21 25.02
N GLY A 124 -30.89 -12.55 25.99
CA GLY A 124 -30.20 -12.21 27.24
C GLY A 124 -29.18 -11.09 27.07
N MSE A 125 -28.24 -11.01 28.01
CA MSE A 125 -27.21 -9.97 28.07
C MSE A 125 -26.32 -9.96 26.83
O MSE A 125 -25.74 -10.98 26.47
CB MSE A 125 -26.33 -10.17 29.30
CG MSE A 125 -25.42 -8.97 29.65
SE MSE A 125 -26.49 -7.46 30.24
CE MSE A 125 -27.48 -8.37 31.73
N PRO A 126 -26.22 -8.82 26.16
CA PRO A 126 -25.32 -8.81 25.00
C PRO A 126 -23.86 -8.96 25.37
N TYR A 127 -23.05 -9.26 24.34
CA TYR A 127 -21.56 -9.21 24.38
C TYR A 127 -21.11 -7.91 25.06
N ASP A 128 -20.13 -7.99 25.95
CA ASP A 128 -19.66 -6.84 26.76
C ASP A 128 -19.34 -5.55 25.97
N THR A 129 -18.81 -5.73 24.77
CA THR A 129 -18.40 -4.62 23.94
C THR A 129 -19.59 -3.75 23.51
N LEU A 130 -20.80 -4.34 23.52
CA LEU A 130 -22.00 -3.57 23.19
C LEU A 130 -22.56 -2.76 24.35
N HIS A 131 -22.04 -2.94 25.56
CA HIS A 131 -22.69 -2.32 26.70
C HIS A 131 -22.70 -0.81 26.65
N ASP A 132 -21.59 -0.21 26.19
CA ASP A 132 -21.49 1.27 26.04
C ASP A 132 -22.31 1.82 24.89
N ILE A 133 -22.41 1.04 23.83
CA ILE A 133 -23.29 1.41 22.72
C ILE A 133 -24.72 1.57 23.22
N ILE A 134 -25.18 0.63 24.03
CA ILE A 134 -26.54 0.69 24.61
C ILE A 134 -26.62 1.79 25.68
N GLY A 135 -25.59 1.84 26.52
CA GLY A 135 -25.47 2.79 27.61
C GLY A 135 -25.87 2.20 28.96
N MSE A 136 -25.22 1.14 29.38
CA MSE A 136 -25.63 0.47 30.60
C MSE A 136 -25.06 1.01 31.91
O MSE A 136 -25.48 0.61 32.98
CB MSE A 136 -25.39 -1.05 30.46
CG MSE A 136 -26.58 -1.80 29.85
SE MSE A 136 -25.96 -3.50 29.17
CE MSE A 136 -27.66 -4.24 28.76
N ASP A 137 -24.12 1.94 31.82
CA ASP A 137 -23.50 2.57 32.98
C ASP A 137 -23.79 4.04 32.88
N ASP A 138 -24.76 4.50 33.68
CA ASP A 138 -25.25 5.88 33.64
C ASP A 138 -24.26 6.90 34.25
N SER A 139 -23.10 6.43 34.73
CA SER A 139 -22.05 7.31 35.24
C SER A 139 -20.99 7.63 34.17
N LYS A 140 -21.19 7.12 32.96
CA LYS A 140 -20.25 7.38 31.87
C LYS A 140 -20.96 8.16 30.80
N LYS A 141 -20.24 9.12 30.21
CA LYS A 141 -20.76 9.88 29.07
C LYS A 141 -19.98 9.43 27.86
N VAL A 142 -20.62 8.62 27.03
CA VAL A 142 -19.93 7.97 25.91
C VAL A 142 -20.68 8.02 24.59
N GLY A 143 -21.74 8.83 24.55
CA GLY A 143 -22.59 8.98 23.37
C GLY A 143 -23.45 7.77 23.10
N SER A 144 -23.88 7.07 24.15
CA SER A 144 -24.60 5.82 23.99
C SER A 144 -26.02 6.05 23.47
N LEU A 145 -26.69 4.96 23.09
CA LEU A 145 -28.10 5.05 22.69
C LEU A 145 -28.92 5.65 23.82
N ARG A 146 -28.62 5.27 25.06
CA ARG A 146 -29.35 5.84 26.20
C ARG A 146 -29.20 7.35 26.21
N GLU A 147 -27.98 7.85 26.03
CA GLU A 147 -27.74 9.28 26.05
C GLU A 147 -28.50 10.00 24.92
N TYR A 148 -28.81 9.28 23.85
CA TYR A 148 -29.62 9.84 22.78
C TYR A 148 -31.12 9.51 22.94
N GLY A 149 -31.55 9.19 24.15
CA GLY A 149 -32.96 8.97 24.42
C GLY A 149 -33.57 7.67 23.90
N VAL A 150 -32.73 6.72 23.55
CA VAL A 150 -33.20 5.42 23.09
C VAL A 150 -33.34 4.49 24.30
N LYS A 151 -34.54 3.97 24.51
CA LYS A 151 -34.81 3.05 25.64
C LYS A 151 -34.35 1.62 25.30
N TYR A 152 -34.07 0.83 26.33
CA TYR A 152 -33.56 -0.52 26.16
C TYR A 152 -34.34 -1.52 27.00
N LYS A 153 -34.70 -2.64 26.37
CA LYS A 153 -35.27 -3.80 27.04
C LYS A 153 -34.42 -5.03 26.74
N MSE A 154 -34.28 -5.92 27.72
CA MSE A 154 -33.59 -7.15 27.50
C MSE A 154 -34.39 -8.33 28.05
O MSE A 154 -34.83 -8.32 29.20
CB MSE A 154 -32.17 -7.13 28.07
CG MSE A 154 -31.46 -8.41 27.76
SE MSE A 154 -31.21 -9.45 29.41
CE MSE A 154 -29.59 -8.01 29.48
N VAL A 155 -34.59 -9.33 27.20
CA VAL A 155 -35.36 -10.50 27.59
C VAL A 155 -34.37 -11.60 27.94
N ASP A 156 -34.38 -12.02 29.19
CA ASP A 156 -33.54 -13.14 29.62
C ASP A 156 -33.98 -14.43 28.95
N LEU A 157 -33.01 -15.33 28.78
CA LEU A 157 -33.31 -16.67 28.29
C LEU A 157 -34.14 -17.38 29.34
N LYS A 158 -34.97 -18.32 28.90
CA LYS A 158 -35.77 -19.10 29.80
C LYS A 158 -35.39 -20.55 29.51
N ASP A 159 -34.97 -21.26 30.54
CA ASP A 159 -34.58 -22.67 30.40
C ASP A 159 -33.62 -22.83 29.24
N GLY A 160 -32.66 -21.92 29.20
CA GLY A 160 -31.62 -21.94 28.18
C GLY A 160 -32.01 -21.50 26.79
N LYS A 161 -33.28 -21.19 26.55
CA LYS A 161 -33.79 -20.83 25.21
C LYS A 161 -34.35 -19.40 25.18
N VAL A 162 -34.44 -18.82 23.99
CA VAL A 162 -35.07 -17.51 23.82
C VAL A 162 -36.52 -17.61 24.29
N ASP A 163 -36.90 -16.69 25.16
CA ASP A 163 -38.23 -16.66 25.77
C ASP A 163 -39.22 -15.99 24.84
N ILE A 164 -39.63 -16.76 23.84
CA ILE A 164 -40.41 -16.23 22.75
C ILE A 164 -41.78 -15.69 23.18
N ASN A 165 -42.38 -16.28 24.22
CA ASN A 165 -43.65 -15.78 24.71
C ASN A 165 -43.50 -14.41 25.40
N THR A 166 -42.38 -14.19 26.09
CA THR A 166 -42.13 -12.87 26.63
C THR A 166 -41.88 -11.87 25.51
N VAL A 167 -41.10 -12.26 24.49
CA VAL A 167 -40.82 -11.36 23.36
C VAL A 167 -42.14 -10.91 22.72
N LYS A 168 -43.05 -11.86 22.52
CA LYS A 168 -44.36 -11.54 21.92
C LYS A 168 -45.18 -10.65 22.83
N GLU A 169 -45.12 -10.88 24.14
CA GLU A 169 -45.92 -10.07 25.06
C GLU A 169 -45.43 -8.62 25.04
N GLU A 170 -44.13 -8.44 25.02
CA GLU A 170 -43.55 -7.11 24.92
C GLU A 170 -43.97 -6.39 23.64
N LEU A 171 -43.88 -7.07 22.51
CA LEU A 171 -44.30 -6.51 21.25
C LEU A 171 -45.79 -6.10 21.27
N LYS A 172 -46.63 -6.88 21.92
CA LYS A 172 -48.05 -6.56 22.02
C LYS A 172 -48.32 -5.29 22.85
N LYS A 173 -47.53 -5.09 23.91
CA LYS A 173 -47.79 -4.00 24.84
C LYS A 173 -46.99 -2.72 24.62
N ASP A 174 -45.84 -2.78 23.94
CA ASP A 174 -44.93 -1.64 23.85
C ASP A 174 -44.72 -1.27 22.39
N ASP A 175 -45.50 -0.29 21.95
CA ASP A 175 -45.47 0.23 20.60
C ASP A 175 -44.18 1.02 20.26
N SER A 176 -43.34 1.30 21.24
CA SER A 176 -42.12 2.04 20.99
C SER A 176 -40.98 1.13 20.59
N ILE A 177 -41.20 -0.19 20.66
CA ILE A 177 -40.15 -1.14 20.29
C ILE A 177 -39.98 -1.17 18.77
N LYS A 178 -38.89 -0.60 18.28
CA LYS A 178 -38.64 -0.47 16.85
C LYS A 178 -37.62 -1.43 16.27
N LEU A 179 -36.77 -1.98 17.14
CA LEU A 179 -35.74 -2.87 16.70
C LEU A 179 -35.58 -3.99 17.71
N ILE A 180 -35.48 -5.22 17.19
CA ILE A 180 -35.12 -6.40 17.96
C ILE A 180 -33.71 -6.83 17.61
N HIS A 181 -32.91 -7.09 18.65
CA HIS A 181 -31.52 -7.50 18.55
C HIS A 181 -31.34 -8.97 18.92
N ILE A 182 -30.84 -9.73 17.97
CA ILE A 182 -30.51 -11.14 18.16
C ILE A 182 -29.03 -11.31 17.98
N GLN A 183 -28.42 -12.08 18.86
CA GLN A 183 -26.99 -12.36 18.76
C GLN A 183 -26.86 -13.83 18.38
N ARG A 184 -26.22 -14.10 17.26
CA ARG A 184 -26.09 -15.47 16.75
C ARG A 184 -25.11 -16.28 17.57
N SER A 185 -23.93 -15.72 17.79
CA SER A 185 -22.90 -16.39 18.55
C SER A 185 -23.00 -16.06 20.03
N THR A 186 -22.98 -17.08 20.88
CA THR A 186 -22.96 -16.93 22.34
C THR A 186 -21.63 -16.25 22.70
N GLY A 187 -21.61 -15.38 23.69
CA GLY A 187 -20.29 -14.88 24.09
C GLY A 187 -19.55 -15.81 25.06
N TYR A 188 -19.10 -15.20 26.13
CA TYR A 188 -18.52 -15.90 27.21
C TYR A 188 -19.64 -16.48 28.07
N GLY A 189 -20.23 -17.59 27.63
CA GLY A 189 -21.20 -18.27 28.48
C GLY A 189 -21.01 -19.77 28.36
N TRP A 190 -22.04 -20.53 28.70
CA TRP A 190 -21.99 -21.98 28.51
C TRP A 190 -23.35 -22.30 27.93
N ARG A 191 -23.55 -21.90 26.69
CA ARG A 191 -24.79 -22.12 25.98
C ARG A 191 -24.46 -22.13 24.49
N LYS A 192 -25.12 -23.02 23.79
CA LYS A 192 -24.93 -23.21 22.37
C LYS A 192 -25.40 -21.98 21.59
N SER A 193 -24.60 -21.58 20.61
CA SER A 193 -24.96 -20.48 19.73
C SER A 193 -26.21 -20.82 18.94
N LEU A 194 -26.93 -19.79 18.52
CA LEU A 194 -28.21 -19.97 17.83
C LEU A 194 -28.03 -20.36 16.35
N ARG A 195 -28.62 -21.50 16.00
CA ARG A 195 -28.61 -22.02 14.64
C ARG A 195 -29.56 -21.21 13.79
N ILE A 196 -29.29 -21.22 12.51
CA ILE A 196 -30.16 -20.55 11.54
C ILE A 196 -31.62 -21.01 11.64
N ALA A 197 -31.88 -22.31 11.81
CA ALA A 197 -33.27 -22.78 11.92
C ALA A 197 -33.95 -22.26 13.18
N GLU A 198 -33.17 -22.01 14.23
CA GLU A 198 -33.71 -21.49 15.47
C GLU A 198 -34.08 -20.00 15.29
N ILE A 199 -33.19 -19.30 14.58
CA ILE A 199 -33.42 -17.92 14.20
C ILE A 199 -34.67 -17.84 13.33
N ALA A 200 -34.76 -18.70 12.33
CA ALA A 200 -35.97 -18.72 11.48
C ALA A 200 -37.25 -18.81 12.32
N GLU A 201 -37.29 -19.68 13.33
CA GLU A 201 -38.51 -19.84 14.18
C GLU A 201 -38.76 -18.62 15.03
N ILE A 202 -37.71 -18.06 15.60
CA ILE A 202 -37.84 -16.86 16.39
C ILE A 202 -38.51 -15.74 15.55
N ILE A 203 -38.00 -15.54 14.34
CA ILE A 203 -38.51 -14.47 13.49
C ILE A 203 -39.94 -14.74 13.07
N LYS A 204 -40.22 -16.00 12.74
CA LYS A 204 -41.57 -16.42 12.38
C LYS A 204 -42.53 -16.08 13.53
N SER A 205 -42.14 -16.40 14.76
CA SER A 205 -42.94 -16.00 15.93
C SER A 205 -43.11 -14.47 16.04
N ILE A 206 -42.02 -13.72 15.85
CA ILE A 206 -42.11 -12.25 15.87
C ILE A 206 -43.11 -11.75 14.84
N ARG A 207 -43.03 -12.32 13.64
CA ARG A 207 -43.91 -11.91 12.55
C ARG A 207 -45.38 -12.25 12.74
N GLU A 208 -45.68 -13.16 13.66
CA GLU A 208 -47.08 -13.42 14.00
C GLU A 208 -47.71 -12.22 14.71
N VAL A 209 -46.88 -11.40 15.37
CA VAL A 209 -47.35 -10.27 16.16
C VAL A 209 -47.03 -8.90 15.55
N ASN A 210 -45.93 -8.78 14.84
CA ASN A 210 -45.51 -7.50 14.33
C ASN A 210 -44.66 -7.69 13.07
N GLU A 211 -45.21 -7.20 11.96
CA GLU A 211 -44.59 -7.34 10.66
C GLU A 211 -43.64 -6.19 10.39
N ASN A 212 -43.60 -5.18 11.26
CA ASN A 212 -42.80 -3.96 11.03
C ASN A 212 -41.51 -3.80 11.85
N VAL A 213 -41.48 -4.37 13.05
CA VAL A 213 -40.29 -4.25 13.88
C VAL A 213 -39.07 -4.73 13.09
N ILE A 214 -37.96 -3.98 13.23
CA ILE A 214 -36.69 -4.32 12.58
C ILE A 214 -36.03 -5.48 13.32
N VAL A 215 -35.69 -6.56 12.62
CA VAL A 215 -34.97 -7.66 13.26
C VAL A 215 -33.56 -7.59 12.77
N PHE A 216 -32.67 -7.29 13.73
CA PHE A 216 -31.25 -7.19 13.54
C PHE A 216 -30.58 -8.40 14.12
N VAL A 217 -29.64 -8.99 13.36
CA VAL A 217 -28.83 -10.10 13.85
C VAL A 217 -27.36 -9.77 13.77
N ASP A 218 -26.71 -9.78 14.92
CA ASP A 218 -25.25 -9.75 14.96
C ASP A 218 -24.77 -11.14 14.47
N ASN A 219 -24.17 -11.13 13.28
CA ASN A 219 -23.81 -12.35 12.55
C ASN A 219 -22.35 -12.78 12.77
N CYS A 220 -21.60 -12.03 13.58
CA CYS A 220 -20.20 -12.37 13.78
C CYS A 220 -19.96 -13.85 14.06
N TYR A 221 -18.89 -14.37 13.45
CA TYR A 221 -18.44 -15.77 13.60
C TYR A 221 -19.31 -16.79 12.90
N GLY A 222 -20.42 -16.35 12.30
CA GLY A 222 -21.36 -17.30 11.71
C GLY A 222 -21.30 -17.44 10.19
N GLU A 223 -20.58 -16.53 9.54
CA GLU A 223 -20.60 -16.52 8.09
C GLU A 223 -20.04 -17.81 7.50
N PHE A 224 -20.79 -18.35 6.57
CA PHE A 224 -20.44 -19.57 5.82
C PHE A 224 -20.34 -20.86 6.63
N VAL A 225 -20.80 -20.84 7.89
CA VAL A 225 -20.79 -22.06 8.72
C VAL A 225 -21.98 -22.94 8.35
N GLU A 226 -23.11 -22.31 8.01
CA GLU A 226 -24.26 -23.02 7.49
C GLU A 226 -24.43 -22.66 6.01
N GLU A 227 -25.41 -23.26 5.37
CA GLU A 227 -25.65 -22.99 3.95
C GLU A 227 -26.54 -21.76 3.76
N LYS A 228 -27.20 -21.34 4.84
CA LYS A 228 -27.99 -20.11 4.86
C LYS A 228 -27.44 -19.14 5.92
N GLU A 229 -27.83 -17.86 5.77
CA GLU A 229 -27.48 -16.79 6.69
C GLU A 229 -28.78 -16.20 7.24
N PRO A 230 -28.72 -15.40 8.30
CA PRO A 230 -29.97 -14.95 8.90
C PRO A 230 -30.85 -14.16 7.95
N THR A 231 -30.23 -13.48 6.99
CA THR A 231 -30.99 -12.77 5.95
C THR A 231 -31.81 -13.72 5.04
N ASP A 232 -31.49 -15.00 5.03
CA ASP A 232 -32.26 -15.98 4.29
C ASP A 232 -33.53 -16.42 5.05
N VAL A 233 -33.65 -16.09 6.33
CA VAL A 233 -34.76 -16.57 7.10
C VAL A 233 -35.50 -15.45 7.84
N GLY A 234 -35.48 -14.26 7.24
CA GLY A 234 -36.27 -13.12 7.77
C GLY A 234 -35.53 -11.96 8.43
N ALA A 235 -34.22 -12.02 8.61
CA ALA A 235 -33.51 -10.86 9.22
C ALA A 235 -33.62 -9.64 8.31
N ASP A 236 -33.84 -8.46 8.90
CA ASP A 236 -33.94 -7.22 8.14
C ASP A 236 -32.58 -6.59 7.92
N ILE A 237 -31.66 -6.87 8.83
CA ILE A 237 -30.33 -6.29 8.76
C ILE A 237 -29.39 -7.10 9.65
N ILE A 238 -28.16 -7.28 9.16
CA ILE A 238 -27.11 -8.01 9.89
C ILE A 238 -25.83 -7.25 9.80
N ALA A 239 -24.87 -7.57 10.68
CA ALA A 239 -23.60 -6.93 10.67
C ALA A 239 -22.54 -7.89 11.13
N GLY A 240 -21.31 -7.62 10.72
CA GLY A 240 -20.16 -8.43 11.18
C GLY A 240 -18.82 -7.82 10.86
N SER A 241 -17.76 -8.58 11.19
CA SER A 241 -16.40 -8.16 11.04
C SER A 241 -15.68 -8.86 9.88
N LEU A 242 -14.87 -8.12 9.13
CA LEU A 242 -14.14 -8.69 8.03
C LEU A 242 -12.87 -9.41 8.50
N ILE A 243 -12.49 -9.28 9.77
CA ILE A 243 -11.29 -10.00 10.28
C ILE A 243 -11.68 -11.30 11.01
N1 LLP A 244 -20.56 -9.72 18.73
C2 LLP A 244 -20.10 -11.01 18.81
C2' LLP A 244 -20.98 -12.15 19.22
C3 LLP A 244 -18.77 -11.28 18.50
O3 LLP A 244 -18.39 -12.45 18.56
C4 LLP A 244 -17.90 -10.27 18.12
C4' LLP A 244 -16.46 -10.58 17.77
C5 LLP A 244 -18.38 -8.98 18.04
C6 LLP A 244 -19.71 -8.70 18.35
C5' LLP A 244 -17.45 -7.88 17.62
OP4 LLP A 244 -16.11 -7.91 18.16
P LLP A 244 -15.00 -6.84 17.71
OP1 LLP A 244 -15.62 -5.54 18.03
OP2 LLP A 244 -14.92 -7.15 16.26
OP3 LLP A 244 -13.84 -7.11 18.57
N LLP A 244 -12.96 -11.63 10.90
CA LLP A 244 -13.46 -12.93 11.28
CB LLP A 244 -14.66 -12.76 12.22
CG LLP A 244 -14.32 -11.94 13.48
CD LLP A 244 -15.42 -11.99 14.53
CE LLP A 244 -15.12 -11.17 15.81
NZ LLP A 244 -16.46 -10.95 16.47
C LLP A 244 -13.73 -13.71 9.96
O LLP A 244 -13.06 -13.46 8.96
N LYS A 244 -12.96 -11.63 10.90
CA LYS A 244 -13.48 -12.93 11.29
N ASN A 245 -14.69 -14.64 9.97
CA ASN A 245 -14.88 -15.58 8.87
C ASN A 245 -14.79 -15.01 7.45
N ILE A 246 -15.56 -13.95 7.21
CA ILE A 246 -15.85 -13.50 5.87
C ILE A 246 -14.70 -12.82 5.12
N GLY A 247 -13.65 -12.48 5.85
CA GLY A 247 -12.42 -12.00 5.26
C GLY A 247 -11.45 -13.07 4.77
N GLY A 248 -11.79 -14.33 5.02
CA GLY A 248 -11.00 -15.47 4.54
C GLY A 248 -9.59 -15.52 5.09
N GLY A 249 -9.35 -14.79 6.19
CA GLY A 249 -8.00 -14.69 6.75
C GLY A 249 -7.08 -13.67 6.07
N ILE A 250 -7.56 -13.04 4.98
CA ILE A 250 -6.79 -12.13 4.14
C ILE A 250 -7.10 -10.67 4.41
N ALA A 251 -8.37 -10.33 4.67
CA ALA A 251 -8.76 -8.94 4.99
C ALA A 251 -8.01 -8.44 6.20
N THR A 252 -7.58 -7.20 6.17
CA THR A 252 -6.72 -6.67 7.24
C THR A 252 -7.50 -5.84 8.22
N THR A 253 -8.71 -5.40 7.83
CA THR A 253 -9.60 -4.74 8.73
C THR A 253 -10.99 -4.53 8.06
N GLY A 254 -11.91 -3.95 8.80
CA GLY A 254 -13.22 -3.60 8.20
C GLY A 254 -14.38 -4.43 8.74
N GLY A 255 -15.57 -4.13 8.20
CA GLY A 255 -16.77 -4.80 8.62
C GLY A 255 -17.81 -4.64 7.51
N TYR A 256 -18.97 -5.25 7.74
CA TYR A 256 -20.09 -5.22 6.78
C TYR A 256 -21.38 -5.04 7.48
N ILE A 257 -22.31 -4.42 6.74
CA ILE A 257 -23.74 -4.32 7.10
C ILE A 257 -24.52 -4.78 5.85
N ALA A 258 -25.52 -5.63 6.02
CA ALA A 258 -26.31 -6.13 4.89
C ALA A 258 -27.75 -6.25 5.28
N GLY A 259 -28.65 -6.05 4.32
CA GLY A 259 -30.09 -6.13 4.60
C GLY A 259 -30.93 -5.24 3.72
N LYS A 260 -32.13 -4.90 4.20
CA LYS A 260 -33.01 -4.02 3.44
C LYS A 260 -32.30 -2.68 3.20
N GLU A 261 -32.47 -2.13 1.98
CA GLU A 261 -31.86 -0.88 1.57
C GLU A 261 -32.18 0.24 2.57
N GLU A 262 -33.43 0.32 2.97
CA GLU A 262 -33.83 1.30 3.97
C GLU A 262 -32.92 1.29 5.20
N TYR A 263 -32.73 0.09 5.76
CA TYR A 263 -31.98 -0.02 7.01
C TYR A 263 -30.49 0.09 6.84
N VAL A 264 -29.96 -0.43 5.76
CA VAL A 264 -28.54 -0.28 5.46
C VAL A 264 -28.24 1.17 5.18
N THR A 265 -29.07 1.85 4.39
CA THR A 265 -28.82 3.27 4.13
C THR A 265 -28.78 4.12 5.38
N GLN A 266 -29.69 3.89 6.31
CA GLN A 266 -29.69 4.66 7.57
C GLN A 266 -28.42 4.39 8.36
N ALA A 267 -27.95 3.14 8.36
CA ALA A 267 -26.66 2.84 8.99
C ALA A 267 -25.53 3.63 8.36
N THR A 268 -25.52 3.83 7.05
CA THR A 268 -24.40 4.53 6.41
C THR A 268 -24.30 5.98 6.89
N PHE A 269 -25.45 6.59 7.19
CA PHE A 269 -25.43 7.98 7.69
C PHE A 269 -24.80 8.11 9.07
N ARG A 270 -24.78 7.01 9.81
CA ARG A 270 -24.08 6.95 11.08
C ARG A 270 -22.60 6.66 10.89
N VAL A 271 -22.27 5.81 9.91
CA VAL A 271 -20.89 5.48 9.63
C VAL A 271 -20.15 6.67 9.10
N THR A 272 -20.74 7.48 8.22
CA THR A 272 -20.10 8.74 7.82
C THR A 272 -20.95 9.86 8.40
N VAL A 273 -21.70 10.54 7.55
CA VAL A 273 -22.59 11.60 8.03
C VAL A 273 -23.84 11.68 7.17
N PRO A 274 -24.90 12.23 7.75
CA PRO A 274 -26.12 12.46 6.96
C PRO A 274 -25.80 13.18 5.64
N GLY A 275 -26.50 12.81 4.58
CA GLY A 275 -26.27 13.41 3.29
C GLY A 275 -25.11 12.80 2.50
N ILE A 276 -24.17 12.14 3.16
CA ILE A 276 -23.04 11.51 2.47
C ILE A 276 -23.21 10.01 2.42
N GLY A 277 -23.39 9.40 3.58
CA GLY A 277 -23.61 7.97 3.62
C GLY A 277 -22.42 7.24 3.01
N GLY A 278 -22.72 6.28 2.12
CA GLY A 278 -21.64 5.47 1.54
C GLY A 278 -21.15 5.98 0.21
N GLU A 279 -21.61 7.17 -0.19
CA GLU A 279 -21.23 7.76 -1.51
C GLU A 279 -19.80 8.26 -1.55
N CYS A 280 -19.20 8.50 -0.38
CA CYS A 280 -17.81 8.88 -0.27
C CYS A 280 -17.12 7.85 0.57
N GLY A 281 -15.83 7.71 0.31
CA GLY A 281 -15.01 6.80 1.06
C GLY A 281 -14.09 6.00 0.16
N SER A 282 -12.90 6.54 -0.09
CA SER A 282 -11.90 5.80 -0.84
C SER A 282 -11.43 4.62 0.04
N THR A 283 -10.75 3.67 -0.58
CA THR A 283 -10.58 2.38 0.07
C THR A 283 -9.17 1.86 0.17
N PHE A 284 -8.21 2.77 0.09
CA PHE A 284 -6.81 2.49 0.45
C PHE A 284 -6.11 1.35 -0.26
N GLY A 285 -6.59 0.95 -1.43
CA GLY A 285 -6.00 -0.18 -2.14
C GLY A 285 -6.29 -1.55 -1.54
N VAL A 286 -7.30 -1.69 -0.67
CA VAL A 286 -7.52 -2.99 -0.03
C VAL A 286 -8.46 -3.89 -0.85
N MSE A 287 -8.96 -3.44 -1.99
CA MSE A 287 -10.07 -4.12 -2.62
C MSE A 287 -9.71 -5.54 -3.04
O MSE A 287 -10.47 -6.49 -2.75
CB MSE A 287 -10.70 -3.33 -3.78
CG MSE A 287 -11.41 -2.06 -3.40
SE MSE A 287 -12.69 -2.15 -1.87
CE MSE A 287 -13.65 -3.63 -2.37
N ARG A 288 -8.57 -5.71 -3.72
CA ARG A 288 -8.15 -7.08 -4.13
C ARG A 288 -8.18 -8.04 -2.96
N SER A 289 -7.62 -7.62 -1.83
CA SER A 289 -7.56 -8.48 -0.65
C SER A 289 -8.98 -8.79 -0.12
N LEU A 290 -9.92 -7.85 -0.21
CA LEU A 290 -11.25 -8.13 0.28
C LEU A 290 -11.98 -9.12 -0.66
N TYR A 291 -11.73 -9.02 -1.97
CA TYR A 291 -12.34 -9.91 -2.93
C TYR A 291 -11.76 -11.29 -2.79
N GLU A 292 -10.42 -11.37 -2.65
CA GLU A 292 -9.84 -12.70 -2.54
C GLU A 292 -10.19 -13.36 -1.23
N GLY A 293 -10.25 -12.56 -0.15
CA GLY A 293 -10.63 -13.07 1.14
C GLY A 293 -12.03 -13.64 1.12
N LEU A 294 -12.93 -12.96 0.46
CA LEU A 294 -14.30 -13.40 0.34
C LEU A 294 -14.36 -14.72 -0.41
N PHE A 295 -13.58 -14.85 -1.48
CA PHE A 295 -13.55 -16.07 -2.27
C PHE A 295 -13.07 -17.27 -1.45
N MSE A 296 -12.09 -17.03 -0.58
N MSE A 296 -12.06 -17.04 -0.61
CA MSE A 296 -11.49 -18.05 0.25
CA MSE A 296 -11.48 -18.03 0.28
C MSE A 296 -12.25 -18.26 1.57
C MSE A 296 -12.34 -18.34 1.49
O MSE A 296 -11.89 -19.12 2.36
O MSE A 296 -12.17 -19.39 2.12
CB MSE A 296 -10.08 -17.65 0.61
CB MSE A 296 -10.16 -17.51 0.87
CG MSE A 296 -9.17 -17.35 -0.58
CG MSE A 296 -9.04 -17.36 -0.11
SE MSE A 296 -7.33 -17.02 0.01
SE MSE A 296 -8.75 -19.00 -1.10
CE MSE A 296 -7.58 -16.87 1.89
CE MSE A 296 -7.81 -20.24 0.25
N ALA A 297 -13.26 -17.44 1.82
CA ALA A 297 -13.97 -17.49 3.09
C ALA A 297 -14.74 -18.78 3.34
N PRO A 298 -15.52 -19.27 2.36
CA PRO A 298 -16.20 -20.53 2.61
C PRO A 298 -15.27 -21.63 3.04
N HIS A 299 -14.10 -21.68 2.41
CA HIS A 299 -13.13 -22.72 2.72
C HIS A 299 -12.49 -22.56 4.07
N VAL A 300 -11.95 -21.36 4.32
CA VAL A 300 -11.24 -21.10 5.57
C VAL A 300 -12.24 -21.25 6.77
N THR A 301 -13.46 -20.79 6.61
CA THR A 301 -14.41 -20.90 7.67
C THR A 301 -14.56 -22.36 8.07
N ILE A 302 -14.63 -23.27 7.08
CA ILE A 302 -14.83 -24.71 7.38
C ILE A 302 -13.60 -25.31 7.96
N GLU A 303 -12.43 -24.77 7.61
CA GLU A 303 -11.20 -25.25 8.30
C GLU A 303 -11.31 -24.98 9.81
N ALA A 304 -11.81 -23.79 10.15
CA ALA A 304 -11.98 -23.36 11.55
C ALA A 304 -13.08 -24.20 12.17
N VAL A 305 -14.16 -24.49 11.44
CA VAL A 305 -15.22 -25.34 11.98
C VAL A 305 -14.66 -26.76 12.33
N LYS A 306 -13.82 -27.29 11.45
CA LYS A 306 -13.24 -28.59 11.65
C LYS A 306 -12.38 -28.61 12.88
N GLY A 307 -11.61 -27.52 13.04
CA GLY A 307 -10.75 -27.39 14.17
C GLY A 307 -11.58 -27.44 15.45
N ALA A 308 -12.69 -26.70 15.49
CA ALA A 308 -13.60 -26.67 16.66
C ALA A 308 -14.20 -28.06 16.98
N VAL A 309 -14.69 -28.72 15.93
CA VAL A 309 -15.28 -30.05 16.05
C VAL A 309 -14.22 -31.07 16.47
N PHE A 310 -13.05 -31.02 15.85
CA PHE A 310 -11.98 -31.93 16.30
C PHE A 310 -11.65 -31.67 17.78
N CYS A 311 -11.45 -30.38 18.10
CA CYS A 311 -11.19 -29.99 19.48
C CYS A 311 -12.24 -30.56 20.46
N ALA A 312 -13.50 -30.45 20.08
CA ALA A 312 -14.59 -30.92 20.91
C ALA A 312 -14.45 -32.38 21.22
N ARG A 313 -14.14 -33.19 20.21
CA ARG A 313 -14.05 -34.61 20.42
C ARG A 313 -12.83 -35.01 21.22
N ILE A 314 -11.67 -34.50 20.83
CA ILE A 314 -10.44 -34.89 21.53
C ILE A 314 -10.48 -34.45 22.99
N MSE A 315 -11.03 -33.25 23.24
CA MSE A 315 -11.11 -32.76 24.60
C MSE A 315 -12.14 -33.59 25.38
O MSE A 315 -11.93 -33.88 26.57
CB MSE A 315 -11.45 -31.27 24.66
CG MSE A 315 -10.44 -30.32 24.09
SE MSE A 315 -8.68 -30.59 24.78
CE MSE A 315 -8.95 -29.76 26.57
N GLU A 316 -13.21 -34.01 24.74
CA GLU A 316 -14.19 -34.88 25.37
C GLU A 316 -13.50 -36.22 25.72
N LEU A 317 -12.80 -36.79 24.75
CA LEU A 317 -12.10 -38.04 25.00
C LEU A 317 -11.06 -37.90 26.10
N ALA A 318 -10.45 -36.72 26.26
CA ALA A 318 -9.48 -36.51 27.31
C ALA A 318 -10.12 -36.31 28.70
N GLY A 319 -11.44 -36.31 28.80
CA GLY A 319 -12.09 -36.15 30.09
C GLY A 319 -12.66 -34.78 30.40
N PHE A 320 -12.70 -33.88 29.43
CA PHE A 320 -13.22 -32.53 29.67
C PHE A 320 -14.64 -32.33 29.19
N ASP A 321 -15.40 -31.49 29.89
N ASP A 321 -15.36 -31.44 29.88
CA ASP A 321 -16.71 -31.08 29.40
CA ASP A 321 -16.71 -30.98 29.48
C ASP A 321 -16.51 -30.00 28.32
C ASP A 321 -16.53 -29.96 28.34
N VAL A 322 -17.22 -30.15 27.21
CA VAL A 322 -17.08 -29.28 26.03
C VAL A 322 -18.46 -28.82 25.57
N LEU A 323 -18.53 -27.68 24.92
CA LEU A 323 -19.80 -27.21 24.39
C LEU A 323 -19.49 -26.36 23.18
N PRO A 324 -20.10 -26.67 22.02
CA PRO A 324 -21.00 -27.82 21.73
C PRO A 324 -20.23 -29.12 21.68
N LYS A 325 -20.94 -30.24 21.62
CA LYS A 325 -20.30 -31.54 21.46
C LYS A 325 -19.85 -31.65 20.02
N TYR A 326 -18.90 -32.54 19.75
CA TYR A 326 -18.37 -32.68 18.40
C TYR A 326 -19.46 -32.93 17.34
N ASN A 327 -20.54 -33.57 17.76
CA ASN A 327 -21.60 -33.96 16.86
C ASN A 327 -22.85 -33.11 16.93
N ASP A 328 -22.75 -31.96 17.60
CA ASP A 328 -23.75 -30.91 17.52
C ASP A 328 -23.35 -30.09 16.29
N LYS A 329 -24.23 -30.04 15.30
CA LYS A 329 -23.97 -29.30 14.08
C LYS A 329 -23.79 -27.81 14.39
N ARG A 330 -22.75 -27.23 13.79
CA ARG A 330 -22.34 -25.87 14.17
C ARG A 330 -23.04 -24.74 13.42
N THR A 331 -23.03 -23.56 14.08
CA THR A 331 -23.54 -22.30 13.51
C THR A 331 -22.45 -21.23 13.47
N ASP A 332 -21.40 -21.40 14.29
CA ASP A 332 -20.27 -20.52 14.30
C ASP A 332 -19.01 -21.34 14.49
N ILE A 333 -17.88 -20.68 14.64
CA ILE A 333 -16.60 -21.35 14.71
C ILE A 333 -16.06 -21.49 16.12
N ILE A 334 -16.86 -21.17 17.13
CA ILE A 334 -16.39 -21.19 18.50
C ILE A 334 -16.51 -22.58 19.15
N GLN A 335 -15.52 -22.91 19.98
CA GLN A 335 -15.55 -24.10 20.80
C GLN A 335 -15.26 -23.71 22.24
N ALA A 336 -16.10 -24.16 23.18
CA ALA A 336 -15.89 -23.90 24.61
C ALA A 336 -15.46 -25.20 25.28
N ILE A 337 -14.60 -25.05 26.28
CA ILE A 337 -14.09 -26.15 27.09
C ILE A 337 -14.17 -25.69 28.55
N LYS A 338 -14.79 -26.52 29.40
CA LYS A 338 -14.90 -26.16 30.80
C LYS A 338 -13.76 -26.89 31.54
N PHE A 339 -12.78 -26.11 31.98
CA PHE A 339 -11.63 -26.71 32.63
C PHE A 339 -11.85 -26.97 34.11
N ASN A 340 -12.73 -26.19 34.76
CA ASN A 340 -13.02 -26.36 36.19
C ASN A 340 -11.79 -26.16 37.06
N ASP A 341 -10.76 -25.51 36.51
CA ASP A 341 -9.49 -25.29 37.15
C ASP A 341 -8.77 -24.13 36.48
N GLU A 342 -8.36 -23.14 37.28
CA GLU A 342 -7.73 -21.93 36.78
C GLU A 342 -6.41 -22.23 36.05
N LYS A 343 -5.57 -23.05 36.66
CA LYS A 343 -4.29 -23.36 36.05
C LYS A 343 -4.40 -24.14 34.73
N LYS A 344 -5.30 -25.11 34.66
CA LYS A 344 -5.48 -25.87 33.45
C LYS A 344 -5.90 -24.94 32.33
N LEU A 345 -6.83 -24.04 32.65
CA LEU A 345 -7.28 -23.03 31.68
C LEU A 345 -6.13 -22.20 31.15
N ILE A 346 -5.31 -21.70 32.04
CA ILE A 346 -4.22 -20.80 31.68
C ILE A 346 -3.21 -21.57 30.83
N ASP A 347 -2.84 -22.74 31.32
CA ASP A 347 -1.89 -23.59 30.62
C ASP A 347 -2.38 -23.93 29.22
N PHE A 348 -3.67 -24.16 29.07
CA PHE A 348 -4.19 -24.49 27.75
C PHE A 348 -4.04 -23.30 26.82
N ILE A 349 -4.38 -22.12 27.33
CA ILE A 349 -4.32 -20.91 26.51
C ILE A 349 -2.88 -20.53 26.21
N LYS A 350 -1.96 -20.75 27.15
CA LYS A 350 -0.55 -20.53 26.87
C LYS A 350 -0.05 -21.49 25.81
N GLY A 351 -0.53 -22.73 25.85
CA GLY A 351 -0.22 -23.67 24.78
C GLY A 351 -0.61 -23.18 23.39
N ILE A 352 -1.81 -22.61 23.26
CA ILE A 352 -2.28 -22.14 21.97
C ILE A 352 -1.35 -21.04 21.52
N GLN A 353 -0.92 -20.17 22.42
CA GLN A 353 0.03 -19.14 22.02
C GLN A 353 1.30 -19.79 21.50
N THR A 354 1.77 -20.85 22.16
CA THR A 354 3.04 -21.44 21.71
C THR A 354 2.92 -22.13 20.33
N ALA A 355 1.70 -22.41 19.91
CA ALA A 355 1.43 -23.07 18.64
C ALA A 355 1.26 -22.05 17.54
N SER A 356 1.39 -20.78 17.88
CA SER A 356 1.09 -19.70 16.91
C SER A 356 2.30 -19.34 16.09
N PRO A 357 2.07 -18.98 14.82
CA PRO A 357 3.22 -18.62 13.97
C PRO A 357 3.88 -17.24 14.28
N VAL A 358 3.08 -16.29 14.78
CA VAL A 358 3.53 -14.93 15.08
C VAL A 358 3.48 -14.70 16.61
N ASP A 359 4.54 -14.14 17.17
CA ASP A 359 4.62 -13.91 18.60
C ASP A 359 4.46 -15.18 19.45
N SER A 360 4.96 -16.31 18.93
CA SER A 360 4.86 -17.60 19.63
C SER A 360 5.61 -17.59 20.97
N PHE A 361 6.58 -16.69 21.09
CA PHE A 361 7.43 -16.56 22.27
C PHE A 361 6.85 -15.59 23.32
N VAL A 362 5.81 -14.86 22.97
CA VAL A 362 5.24 -13.83 23.84
C VAL A 362 4.49 -14.47 25.02
N GLN A 363 4.77 -13.97 26.23
CA GLN A 363 4.10 -14.44 27.44
C GLN A 363 2.64 -13.96 27.45
N CYS A 364 1.76 -14.80 28.02
CA CYS A 364 0.37 -14.41 28.29
C CYS A 364 -0.14 -15.06 29.58
N LYS A 375 -10.29 -10.37 35.14
CA LYS A 375 -9.05 -10.66 34.38
C LYS A 375 -9.35 -11.60 33.19
N VAL A 376 -8.80 -11.28 32.02
CA VAL A 376 -9.04 -12.05 30.78
C VAL A 376 -7.74 -12.40 30.08
N ILE A 377 -7.41 -13.69 29.97
CA ILE A 377 -6.20 -14.16 29.29
C ILE A 377 -6.47 -14.47 27.78
N MSE A 378 -5.48 -14.27 26.92
CA MSE A 378 -5.71 -14.45 25.48
C MSE A 378 -4.49 -14.99 24.77
O MSE A 378 -3.40 -14.64 25.12
CB MSE A 378 -6.03 -13.13 24.78
CG MSE A 378 -7.02 -12.27 25.50
SE MSE A 378 -7.54 -10.76 24.36
CE MSE A 378 -9.04 -11.61 23.25
N ALA A 379 -4.72 -15.84 23.76
CA ALA A 379 -3.68 -16.27 22.82
C ALA A 379 -4.01 -15.53 21.56
N ALA A 380 -3.06 -14.81 20.99
CA ALA A 380 -3.41 -14.02 19.80
C ALA A 380 -2.19 -13.81 18.89
N GLY A 381 -1.53 -14.89 18.53
CA GLY A 381 -0.34 -14.80 17.71
C GLY A 381 -0.72 -14.93 16.25
N THR A 382 -1.15 -13.80 15.68
CA THR A 382 -1.77 -13.81 14.37
C THR A 382 -1.09 -12.86 13.39
N PHE A 383 -1.35 -13.06 12.11
CA PHE A 383 -0.87 -12.13 11.08
C PHE A 383 -1.60 -10.77 11.09
N VAL A 384 -2.93 -10.81 11.32
CA VAL A 384 -3.79 -9.63 11.38
C VAL A 384 -4.17 -9.48 12.83
N GLN A 385 -3.95 -8.29 13.37
CA GLN A 385 -4.03 -8.08 14.80
C GLN A 385 -5.49 -8.16 15.21
N GLY A 386 -5.78 -9.12 16.07
CA GLY A 386 -7.13 -9.34 16.55
C GLY A 386 -8.02 -10.23 15.71
N ALA A 387 -7.49 -10.71 14.56
CA ALA A 387 -8.26 -11.50 13.59
C ALA A 387 -8.60 -12.81 14.28
N SER A 388 -9.87 -13.10 14.47
CA SER A 388 -10.20 -14.34 15.19
C SER A 388 -10.50 -15.56 14.27
N ILE A 389 -10.43 -15.35 12.96
CA ILE A 389 -10.50 -16.47 12.02
C ILE A 389 -9.16 -17.25 12.06
N GLU A 390 -8.10 -16.62 12.53
CA GLU A 390 -6.79 -17.29 12.77
C GLU A 390 -6.86 -17.96 14.14
N LEU A 391 -6.05 -18.99 14.35
CA LEU A 391 -6.09 -19.73 15.62
C LEU A 391 -5.82 -18.77 16.79
N SER A 392 -6.75 -18.76 17.71
CA SER A 392 -6.77 -17.85 18.85
C SER A 392 -7.61 -18.47 19.97
N ALA A 393 -7.46 -17.96 21.19
CA ALA A 393 -8.22 -18.45 22.35
C ALA A 393 -8.31 -17.34 23.38
N ASP A 394 -9.38 -17.33 24.15
CA ASP A 394 -9.48 -16.39 25.25
C ASP A 394 -10.39 -16.90 26.37
N ALA A 395 -10.28 -16.26 27.53
CA ALA A 395 -11.06 -16.69 28.68
C ALA A 395 -11.00 -15.66 29.78
N PRO A 396 -12.16 -15.27 30.32
CA PRO A 396 -12.11 -14.55 31.57
C PRO A 396 -11.72 -15.53 32.67
N ILE A 397 -10.91 -15.04 33.60
CA ILE A 397 -10.47 -15.88 34.69
C ILE A 397 -11.47 -15.84 35.86
N ARG A 398 -12.44 -16.76 35.84
CA ARG A 398 -13.50 -16.89 36.85
C ARG A 398 -14.07 -18.29 36.77
N GLU A 399 -14.60 -18.81 37.88
CA GLU A 399 -15.19 -20.16 37.91
C GLU A 399 -16.30 -20.24 36.86
N PRO A 400 -16.49 -21.41 36.22
CA PRO A 400 -15.80 -22.70 36.33
C PRO A 400 -14.66 -22.87 35.30
N TYR A 401 -14.02 -21.74 34.95
CA TYR A 401 -12.81 -21.75 34.12
C TYR A 401 -13.03 -22.31 32.71
N ILE A 402 -13.95 -21.67 32.01
CA ILE A 402 -14.26 -22.03 30.62
C ILE A 402 -13.30 -21.27 29.73
N GLY A 403 -12.76 -21.98 28.74
CA GLY A 403 -11.91 -21.37 27.74
C GLY A 403 -12.63 -21.45 26.41
N TYR A 404 -12.32 -20.49 25.54
CA TYR A 404 -12.91 -20.39 24.21
C TYR A 404 -11.82 -20.41 23.17
N LEU A 405 -11.92 -21.40 22.29
CA LEU A 405 -10.98 -21.60 21.18
C LEU A 405 -11.73 -21.23 19.89
N GLN A 406 -11.04 -20.57 18.99
CA GLN A 406 -11.64 -20.33 17.70
C GLN A 406 -10.58 -20.08 16.65
N GLY A 407 -10.93 -20.46 15.43
CA GLY A 407 -10.16 -20.14 14.24
C GLY A 407 -9.18 -21.19 13.85
N GLY A 408 -8.47 -20.90 12.78
CA GLY A 408 -7.49 -21.80 12.24
C GLY A 408 -7.51 -21.57 10.77
N LEU A 409 -6.45 -20.96 10.26
CA LEU A 409 -6.40 -20.69 8.84
C LEU A 409 -6.39 -22.01 8.08
N THR A 410 -5.83 -23.05 8.70
CA THR A 410 -5.90 -24.40 8.17
C THR A 410 -6.22 -25.33 9.34
N PHE A 411 -6.88 -26.43 9.04
CA PHE A 411 -7.23 -27.42 10.01
C PHE A 411 -5.96 -28.02 10.59
N ASP A 412 -4.95 -28.22 9.78
CA ASP A 412 -3.67 -28.74 10.33
C ASP A 412 -3.15 -27.83 11.45
N HIS A 413 -3.23 -26.52 11.26
CA HIS A 413 -2.76 -25.62 12.28
C HIS A 413 -3.62 -25.74 13.57
N ALA A 414 -4.94 -25.66 13.41
CA ALA A 414 -5.84 -25.75 14.56
C ALA A 414 -5.56 -27.04 15.32
N LYS A 415 -5.48 -28.13 14.58
CA LYS A 415 -5.24 -29.47 15.12
C LYS A 415 -3.94 -29.51 15.89
N LEU A 416 -2.89 -28.98 15.29
CA LEU A 416 -1.56 -29.05 15.97
C LEU A 416 -1.60 -28.20 17.21
N GLY A 417 -2.28 -27.08 17.15
CA GLY A 417 -2.40 -26.26 18.33
C GLY A 417 -3.12 -26.93 19.47
N VAL A 418 -4.19 -27.66 19.18
CA VAL A 418 -4.91 -28.41 20.23
C VAL A 418 -4.04 -29.51 20.84
N LEU A 419 -3.23 -30.16 20.01
CA LEU A 419 -2.33 -31.21 20.50
C LEU A 419 -1.28 -30.65 21.43
N ILE A 420 -0.66 -29.55 21.03
CA ILE A 420 0.35 -28.86 21.83
C ILE A 420 -0.28 -28.47 23.16
N ALA A 421 -1.42 -27.80 23.10
CA ALA A 421 -2.08 -27.33 24.30
C ALA A 421 -2.54 -28.49 25.21
N LEU A 422 -3.14 -29.52 24.61
CA LEU A 422 -3.65 -30.65 25.39
C LEU A 422 -2.51 -31.41 26.07
N SER A 423 -1.37 -31.50 25.39
CA SER A 423 -0.19 -32.18 25.98
C SER A 423 0.31 -31.46 27.25
N LYS A 424 -0.04 -30.20 27.42
CA LYS A 424 0.36 -29.49 28.64
C LYS A 424 -0.51 -29.88 29.83
N LEU A 425 -1.63 -30.56 29.57
CA LEU A 425 -2.62 -30.90 30.59
C LEU A 425 -2.74 -32.38 30.93
N ILE A 426 -2.41 -33.26 30.00
CA ILE A 426 -2.50 -34.68 30.29
C ILE A 426 -1.33 -35.40 29.66
N MSE A 427 -1.07 -36.60 30.17
CA MSE A 427 -0.03 -37.44 29.64
C MSE A 427 -0.32 -38.90 30.03
O MSE A 427 0.29 -39.82 29.47
OXT MSE A 427 -1.17 -39.12 30.90
CB MSE A 427 1.35 -36.99 30.11
CG MSE A 427 1.56 -37.07 31.55
SE MSE A 427 3.40 -36.62 31.92
CE MSE A 427 4.35 -38.24 31.14
N GLY B 1 13.62 38.03 -16.28
CA GLY B 1 12.23 37.57 -16.00
C GLY B 1 11.99 36.27 -16.75
N MSE B 2 10.74 36.05 -17.13
CA MSE B 2 10.33 34.83 -17.84
C MSE B 2 11.25 34.52 -19.01
O MSE B 2 11.50 35.38 -19.84
CB MSE B 2 8.90 34.98 -18.34
CG MSE B 2 8.39 33.83 -19.19
SE MSE B 2 6.49 34.01 -19.75
CE MSE B 2 5.65 33.69 -18.10
N LEU B 3 11.77 33.30 -19.08
CA LEU B 3 12.67 32.94 -20.14
C LEU B 3 11.92 33.00 -21.50
N GLU B 4 12.67 33.25 -22.59
CA GLU B 4 12.05 33.38 -23.87
C GLU B 4 11.37 32.08 -24.28
N PHE B 5 12.01 30.96 -23.97
CA PHE B 5 11.47 29.67 -24.31
C PHE B 5 10.19 29.38 -23.52
N THR B 6 10.08 29.92 -22.30
CA THR B 6 8.81 29.78 -21.52
C THR B 6 7.71 30.56 -22.26
N LYS B 7 8.02 31.81 -22.60
CA LYS B 7 7.07 32.69 -23.32
C LYS B 7 6.57 32.01 -24.59
N ARG B 8 7.49 31.52 -25.39
CA ARG B 8 7.13 30.86 -26.64
C ARG B 8 6.30 29.63 -26.43
N SER B 9 6.65 28.83 -25.44
CA SER B 9 5.93 27.61 -25.19
C SER B 9 4.51 27.90 -24.74
N LEU B 10 4.36 28.87 -23.86
CA LEU B 10 3.05 29.32 -23.41
C LEU B 10 2.18 29.80 -24.54
N MSE B 11 2.75 30.62 -25.41
CA MSE B 11 2.02 31.15 -26.54
C MSE B 11 1.64 30.07 -27.52
O MSE B 11 0.47 29.96 -27.90
CB MSE B 11 2.84 32.26 -27.24
CG MSE B 11 3.02 33.48 -26.36
SE MSE B 11 3.94 34.97 -27.28
CE MSE B 11 2.80 36.39 -26.49
N ASN B 12 2.58 29.22 -27.88
CA ASN B 12 2.33 28.17 -28.84
C ASN B 12 1.43 27.05 -28.35
N LYS B 13 1.56 26.66 -27.10
CA LYS B 13 0.77 25.58 -26.58
C LYS B 13 -0.59 26.02 -26.12
N TYR B 14 -0.67 27.16 -25.44
CA TYR B 14 -1.92 27.56 -24.80
C TYR B 14 -2.54 28.84 -25.37
N ASN B 15 -1.95 29.37 -26.45
CA ASN B 15 -2.35 30.66 -27.02
C ASN B 15 -2.41 31.79 -26.02
N ILE B 16 -1.48 31.78 -25.08
CA ILE B 16 -1.38 32.89 -24.15
C ILE B 16 -0.95 34.11 -25.01
N ASN B 17 -1.63 35.25 -24.79
CA ASN B 17 -1.40 36.42 -25.64
C ASN B 17 -0.59 37.49 -24.94
N GLU B 18 -0.21 38.51 -25.71
CA GLU B 18 0.68 39.54 -25.22
C GLU B 18 0.07 40.39 -24.15
N ARG B 19 -1.22 40.69 -24.28
CA ARG B 19 -1.91 41.44 -23.25
C ARG B 19 -1.81 40.72 -21.92
N VAL B 20 -2.15 39.45 -21.90
CA VAL B 20 -2.07 38.68 -20.69
C VAL B 20 -0.64 38.64 -20.12
N LEU B 21 0.35 38.49 -20.98
CA LEU B 21 1.74 38.51 -20.53
C LEU B 21 2.20 39.86 -19.97
N GLU B 22 1.69 40.97 -20.51
CA GLU B 22 1.98 42.29 -19.93
C GLU B 22 1.32 42.39 -18.54
N LEU B 23 0.08 41.94 -18.41
CA LEU B 23 -0.60 41.96 -17.12
C LEU B 23 0.15 41.09 -16.09
N TYR B 24 0.67 39.97 -16.57
CA TYR B 24 1.45 39.08 -15.70
C TYR B 24 2.64 39.81 -15.05
N GLU B 25 3.43 40.49 -15.87
CA GLU B 25 4.63 41.21 -15.40
C GLU B 25 4.21 42.30 -14.40
N ARG B 26 3.15 43.05 -14.70
N ARG B 26 3.14 43.02 -14.69
CA ARG B 26 2.68 44.06 -13.75
CA ARG B 26 2.67 44.05 -13.78
C ARG B 26 2.22 43.40 -12.44
C ARG B 26 2.13 43.48 -12.46
N ALA B 27 1.35 42.40 -12.53
CA ALA B 27 0.77 41.79 -11.32
C ALA B 27 1.85 41.19 -10.45
N LEU B 28 2.81 40.52 -11.05
CA LEU B 28 3.85 39.87 -10.28
C LEU B 28 4.64 40.93 -9.49
N ASN B 29 4.99 42.03 -10.15
CA ASN B 29 5.69 43.13 -9.48
C ASN B 29 4.84 43.69 -8.38
N ASP B 30 3.55 43.83 -8.66
CA ASP B 30 2.65 44.45 -7.69
C ASP B 30 2.44 43.66 -6.43
N VAL B 31 2.54 42.33 -6.49
CA VAL B 31 2.25 41.52 -5.33
C VAL B 31 3.53 41.15 -4.55
N GLU B 32 4.69 41.65 -4.93
CA GLU B 32 5.94 41.17 -4.29
C GLU B 32 6.01 41.45 -2.79
N LYS B 33 5.56 42.62 -2.36
CA LYS B 33 5.54 42.94 -0.93
C LYS B 33 4.57 42.03 -0.15
N GLU B 34 3.43 41.72 -0.75
CA GLU B 34 2.51 40.82 -0.11
C GLU B 34 3.17 39.44 0.04
N PHE B 35 3.85 39.02 -1.00
CA PHE B 35 4.52 37.70 -0.98
C PHE B 35 5.57 37.61 0.10
N LYS B 36 6.37 38.66 0.25
CA LYS B 36 7.38 38.74 1.34
C LYS B 36 6.70 38.61 2.69
N TYR B 37 5.53 39.20 2.81
CA TYR B 37 4.77 39.09 4.04
C TYR B 37 4.37 37.62 4.33
N TYR B 38 3.81 36.94 3.33
CA TYR B 38 3.44 35.54 3.52
C TYR B 38 4.66 34.66 3.79
N ASP B 39 5.82 35.01 3.23
CA ASP B 39 7.04 34.23 3.50
C ASP B 39 7.42 34.29 4.98
N GLU B 40 7.12 35.38 5.66
CA GLU B 40 7.44 35.53 7.10
C GLU B 40 6.61 34.58 7.97
N ILE B 41 5.33 34.50 7.61
CA ILE B 41 4.39 33.57 8.20
C ILE B 41 4.76 32.12 7.89
N ARG B 42 5.18 31.84 6.65
CA ARG B 42 5.52 30.51 6.25
C ARG B 42 6.70 30.00 7.06
N GLU B 43 7.69 30.87 7.21
CA GLU B 43 8.90 30.53 7.99
C GLU B 43 8.54 30.14 9.44
N TYR B 44 7.68 30.95 10.06
CA TYR B 44 7.24 30.68 11.44
C TYR B 44 6.52 29.33 11.54
N ASN B 45 5.60 29.09 10.61
CA ASN B 45 4.81 27.85 10.61
C ASN B 45 5.66 26.63 10.32
N GLN B 46 6.65 26.78 9.45
CA GLN B 46 7.52 25.68 9.18
C GLN B 46 8.27 25.29 10.43
N LEU B 47 8.73 26.28 11.17
CA LEU B 47 9.45 26.06 12.40
C LEU B 47 8.56 25.43 13.47
N LYS B 48 7.34 25.89 13.57
CA LYS B 48 6.45 25.36 14.58
C LYS B 48 6.07 23.91 14.28
N VAL B 49 5.94 23.55 13.01
CA VAL B 49 5.74 22.16 12.65
C VAL B 49 7.01 21.36 12.97
N LEU B 50 8.18 21.85 12.59
CA LEU B 50 9.44 21.14 12.85
C LEU B 50 9.58 20.88 14.34
N LYS B 51 9.34 21.90 15.13
CA LYS B 51 9.46 21.76 16.59
C LYS B 51 8.52 20.66 17.13
N ALA B 52 7.31 20.57 16.57
CA ALA B 52 6.34 19.55 17.04
C ALA B 52 6.82 18.16 16.70
N PHE B 53 7.44 18.01 15.54
CA PHE B 53 8.02 16.72 15.17
C PHE B 53 9.12 16.34 16.15
N GLN B 54 10.01 17.30 16.43
CA GLN B 54 11.17 17.02 17.27
C GLN B 54 10.75 16.72 18.70
N GLU B 55 9.74 17.45 19.17
CA GLU B 55 9.26 17.25 20.53
C GLU B 55 8.56 15.87 20.73
N GLU B 56 7.98 15.31 19.68
CA GLU B 56 7.39 13.99 19.76
C GLU B 56 8.37 12.91 19.41
N ARG B 57 9.61 13.30 19.07
CA ARG B 57 10.66 12.35 18.71
C ARG B 57 10.26 11.42 17.57
N ILE B 58 9.71 12.00 16.51
CA ILE B 58 9.28 11.22 15.39
C ILE B 58 10.51 10.52 14.85
N SER B 59 10.33 9.24 14.50
N SER B 59 10.31 9.25 14.52
CA SER B 59 11.39 8.39 13.99
CA SER B 59 11.36 8.34 14.04
C SER B 59 10.80 7.48 12.90
C SER B 59 10.80 7.45 12.94
N GLU B 60 11.64 6.68 12.25
CA GLU B 60 11.13 5.76 11.18
C GLU B 60 10.14 4.76 11.73
N SER B 61 10.23 4.44 13.01
CA SER B 61 9.29 3.51 13.61
C SER B 61 7.85 4.06 13.70
N HIS B 62 7.65 5.35 13.49
CA HIS B 62 6.31 5.92 13.47
C HIS B 62 5.64 5.68 12.13
N PHE B 63 6.40 5.19 11.16
CA PHE B 63 5.88 4.95 9.83
C PHE B 63 5.29 3.53 9.80
N THR B 64 4.16 3.40 10.52
CA THR B 64 3.52 2.13 10.82
C THR B 64 2.72 1.60 9.62
N ASN B 65 2.46 0.29 9.75
CA ASN B 65 1.74 -0.50 8.79
C ASN B 65 0.79 -1.40 9.61
N SER B 66 -0.10 -0.78 10.38
CA SER B 66 -0.87 -1.51 11.40
C SER B 66 -2.00 -2.28 10.71
N SER B 67 -2.52 -3.28 11.40
CA SER B 67 -3.58 -4.14 10.86
C SER B 67 -4.64 -4.36 11.88
N GLY B 68 -5.75 -4.98 11.45
CA GLY B 68 -6.82 -5.38 12.34
C GLY B 68 -7.26 -4.21 13.23
N TYR B 69 -7.30 -4.48 14.53
CA TYR B 69 -7.73 -3.48 15.52
C TYR B 69 -6.88 -2.21 15.58
N GLY B 70 -5.60 -2.33 15.22
CA GLY B 70 -4.69 -1.23 15.27
C GLY B 70 -4.40 -0.77 16.70
N TYR B 71 -4.44 -1.70 17.66
CA TYR B 71 -4.09 -1.38 19.06
C TYR B 71 -2.62 -0.98 19.09
N ASN B 72 -2.35 0.12 19.77
CA ASN B 72 -0.96 0.63 19.93
C ASN B 72 -0.21 0.92 18.59
N ASP B 73 -0.90 1.59 17.66
CA ASP B 73 -0.29 2.10 16.41
C ASP B 73 0.37 3.40 16.86
N ILE B 74 1.69 3.34 17.07
CA ILE B 74 2.42 4.47 17.61
C ILE B 74 2.52 5.61 16.64
N GLY B 75 2.53 5.32 15.34
CA GLY B 75 2.57 6.37 14.37
C GLY B 75 1.26 7.17 14.49
N ARG B 76 0.16 6.46 14.59
CA ARG B 76 -1.16 7.06 14.69
C ARG B 76 -1.27 7.94 15.92
N ASP B 77 -0.88 7.37 17.03
CA ASP B 77 -1.03 8.04 18.29
C ASP B 77 -0.08 9.21 18.40
N SER B 78 1.14 9.11 17.85
CA SER B 78 2.04 10.24 17.85
C SER B 78 1.61 11.36 16.93
N LEU B 79 0.99 11.05 15.81
CA LEU B 79 0.54 12.13 14.91
C LEU B 79 -0.48 12.96 15.60
N ASP B 80 -1.36 12.31 16.34
CA ASP B 80 -2.37 13.04 17.11
C ASP B 80 -1.65 14.02 18.07
N ARG B 81 -0.60 13.55 18.74
N ARG B 81 -0.60 13.54 18.74
CA ARG B 81 0.13 14.41 19.68
CA ARG B 81 0.17 14.40 19.66
C ARG B 81 0.85 15.54 18.95
C ARG B 81 0.80 15.56 18.93
N VAL B 82 1.36 15.30 17.75
CA VAL B 82 2.01 16.34 16.94
C VAL B 82 0.99 17.43 16.51
N TYR B 83 -0.18 17.03 16.01
CA TYR B 83 -1.18 18.03 15.72
C TYR B 83 -1.59 18.85 16.95
N ALA B 84 -1.80 18.18 18.06
CA ALA B 84 -2.26 18.86 19.29
C ALA B 84 -1.20 19.90 19.68
N ASN B 85 0.06 19.55 19.48
CA ASN B 85 1.13 20.50 19.75
C ASN B 85 1.02 21.68 18.79
N ILE B 86 0.89 21.42 17.48
CA ILE B 86 0.86 22.45 16.49
C ILE B 86 -0.27 23.42 16.79
N PHE B 87 -1.45 22.88 17.11
CA PHE B 87 -2.67 23.68 17.30
C PHE B 87 -2.80 24.21 18.74
N ASN B 88 -1.87 23.83 19.59
CA ASN B 88 -1.86 24.22 20.98
C ASN B 88 -3.18 23.81 21.69
N THR B 89 -3.51 22.53 21.54
CA THR B 89 -4.73 21.97 22.09
C THR B 89 -4.40 20.85 23.03
N GLU B 90 -5.36 20.47 23.86
CA GLU B 90 -5.11 19.31 24.73
C GLU B 90 -5.00 18.03 23.91
N SER B 91 -5.82 17.90 22.87
CA SER B 91 -5.91 16.64 22.13
C SER B 91 -6.11 16.89 20.66
N ALA B 92 -5.90 15.83 19.90
CA ALA B 92 -6.25 15.79 18.47
C ALA B 92 -6.56 14.37 18.08
N PHE B 93 -7.30 14.22 16.98
CA PHE B 93 -7.75 12.95 16.44
C PHE B 93 -7.66 13.09 14.95
N VAL B 94 -6.65 12.46 14.38
CA VAL B 94 -6.34 12.57 12.97
C VAL B 94 -6.46 11.18 12.39
N ARG B 95 -7.33 11.00 11.40
CA ARG B 95 -7.52 9.64 10.85
C ARG B 95 -7.80 9.64 9.36
N PRO B 96 -7.31 8.62 8.67
CA PRO B 96 -7.69 8.40 7.25
C PRO B 96 -9.10 7.91 7.10
N HIS B 97 -9.73 7.50 8.21
CA HIS B 97 -11.14 6.95 8.19
C HIS B 97 -12.19 8.02 7.92
N PHE B 98 -11.86 9.31 8.09
CA PHE B 98 -12.83 10.34 7.71
C PHE B 98 -12.91 10.38 6.17
N VAL B 99 -14.12 10.39 5.64
CA VAL B 99 -14.29 10.28 4.18
C VAL B 99 -14.14 11.60 3.48
N ASN B 100 -14.29 12.68 4.24
CA ASN B 100 -14.07 14.07 3.80
C ASN B 100 -14.09 15.01 5.01
N GLY B 101 -13.93 16.30 4.79
CA GLY B 101 -14.00 17.26 5.86
C GLY B 101 -15.36 17.33 6.53
N THR B 102 -16.44 17.20 5.76
CA THR B 102 -17.80 17.27 6.30
C THR B 102 -17.98 16.16 7.35
N HIS B 103 -17.36 15.00 7.09
CA HIS B 103 -17.41 13.90 8.04
C HIS B 103 -16.78 14.36 9.37
N ALA B 104 -15.58 14.98 9.33
CA ALA B 104 -14.91 15.40 10.59
C ALA B 104 -15.74 16.45 11.35
N ILE B 105 -16.25 17.43 10.62
CA ILE B 105 -17.09 18.48 11.16
C ILE B 105 -18.31 17.88 11.77
N GLY B 106 -19.00 17.05 10.99
CA GLY B 106 -20.16 16.34 11.53
C GLY B 106 -19.92 15.57 12.80
N ALA B 107 -18.81 14.83 12.84
CA ALA B 107 -18.49 14.07 14.05
C ALA B 107 -18.29 14.96 15.28
N ALA B 108 -17.62 16.11 15.08
CA ALA B 108 -17.38 17.06 16.17
C ALA B 108 -18.69 17.60 16.69
N LEU B 109 -19.63 17.86 15.78
CA LEU B 109 -20.95 18.36 16.20
C LEU B 109 -21.80 17.29 16.89
N PHE B 110 -22.01 16.15 16.21
CA PHE B 110 -22.82 15.07 16.80
C PHE B 110 -22.24 14.69 18.12
N GLY B 111 -20.93 14.47 18.16
CA GLY B 111 -20.31 13.97 19.40
C GLY B 111 -20.56 14.83 20.64
N ASN B 112 -20.72 16.12 20.42
CA ASN B 112 -20.87 17.06 21.52
C ASN B 112 -22.26 17.63 21.68
N LEU B 113 -23.26 16.97 21.08
CA LEU B 113 -24.65 17.39 21.24
C LEU B 113 -25.53 16.20 21.60
N ARG B 114 -26.63 16.49 22.31
CA ARG B 114 -27.59 15.51 22.79
C ARG B 114 -28.98 16.06 22.59
N PRO B 115 -30.00 15.20 22.66
CA PRO B 115 -31.37 15.73 22.50
C PRO B 115 -31.68 16.86 23.45
N ASN B 116 -32.41 17.84 22.95
CA ASN B 116 -32.79 19.05 23.66
C ASN B 116 -31.71 20.09 23.79
N ASP B 117 -30.50 19.78 23.32
CA ASP B 117 -29.46 20.78 23.17
C ASP B 117 -29.77 21.58 21.92
N THR B 118 -29.26 22.81 21.87
CA THR B 118 -29.37 23.68 20.69
C THR B 118 -27.93 24.00 20.19
N MSE B 119 -27.72 23.86 18.88
CA MSE B 119 -26.52 24.29 18.18
C MSE B 119 -26.88 25.63 17.55
O MSE B 119 -27.98 25.78 17.00
CB MSE B 119 -26.15 23.29 17.09
CG MSE B 119 -25.22 23.81 16.03
SE MSE B 119 -25.05 22.45 14.68
CE MSE B 119 -23.94 23.48 13.43
N MSE B 120 -25.98 26.61 17.66
CA MSE B 120 -26.17 27.91 17.05
C MSE B 120 -25.01 28.25 16.10
O MSE B 120 -23.88 28.40 16.54
CB MSE B 120 -26.33 29.02 18.11
CG MSE B 120 -26.57 30.39 17.53
SE MSE B 120 -27.18 31.70 18.79
CE MSE B 120 -25.41 31.79 19.98
N SER B 121 -25.31 28.36 14.83
CA SER B 121 -24.37 28.89 13.83
C SER B 121 -24.41 30.42 13.85
N ILE B 122 -23.26 31.07 13.94
CA ILE B 122 -23.25 32.52 14.06
C ILE B 122 -22.74 33.30 12.81
N CYS B 123 -22.37 32.60 11.74
CA CYS B 123 -21.88 33.27 10.53
C CYS B 123 -22.89 33.12 9.39
N GLY B 124 -24.19 33.15 9.71
CA GLY B 124 -25.22 32.90 8.71
C GLY B 124 -25.30 31.43 8.25
N MSE B 125 -25.84 31.24 7.05
CA MSE B 125 -26.12 29.92 6.50
C MSE B 125 -24.87 29.09 6.30
O MSE B 125 -23.96 29.53 5.65
CB MSE B 125 -26.83 30.04 5.15
CG MSE B 125 -27.47 28.71 4.66
SE MSE B 125 -28.94 28.32 5.82
CE MSE B 125 -30.17 29.63 5.14
N PRO B 126 -24.82 27.89 6.86
CA PRO B 126 -23.63 27.11 6.70
C PRO B 126 -23.44 26.57 5.28
N TYR B 127 -22.20 26.14 4.97
CA TYR B 127 -21.87 25.44 3.71
C TYR B 127 -22.92 24.35 3.44
N ASP B 128 -23.34 24.20 2.18
CA ASP B 128 -24.49 23.36 1.81
C ASP B 128 -24.40 21.92 2.32
N THR B 129 -23.19 21.39 2.35
CA THR B 129 -22.94 20.01 2.78
C THR B 129 -23.27 19.74 4.24
N LEU B 130 -23.35 20.78 5.07
CA LEU B 130 -23.77 20.61 6.46
C LEU B 130 -25.27 20.58 6.67
N HIS B 131 -26.04 20.89 5.65
CA HIS B 131 -27.49 21.03 5.85
C HIS B 131 -28.17 19.76 6.34
N ASP B 132 -27.75 18.62 5.79
CA ASP B 132 -28.30 17.33 6.23
C ASP B 132 -27.84 16.95 7.63
N ILE B 133 -26.61 17.29 7.95
CA ILE B 133 -26.11 17.04 9.33
C ILE B 133 -27.00 17.79 10.34
N ILE B 134 -27.30 19.05 10.00
CA ILE B 134 -28.17 19.85 10.86
C ILE B 134 -29.60 19.31 10.80
N GLY B 135 -30.06 19.04 9.57
CA GLY B 135 -31.41 18.56 9.33
C GLY B 135 -32.33 19.67 8.90
N MSE B 136 -32.07 20.30 7.77
CA MSE B 136 -32.88 21.42 7.34
C MSE B 136 -34.05 21.10 6.40
O MSE B 136 -34.84 21.98 6.07
CB MSE B 136 -31.99 22.51 6.75
CG MSE B 136 -31.31 23.31 7.84
SE MSE B 136 -29.98 24.25 6.98
CE MSE B 136 -28.87 24.85 8.47
N ASP B 137 -34.16 19.86 5.97
CA ASP B 137 -35.28 19.43 5.14
C ASP B 137 -36.01 18.31 5.91
N ASP B 138 -37.15 18.66 6.49
CA ASP B 138 -37.93 17.76 7.35
C ASP B 138 -38.64 16.64 6.57
N SER B 139 -38.49 16.62 5.24
CA SER B 139 -39.02 15.53 4.40
C SER B 139 -38.01 14.42 4.14
N LYS B 140 -36.78 14.57 4.63
CA LYS B 140 -35.73 13.57 4.46
C LYS B 140 -35.44 12.92 5.79
N LYS B 141 -35.22 11.61 5.76
CA LYS B 141 -34.82 10.85 6.93
C LYS B 141 -33.36 10.51 6.70
N VAL B 142 -32.46 11.26 7.34
CA VAL B 142 -31.02 11.12 7.09
C VAL B 142 -30.18 10.99 8.37
N GLY B 143 -30.85 10.85 9.52
CA GLY B 143 -30.16 10.74 10.81
C GLY B 143 -29.51 12.05 11.25
N SER B 144 -30.15 13.15 10.89
CA SER B 144 -29.64 14.48 11.18
C SER B 144 -29.75 14.81 12.66
N LEU B 145 -29.07 15.89 13.05
CA LEU B 145 -29.14 16.40 14.41
C LEU B 145 -30.58 16.67 14.81
N ARG B 146 -31.36 17.24 13.89
CA ARG B 146 -32.76 17.48 14.17
C ARG B 146 -33.49 16.18 14.46
N GLU B 147 -33.22 15.11 13.70
CA GLU B 147 -33.89 13.83 13.95
C GLU B 147 -33.55 13.26 15.31
N TYR B 148 -32.41 13.64 15.86
CA TYR B 148 -32.00 13.22 17.21
C TYR B 148 -32.37 14.27 18.27
N GLY B 149 -33.31 15.16 17.95
CA GLY B 149 -33.82 16.11 18.92
C GLY B 149 -32.93 17.29 19.27
N VAL B 150 -31.91 17.55 18.45
CA VAL B 150 -31.03 18.67 18.66
C VAL B 150 -31.64 19.88 17.91
N LYS B 151 -31.90 20.96 18.63
CA LYS B 151 -32.46 22.18 18.06
C LYS B 151 -31.35 23.00 17.38
N TYR B 152 -31.75 23.86 16.44
CA TYR B 152 -30.80 24.65 15.69
C TYR B 152 -31.23 26.13 15.58
N LYS B 153 -30.27 27.03 15.78
CA LYS B 153 -30.49 28.47 15.59
C LYS B 153 -29.37 28.98 14.70
N MSE B 154 -29.69 29.95 13.88
CA MSE B 154 -28.76 30.51 12.99
C MSE B 154 -28.83 31.99 12.98
O MSE B 154 -29.90 32.54 12.78
CB MSE B 154 -29.01 29.94 11.61
CG MSE B 154 -27.87 30.32 10.69
SE MSE B 154 -28.63 31.61 9.52
CE MSE B 154 -29.14 30.02 8.44
N VAL B 155 -27.71 32.65 13.25
CA VAL B 155 -27.70 34.10 13.31
C VAL B 155 -27.20 34.66 11.98
N ASP B 156 -28.05 35.41 11.29
CA ASP B 156 -27.61 36.08 10.08
C ASP B 156 -26.53 37.11 10.35
N LEU B 157 -25.70 37.35 9.34
CA LEU B 157 -24.74 38.43 9.37
C LEU B 157 -25.52 39.75 9.36
N LYS B 158 -24.95 40.78 9.95
CA LYS B 158 -25.58 42.07 9.95
C LYS B 158 -24.52 42.97 9.37
N ASP B 159 -24.90 43.71 8.32
CA ASP B 159 -23.99 44.63 7.62
C ASP B 159 -22.70 43.92 7.28
N GLY B 160 -22.83 42.71 6.77
CA GLY B 160 -21.67 41.92 6.36
C GLY B 160 -20.85 41.27 7.47
N LYS B 161 -21.15 41.55 8.74
CA LYS B 161 -20.33 41.04 9.85
C LYS B 161 -21.14 40.17 10.84
N VAL B 162 -20.45 39.39 11.63
CA VAL B 162 -21.12 38.59 12.65
C VAL B 162 -21.89 39.50 13.63
N ASP B 163 -23.16 39.17 13.85
CA ASP B 163 -24.05 39.99 14.65
C ASP B 163 -23.86 39.62 16.10
N ILE B 164 -22.78 40.10 16.67
CA ILE B 164 -22.36 39.66 17.97
C ILE B 164 -23.35 40.06 19.07
N ASN B 165 -24.05 41.16 18.88
CA ASN B 165 -25.04 41.55 19.85
C ASN B 165 -26.21 40.57 19.86
N THR B 166 -26.61 40.05 18.70
CA THR B 166 -27.64 39.00 18.68
C THR B 166 -27.11 37.70 19.30
N VAL B 167 -25.88 37.34 19.01
CA VAL B 167 -25.30 36.15 19.61
C VAL B 167 -25.41 36.22 21.13
N LYS B 168 -24.98 37.33 21.70
CA LYS B 168 -25.01 37.48 23.14
C LYS B 168 -26.43 37.45 23.68
N GLU B 169 -27.36 38.08 22.98
CA GLU B 169 -28.76 38.09 23.42
C GLU B 169 -29.28 36.64 23.47
N GLU B 170 -28.95 35.87 22.44
CA GLU B 170 -29.35 34.44 22.42
C GLU B 170 -28.77 33.64 23.58
N LEU B 171 -27.50 33.85 23.86
CA LEU B 171 -26.86 33.18 24.98
C LEU B 171 -27.47 33.56 26.34
N LYS B 172 -27.87 34.80 26.51
CA LYS B 172 -28.47 35.24 27.76
C LYS B 172 -29.84 34.56 27.98
N LYS B 173 -30.56 34.40 26.89
CA LYS B 173 -31.94 33.94 26.85
C LYS B 173 -32.13 32.44 26.83
N ASP B 174 -31.26 31.71 26.15
CA ASP B 174 -31.50 30.31 25.84
C ASP B 174 -30.41 29.45 26.43
N ASP B 175 -30.72 28.87 27.59
CA ASP B 175 -29.70 28.05 28.26
C ASP B 175 -29.52 26.66 27.63
N SER B 176 -30.30 26.32 26.61
CA SER B 176 -30.11 25.05 25.93
C SER B 176 -28.95 25.11 24.91
N ILE B 177 -28.46 26.32 24.64
CA ILE B 177 -27.41 26.50 23.63
C ILE B 177 -26.11 25.93 24.19
N LYS B 178 -25.71 24.79 23.66
CA LYS B 178 -24.52 24.13 24.14
C LYS B 178 -23.31 24.29 23.24
N LEU B 179 -23.52 24.59 21.98
CA LEU B 179 -22.42 24.69 21.02
C LEU B 179 -22.65 25.82 20.05
N ILE B 180 -21.62 26.64 19.86
CA ILE B 180 -21.64 27.70 18.87
C ILE B 180 -20.73 27.25 17.71
N HIS B 181 -21.27 27.38 16.49
CA HIS B 181 -20.57 27.01 15.25
C HIS B 181 -20.12 28.26 14.47
N ILE B 182 -18.82 28.33 14.28
CA ILE B 182 -18.17 29.38 13.47
C ILE B 182 -17.56 28.74 12.23
N GLN B 183 -17.80 29.34 11.08
CA GLN B 183 -17.23 28.87 9.83
C GLN B 183 -16.13 29.87 9.42
N ARG B 184 -14.86 29.43 9.37
CA ARG B 184 -13.77 30.34 9.05
C ARG B 184 -13.86 30.78 7.61
N SER B 185 -13.96 29.82 6.69
CA SER B 185 -13.98 30.11 5.26
C SER B 185 -15.38 30.35 4.73
N THR B 186 -15.57 31.44 4.00
CA THR B 186 -16.85 31.77 3.40
C THR B 186 -17.11 30.69 2.40
N GLY B 187 -18.35 30.30 2.19
CA GLY B 187 -18.53 29.37 1.04
C GLY B 187 -18.72 30.06 -0.32
N TYR B 188 -19.76 29.63 -1.01
CA TYR B 188 -20.18 30.31 -2.21
C TYR B 188 -20.90 31.59 -1.83
N GLY B 189 -20.18 32.65 -1.51
CA GLY B 189 -20.82 33.95 -1.31
C GLY B 189 -19.96 35.05 -1.90
N TRP B 190 -20.16 36.27 -1.43
CA TRP B 190 -19.32 37.41 -1.83
C TRP B 190 -19.03 38.18 -0.56
N ARG B 191 -18.20 37.56 0.26
CA ARG B 191 -17.93 38.01 1.58
C ARG B 191 -16.62 37.40 2.00
N LYS B 192 -15.75 38.21 2.59
CA LYS B 192 -14.41 37.84 2.98
C LYS B 192 -14.50 36.86 4.13
N SER B 193 -13.62 35.85 4.10
CA SER B 193 -13.51 34.86 5.13
C SER B 193 -13.03 35.50 6.44
N LEU B 194 -13.42 34.88 7.55
CA LEU B 194 -13.14 35.39 8.87
C LEU B 194 -11.71 35.16 9.31
N ARG B 195 -11.00 36.25 9.57
CA ARG B 195 -9.60 36.22 9.98
C ARG B 195 -9.47 35.73 11.42
N ILE B 196 -8.30 35.25 11.79
CA ILE B 196 -8.10 34.81 13.14
C ILE B 196 -8.39 35.93 14.18
N ALA B 197 -7.99 37.18 13.93
CA ALA B 197 -8.22 38.26 14.86
C ALA B 197 -9.74 38.56 15.01
N GLU B 198 -10.50 38.38 13.93
CA GLU B 198 -11.95 38.55 14.00
C GLU B 198 -12.57 37.43 14.84
N ILE B 199 -12.10 36.21 14.64
CA ILE B 199 -12.53 35.07 15.46
C ILE B 199 -12.16 35.35 16.94
N ALA B 200 -10.95 35.84 17.19
CA ALA B 200 -10.54 36.16 18.57
C ALA B 200 -11.54 37.09 19.25
N GLU B 201 -12.00 38.11 18.52
CA GLU B 201 -12.88 39.12 19.10
C GLU B 201 -14.26 38.56 19.34
N ILE B 202 -14.74 37.74 18.41
CA ILE B 202 -16.00 37.06 18.59
C ILE B 202 -15.98 36.17 19.82
N ILE B 203 -14.93 35.38 19.98
CA ILE B 203 -14.86 34.50 21.12
C ILE B 203 -14.74 35.30 22.41
N LYS B 204 -13.97 36.38 22.42
CA LYS B 204 -13.90 37.25 23.60
C LYS B 204 -15.28 37.79 23.99
N SER B 205 -16.08 38.22 23.03
CA SER B 205 -17.44 38.62 23.31
C SER B 205 -18.31 37.49 23.86
N ILE B 206 -18.21 36.29 23.27
CA ILE B 206 -18.96 35.16 23.79
C ILE B 206 -18.57 34.95 25.26
N ARG B 207 -17.29 34.97 25.53
CA ARG B 207 -16.81 34.73 26.87
C ARG B 207 -17.19 35.79 27.92
N GLU B 208 -17.64 36.96 27.47
CA GLU B 208 -18.17 37.95 28.39
C GLU B 208 -19.49 37.47 28.99
N VAL B 209 -20.25 36.62 28.29
CA VAL B 209 -21.55 36.14 28.82
C VAL B 209 -21.49 34.69 29.28
N ASN B 210 -20.66 33.88 28.65
CA ASN B 210 -20.72 32.47 28.89
C ASN B 210 -19.38 31.79 28.62
N GLU B 211 -18.80 31.23 29.67
CA GLU B 211 -17.52 30.57 29.55
C GLU B 211 -17.66 29.07 29.33
N ASN B 212 -18.87 28.57 29.29
CA ASN B 212 -19.08 27.12 29.14
C ASN B 212 -19.48 26.64 27.78
N VAL B 213 -20.21 27.45 27.02
CA VAL B 213 -20.64 27.05 25.68
C VAL B 213 -19.42 26.65 24.84
N ILE B 214 -19.58 25.54 24.10
CA ILE B 214 -18.53 25.01 23.23
C ILE B 214 -18.44 25.86 22.01
N VAL B 215 -17.24 26.39 21.74
CA VAL B 215 -17.00 27.18 20.53
C VAL B 215 -16.23 26.30 19.55
N PHE B 216 -16.95 25.94 18.50
CA PHE B 216 -16.49 25.10 17.41
C PHE B 216 -16.22 25.92 16.16
N VAL B 217 -15.05 25.67 15.57
CA VAL B 217 -14.70 26.29 14.32
C VAL B 217 -14.41 25.30 13.20
N ASP B 218 -15.21 25.40 12.14
CA ASP B 218 -14.84 24.72 10.89
C ASP B 218 -13.61 25.47 10.34
N ASN B 219 -12.46 24.82 10.36
CA ASN B 219 -11.20 25.42 10.01
C ASN B 219 -10.75 25.12 8.55
N CYS B 220 -11.55 24.37 7.79
CA CYS B 220 -11.18 24.04 6.40
C CYS B 220 -10.66 25.22 5.61
N TYR B 221 -9.57 24.97 4.88
CA TYR B 221 -8.89 25.96 4.00
C TYR B 221 -8.07 27.02 4.72
N GLY B 222 -8.11 26.99 6.04
CA GLY B 222 -7.46 28.01 6.86
C GLY B 222 -6.11 27.59 7.38
N GLU B 223 -5.83 26.31 7.39
CA GLU B 223 -4.63 25.85 8.08
C GLU B 223 -3.33 26.39 7.50
N PHE B 224 -2.49 26.94 8.38
CA PHE B 224 -1.19 27.54 8.10
C PHE B 224 -1.21 28.79 7.22
N VAL B 225 -2.39 29.37 6.97
CA VAL B 225 -2.45 30.60 6.19
C VAL B 225 -2.03 31.78 7.06
N GLU B 226 -2.40 31.76 8.36
CA GLU B 226 -1.92 32.72 9.34
C GLU B 226 -0.93 32.02 10.27
N GLU B 227 -0.31 32.79 11.14
CA GLU B 227 0.64 32.25 12.10
C GLU B 227 -0.05 31.67 13.34
N LYS B 228 -1.36 31.91 13.48
CA LYS B 228 -2.16 31.31 14.52
C LYS B 228 -3.34 30.57 13.90
N GLU B 229 -3.93 29.69 14.69
CA GLU B 229 -5.11 28.94 14.34
C GLU B 229 -6.19 29.30 15.35
N PRO B 230 -7.43 28.92 15.09
CA PRO B 230 -8.52 29.31 16.00
C PRO B 230 -8.37 28.76 17.41
N THR B 231 -7.70 27.63 17.54
CA THR B 231 -7.38 27.10 18.85
C THR B 231 -6.41 27.99 19.66
N ASP B 232 -5.68 28.89 19.00
CA ASP B 232 -4.80 29.82 19.71
C ASP B 232 -5.55 31.04 20.25
N VAL B 233 -6.80 31.23 19.84
CA VAL B 233 -7.55 32.41 20.24
C VAL B 233 -8.89 32.05 20.89
N GLY B 234 -8.97 30.87 21.50
CA GLY B 234 -10.13 30.45 22.30
C GLY B 234 -11.11 29.41 21.77
N ALA B 235 -10.86 28.86 20.59
CA ALA B 235 -11.72 27.77 20.06
C ALA B 235 -11.56 26.52 20.94
N ASP B 236 -12.68 25.88 21.29
CA ASP B 236 -12.62 24.67 22.10
C ASP B 236 -12.40 23.44 21.26
N ILE B 237 -12.84 23.50 20.02
CA ILE B 237 -12.72 22.38 19.11
C ILE B 237 -12.77 22.88 17.67
N ILE B 238 -11.93 22.27 16.85
CA ILE B 238 -11.91 22.57 15.39
C ILE B 238 -11.87 21.31 14.60
N ALA B 239 -12.18 21.40 13.32
CA ALA B 239 -12.10 20.24 12.47
C ALA B 239 -11.78 20.64 11.04
N GLY B 240 -11.22 19.70 10.28
CA GLY B 240 -10.89 19.95 8.88
C GLY B 240 -10.59 18.69 8.07
N SER B 241 -10.23 18.91 6.80
CA SER B 241 -9.93 17.83 5.82
C SER B 241 -8.44 17.73 5.57
N LEU B 242 -7.94 16.49 5.52
CA LEU B 242 -6.52 16.27 5.24
C LEU B 242 -6.17 16.41 3.73
N ILE B 243 -7.18 16.47 2.87
CA ILE B 243 -6.96 16.66 1.38
C ILE B 243 -7.07 18.15 1.00
N1 LLP B 244 -16.69 23.45 5.34
C2 LLP B 244 -16.06 24.29 4.45
C2' LLP B 244 -16.16 25.77 4.59
C3 LLP B 244 -15.33 23.75 3.40
O3 LLP B 244 -14.79 24.56 2.65
C4 LLP B 244 -15.20 22.37 3.24
C4' LLP B 244 -14.39 21.73 2.11
C5 LLP B 244 -15.83 21.56 4.16
C6 LLP B 244 -16.58 22.09 5.21
C5' LLP B 244 -15.70 20.09 4.01
OP4 LLP B 244 -15.84 19.66 2.65
P LLP B 244 -15.71 18.13 2.26
OP1 LLP B 244 -16.95 17.47 2.75
OP2 LLP B 244 -14.47 17.76 2.94
OP3 LLP B 244 -15.58 18.24 0.78
N LLP B 244 -7.15 19.00 2.02
CA LLP B 244 -6.99 20.42 1.86
CB LLP B 244 -8.18 21.17 2.47
CG LLP B 244 -9.52 20.76 1.83
CD LLP B 244 -10.78 21.41 2.46
CE LLP B 244 -12.09 21.03 1.70
NZ LLP B 244 -13.29 21.10 2.61
C LLP B 244 -5.59 20.77 2.42
O LLP B 244 -4.67 19.93 2.39
N LYS B 244 -7.14 19.00 2.02
CA LYS B 244 -6.94 20.42 1.84
C LYS B 244 -5.55 20.77 2.40
N ASN B 245 -5.40 21.99 2.91
CA ASN B 245 -4.10 22.50 3.29
C ASN B 245 -3.15 21.57 4.04
N ILE B 246 -3.67 20.96 5.09
CA ILE B 246 -2.87 20.35 6.15
C ILE B 246 -2.27 19.02 5.75
N GLY B 247 -2.79 18.42 4.68
CA GLY B 247 -2.15 17.24 4.11
C GLY B 247 -1.00 17.52 3.15
N GLY B 248 -0.73 18.79 2.85
CA GLY B 248 0.46 19.17 2.05
C GLY B 248 0.45 18.68 0.62
N GLY B 249 -0.76 18.30 0.16
CA GLY B 249 -0.91 17.73 -1.16
C GLY B 249 -0.56 16.26 -1.30
N ILE B 250 -0.10 15.66 -0.20
CA ILE B 250 0.37 14.28 -0.14
C ILE B 250 -0.66 13.35 0.46
N ALA B 251 -1.37 13.80 1.49
CA ALA B 251 -2.41 12.98 2.10
C ALA B 251 -3.44 12.56 1.05
N THR B 252 -3.88 11.27 1.11
CA THR B 252 -4.79 10.75 0.07
C THR B 252 -6.25 10.76 0.53
N THR B 253 -6.48 10.85 1.85
CA THR B 253 -7.82 11.06 2.41
C THR B 253 -7.70 11.36 3.89
N GLY B 254 -8.83 11.59 4.53
CA GLY B 254 -8.83 11.73 5.97
C GLY B 254 -9.24 13.10 6.48
N GLY B 255 -9.22 13.25 7.82
CA GLY B 255 -9.60 14.49 8.44
C GLY B 255 -9.05 14.58 9.84
N TYR B 256 -9.29 15.70 10.49
CA TYR B 256 -8.81 15.91 11.87
C TYR B 256 -9.81 16.62 12.69
N ILE B 257 -9.71 16.35 13.98
CA ILE B 257 -10.46 17.06 15.03
C ILE B 257 -9.44 17.37 16.10
N ALA B 258 -9.43 18.63 16.53
CA ALA B 258 -8.48 19.08 17.55
C ALA B 258 -9.16 19.99 18.56
N GLY B 259 -8.75 19.89 19.82
CA GLY B 259 -9.24 20.79 20.86
C GLY B 259 -9.15 20.19 22.24
N LYS B 260 -10.07 20.62 23.11
CA LYS B 260 -10.12 20.09 24.48
C LYS B 260 -10.34 18.60 24.43
N GLU B 261 -9.66 17.87 25.30
CA GLU B 261 -9.76 16.43 25.39
C GLU B 261 -11.20 15.96 25.51
N GLU B 262 -11.96 16.62 26.38
CA GLU B 262 -13.31 16.25 26.63
C GLU B 262 -14.09 16.27 25.32
N TYR B 263 -13.96 17.31 24.51
CA TYR B 263 -14.78 17.42 23.29
C TYR B 263 -14.25 16.56 22.15
N VAL B 264 -12.93 16.41 22.05
CA VAL B 264 -12.37 15.56 21.03
C VAL B 264 -12.75 14.10 21.33
N THR B 265 -12.70 13.71 22.59
CA THR B 265 -13.07 12.33 22.95
C THR B 265 -14.53 11.99 22.62
N GLN B 266 -15.42 12.91 22.93
CA GLN B 266 -16.82 12.72 22.57
C GLN B 266 -17.00 12.54 21.06
N ALA B 267 -16.27 13.32 20.29
CA ALA B 267 -16.27 13.19 18.83
C ALA B 267 -15.86 11.81 18.43
N THR B 268 -14.80 11.28 19.03
CA THR B 268 -14.33 9.95 18.65
C THR B 268 -15.40 8.85 18.83
N PHE B 269 -16.29 8.97 19.80
CA PHE B 269 -17.34 7.98 19.98
C PHE B 269 -18.37 7.98 18.86
N ARG B 270 -18.52 9.13 18.21
CA ARG B 270 -19.34 9.26 17.03
C ARG B 270 -18.64 8.72 15.79
N VAL B 271 -17.33 8.89 15.70
CA VAL B 271 -16.57 8.40 14.55
C VAL B 271 -16.54 6.90 14.53
N THR B 272 -16.33 6.26 15.69
CA THR B 272 -16.42 4.82 15.80
C THR B 272 -17.66 4.52 16.61
N VAL B 273 -17.50 4.05 17.84
CA VAL B 273 -18.65 3.77 18.68
C VAL B 273 -18.29 4.04 20.12
N PRO B 274 -19.32 4.27 20.93
CA PRO B 274 -19.14 4.38 22.36
C PRO B 274 -18.27 3.26 22.91
N GLY B 275 -17.39 3.61 23.86
CA GLY B 275 -16.52 2.62 24.47
C GLY B 275 -15.29 2.23 23.64
N ILE B 276 -15.27 2.55 22.35
CA ILE B 276 -14.09 2.29 21.51
C ILE B 276 -13.37 3.60 21.21
N GLY B 277 -14.11 4.57 20.70
CA GLY B 277 -13.48 5.84 20.36
C GLY B 277 -12.30 5.69 19.42
N GLY B 278 -11.17 6.33 19.74
CA GLY B 278 -9.99 6.24 18.88
C GLY B 278 -9.01 5.16 19.25
N GLU B 279 -9.37 4.32 20.22
CA GLU B 279 -8.51 3.22 20.69
C GLU B 279 -8.33 2.10 19.68
N CYS B 280 -9.26 1.97 18.74
CA CYS B 280 -9.12 1.05 17.65
C CYS B 280 -9.13 1.84 16.34
N GLY B 281 -8.44 1.29 15.36
CA GLY B 281 -8.41 1.84 14.01
C GLY B 281 -7.03 1.78 13.43
N SER B 282 -6.77 0.71 12.67
CA SER B 282 -5.50 0.58 11.95
C SER B 282 -5.53 1.58 10.80
N THR B 283 -4.38 1.85 10.23
CA THR B 283 -4.23 3.06 9.42
C THR B 283 -3.70 2.82 8.02
N PHE B 284 -3.80 1.57 7.54
CA PHE B 284 -3.57 1.24 6.11
C PHE B 284 -2.22 1.59 5.53
N GLY B 285 -1.20 1.82 6.35
CA GLY B 285 0.10 2.20 5.84
C GLY B 285 0.21 3.63 5.36
N VAL B 286 -0.72 4.51 5.73
CA VAL B 286 -0.72 5.87 5.23
C VAL B 286 0.11 6.81 6.10
N MSE B 287 0.61 6.32 7.22
CA MSE B 287 1.27 7.18 8.24
C MSE B 287 2.42 8.03 7.67
O MSE B 287 2.42 9.23 7.85
CB MSE B 287 1.68 6.37 9.48
CG MSE B 287 0.56 5.85 10.42
SE MSE B 287 -0.99 7.06 10.70
CE MSE B 287 -0.03 8.55 11.39
N ARG B 288 3.35 7.43 6.95
CA ARG B 288 4.41 8.23 6.34
C ARG B 288 3.88 9.38 5.49
N SER B 289 2.91 9.17 4.62
N SER B 289 2.88 9.13 4.65
CA SER B 289 2.40 10.28 3.81
CA SER B 289 2.28 10.18 3.81
C SER B 289 1.68 11.37 4.62
C SER B 289 1.73 11.34 4.64
N LEU B 290 1.08 11.00 5.76
CA LEU B 290 0.41 11.99 6.59
C LEU B 290 1.44 12.87 7.32
N TYR B 291 2.50 12.26 7.83
CA TYR B 291 3.60 12.99 8.45
C TYR B 291 4.32 13.86 7.45
N GLU B 292 4.67 13.31 6.29
CA GLU B 292 5.35 14.12 5.29
C GLU B 292 4.45 15.24 4.79
N GLY B 293 3.20 14.92 4.53
CA GLY B 293 2.22 15.93 4.16
C GLY B 293 2.19 17.10 5.17
N LEU B 294 2.12 16.76 6.46
CA LEU B 294 2.07 17.76 7.49
C LEU B 294 3.33 18.65 7.44
N PHE B 295 4.50 18.05 7.24
CA PHE B 295 5.75 18.79 7.18
C PHE B 295 5.76 19.76 6.00
N MSE B 296 5.19 19.34 4.88
N MSE B 296 5.22 19.32 4.86
CA MSE B 296 5.21 20.16 3.67
CA MSE B 296 5.15 20.15 3.64
C MSE B 296 4.02 21.12 3.64
C MSE B 296 4.09 21.21 3.73
O MSE B 296 3.90 21.88 2.70
O MSE B 296 4.15 22.18 3.00
CB MSE B 296 5.08 19.26 2.45
CB MSE B 296 4.72 19.33 2.40
CG MSE B 296 6.03 18.10 2.42
CG MSE B 296 5.69 18.31 1.94
SE MSE B 296 5.97 17.20 0.69
SE MSE B 296 7.41 19.09 1.72
CE MSE B 296 4.89 16.15 0.76
CE MSE B 296 7.34 20.00 -0.07
N ALA B 297 3.12 21.02 4.61
CA ALA B 297 1.88 21.85 4.60
C ALA B 297 2.04 23.34 4.71
N PRO B 298 2.89 23.79 5.64
CA PRO B 298 3.10 25.23 5.70
C PRO B 298 3.55 25.85 4.38
N HIS B 299 4.43 25.14 3.68
CA HIS B 299 4.93 25.57 2.39
C HIS B 299 3.88 25.54 1.29
N VAL B 300 3.25 24.38 1.12
CA VAL B 300 2.28 24.20 0.04
C VAL B 300 1.12 25.15 0.20
N THR B 301 0.69 25.35 1.44
CA THR B 301 -0.40 26.26 1.76
C THR B 301 -0.08 27.66 1.25
N ILE B 302 1.15 28.11 1.48
CA ILE B 302 1.55 29.46 1.07
C ILE B 302 1.74 29.58 -0.46
N GLU B 303 2.10 28.48 -1.13
CA GLU B 303 2.07 28.45 -2.58
C GLU B 303 0.65 28.75 -3.06
N ALA B 304 -0.34 28.13 -2.40
CA ALA B 304 -1.75 28.30 -2.80
C ALA B 304 -2.16 29.71 -2.48
N VAL B 305 -1.76 30.24 -1.33
CA VAL B 305 -2.07 31.64 -0.98
C VAL B 305 -1.50 32.62 -2.03
N LYS B 306 -0.25 32.40 -2.45
CA LYS B 306 0.35 33.24 -3.47
C LYS B 306 -0.42 33.18 -4.74
N GLY B 307 -0.85 31.98 -5.11
CA GLY B 307 -1.66 31.83 -6.28
C GLY B 307 -2.93 32.66 -6.18
N ALA B 308 -3.60 32.61 -5.03
CA ALA B 308 -4.82 33.42 -4.84
C ALA B 308 -4.57 34.92 -4.99
N VAL B 309 -3.51 35.36 -4.32
CA VAL B 309 -3.16 36.76 -4.30
C VAL B 309 -2.77 37.25 -5.68
N PHE B 310 -1.97 36.46 -6.39
CA PHE B 310 -1.58 36.81 -7.73
C PHE B 310 -2.81 36.86 -8.62
N CYS B 311 -3.64 35.83 -8.53
CA CYS B 311 -4.94 35.83 -9.23
C CYS B 311 -5.77 37.10 -8.98
N ALA B 312 -5.91 37.48 -7.71
CA ALA B 312 -6.69 38.66 -7.33
C ALA B 312 -6.17 39.89 -8.06
N ARG B 313 -4.87 40.06 -8.14
CA ARG B 313 -4.28 41.24 -8.73
C ARG B 313 -4.40 41.24 -10.25
N ILE B 314 -3.99 40.15 -10.88
CA ILE B 314 -4.03 40.11 -12.34
C ILE B 314 -5.46 40.23 -12.87
N MSE B 315 -6.40 39.59 -12.20
CA MSE B 315 -7.80 39.70 -12.58
C MSE B 315 -8.36 41.10 -12.32
O MSE B 315 -9.21 41.60 -13.07
CB MSE B 315 -8.65 38.61 -11.90
CG MSE B 315 -8.32 37.17 -12.22
SE MSE B 315 -8.40 36.69 -14.07
CE MSE B 315 -10.41 36.65 -14.38
N GLU B 316 -7.92 41.75 -11.25
CA GLU B 316 -8.32 43.14 -11.02
C GLU B 316 -7.81 44.03 -12.17
N LEU B 317 -6.55 43.84 -12.51
CA LEU B 317 -5.93 44.58 -13.60
C LEU B 317 -6.60 44.30 -14.95
N ALA B 318 -7.13 43.11 -15.13
CA ALA B 318 -7.83 42.77 -16.34
C ALA B 318 -9.26 43.35 -16.36
N GLY B 319 -9.73 43.96 -15.28
CA GLY B 319 -11.04 44.60 -15.31
C GLY B 319 -12.11 43.87 -14.53
N PHE B 320 -11.76 42.87 -13.75
CA PHE B 320 -12.78 42.11 -13.01
C PHE B 320 -12.83 42.49 -11.55
N ASP B 321 -14.01 42.41 -10.93
CA ASP B 321 -14.17 42.53 -9.45
C ASP B 321 -13.72 41.23 -8.79
N VAL B 322 -12.92 41.33 -7.75
CA VAL B 322 -12.35 40.14 -7.09
C VAL B 322 -12.49 40.32 -5.61
N LEU B 323 -12.57 39.22 -4.87
CA LEU B 323 -12.73 39.29 -3.42
C LEU B 323 -12.05 38.05 -2.88
N PRO B 324 -11.10 38.23 -1.94
CA PRO B 324 -10.54 39.48 -1.44
C PRO B 324 -9.66 40.20 -2.50
N LYS B 325 -9.26 41.45 -2.22
CA LYS B 325 -8.38 42.13 -3.10
C LYS B 325 -7.01 41.54 -2.82
N TYR B 326 -6.08 41.72 -3.74
CA TYR B 326 -4.71 41.17 -3.60
C TYR B 326 -4.02 41.59 -2.27
N ASN B 327 -4.36 42.76 -1.78
CA ASN B 327 -3.73 43.30 -0.58
C ASN B 327 -4.56 43.20 0.68
N ASP B 328 -5.63 42.43 0.62
CA ASP B 328 -6.33 42.03 1.81
C ASP B 328 -5.62 40.81 2.29
N LYS B 329 -5.09 40.86 3.50
CA LYS B 329 -4.36 39.76 4.06
C LYS B 329 -5.27 38.57 4.23
N ARG B 330 -4.77 37.42 3.85
CA ARG B 330 -5.60 36.22 3.77
C ARG B 330 -5.70 35.38 5.04
N THR B 331 -6.80 34.63 5.11
CA THR B 331 -7.08 33.70 6.18
C THR B 331 -7.33 32.28 5.68
N ASP B 332 -7.68 32.16 4.38
CA ASP B 332 -7.79 30.89 3.69
C ASP B 332 -7.19 30.99 2.29
N ILE B 333 -7.28 29.91 1.52
CA ILE B 333 -6.66 29.83 0.20
C ILE B 333 -7.64 30.13 -0.95
N ILE B 334 -8.85 30.61 -0.66
CA ILE B 334 -9.87 30.81 -1.70
C ILE B 334 -9.77 32.21 -2.32
N GLN B 335 -10.00 32.29 -3.64
CA GLN B 335 -10.09 33.53 -4.34
C GLN B 335 -11.38 33.53 -5.13
N ALA B 336 -12.20 34.58 -5.00
CA ALA B 336 -13.43 34.73 -5.78
C ALA B 336 -13.29 35.80 -6.84
N ILE B 337 -13.91 35.54 -7.99
CA ILE B 337 -13.91 36.47 -9.13
C ILE B 337 -15.35 36.61 -9.61
N LYS B 338 -15.84 37.83 -9.69
CA LYS B 338 -17.21 38.05 -10.13
C LYS B 338 -17.18 38.32 -11.63
N PHE B 339 -17.67 37.38 -12.41
CA PHE B 339 -17.58 37.51 -13.88
C PHE B 339 -18.76 38.28 -14.49
N ASN B 340 -19.92 38.31 -13.80
CA ASN B 340 -21.11 39.00 -14.29
C ASN B 340 -21.53 38.52 -15.69
N ASP B 341 -21.12 37.30 -16.04
CA ASP B 341 -21.45 36.73 -17.34
C ASP B 341 -21.23 35.23 -17.28
N GLU B 342 -22.25 34.46 -17.65
CA GLU B 342 -22.21 33.02 -17.52
C GLU B 342 -21.11 32.39 -18.35
N LYS B 343 -20.99 32.84 -19.60
CA LYS B 343 -20.00 32.29 -20.53
C LYS B 343 -18.57 32.62 -20.11
N LYS B 344 -18.31 33.83 -19.60
CA LYS B 344 -16.96 34.12 -19.08
C LYS B 344 -16.59 33.21 -17.91
N LEU B 345 -17.54 33.00 -17.00
CA LEU B 345 -17.32 32.09 -15.89
C LEU B 345 -16.96 30.70 -16.39
N ILE B 346 -17.78 30.19 -17.28
CA ILE B 346 -17.58 28.83 -17.77
C ILE B 346 -16.28 28.71 -18.52
N ASP B 347 -16.00 29.65 -19.39
CA ASP B 347 -14.71 29.60 -20.10
C ASP B 347 -13.52 29.68 -19.12
N PHE B 348 -13.65 30.47 -18.05
CA PHE B 348 -12.56 30.55 -17.10
C PHE B 348 -12.32 29.20 -16.48
N ILE B 349 -13.38 28.59 -15.99
CA ILE B 349 -13.24 27.33 -15.29
C ILE B 349 -12.74 26.25 -16.23
N LYS B 350 -13.19 26.27 -17.49
CA LYS B 350 -12.68 25.29 -18.46
C LYS B 350 -11.20 25.51 -18.69
N GLY B 351 -10.77 26.75 -18.73
CA GLY B 351 -9.32 27.06 -18.78
C GLY B 351 -8.51 26.43 -17.65
N ILE B 352 -9.04 26.50 -16.43
CA ILE B 352 -8.31 25.90 -15.32
C ILE B 352 -8.21 24.40 -15.51
N GLN B 353 -9.27 23.75 -15.97
CA GLN B 353 -9.19 22.32 -16.26
C GLN B 353 -8.10 22.07 -17.33
N THR B 354 -8.00 22.91 -18.37
CA THR B 354 -7.00 22.61 -19.40
C THR B 354 -5.57 22.85 -18.87
N ALA B 355 -5.46 23.60 -17.78
CA ALA B 355 -4.15 23.85 -17.15
C ALA B 355 -3.79 22.75 -16.19
N SER B 356 -4.64 21.72 -16.03
CA SER B 356 -4.40 20.73 -14.99
C SER B 356 -3.54 19.58 -15.48
N PRO B 357 -2.71 18.99 -14.58
CA PRO B 357 -1.88 17.86 -15.01
C PRO B 357 -2.64 16.53 -15.25
N VAL B 358 -3.73 16.31 -14.52
CA VAL B 358 -4.52 15.07 -14.62
C VAL B 358 -5.87 15.37 -15.22
N ASP B 359 -6.28 14.56 -16.18
CA ASP B 359 -7.57 14.76 -16.83
C ASP B 359 -7.73 16.15 -17.48
N SER B 360 -6.61 16.69 -18.00
CA SER B 360 -6.60 18.02 -18.66
C SER B 360 -7.53 18.05 -19.89
N PHE B 361 -7.77 16.88 -20.49
CA PHE B 361 -8.60 16.75 -21.71
C PHE B 361 -10.09 16.54 -21.42
N VAL B 362 -10.46 16.34 -20.16
CA VAL B 362 -11.84 16.04 -19.79
C VAL B 362 -12.71 17.30 -19.86
N GLN B 363 -13.87 17.16 -20.51
CA GLN B 363 -14.81 18.27 -20.68
C GLN B 363 -15.48 18.58 -19.33
N CYS B 364 -15.79 19.86 -19.12
CA CYS B 364 -16.56 20.27 -17.93
C CYS B 364 -17.49 21.44 -18.23
N LYS B 375 -27.20 24.32 -10.98
CA LYS B 375 -26.08 23.73 -11.76
C LYS B 375 -24.71 24.24 -11.24
N VAL B 376 -23.75 23.33 -11.05
CA VAL B 376 -22.41 23.67 -10.54
C VAL B 376 -21.29 23.11 -11.42
N ILE B 377 -20.50 24.00 -12.04
CA ILE B 377 -19.35 23.61 -12.89
C ILE B 377 -18.04 23.53 -12.06
N MSE B 378 -17.18 22.56 -12.39
CA MSE B 378 -15.96 22.34 -11.65
C MSE B 378 -14.77 21.97 -12.50
O MSE B 378 -14.90 21.23 -13.44
CB MSE B 378 -16.16 21.18 -10.70
CG MSE B 378 -17.16 21.44 -9.60
SE MSE B 378 -17.43 19.85 -8.54
CE MSE B 378 -15.78 18.76 -8.99
N ALA B 379 -13.59 22.47 -12.11
CA ALA B 379 -12.31 22.04 -12.67
C ALA B 379 -11.69 21.21 -11.55
N ALA B 380 -11.30 19.97 -11.83
CA ALA B 380 -10.77 19.12 -10.76
C ALA B 380 -9.74 18.10 -11.27
N GLY B 381 -8.75 18.56 -12.00
CA GLY B 381 -7.79 17.63 -12.61
C GLY B 381 -6.62 17.47 -11.68
N THR B 382 -6.82 16.62 -10.68
CA THR B 382 -5.90 16.50 -9.54
C THR B 382 -5.39 15.08 -9.33
N PHE B 383 -4.28 14.95 -8.60
CA PHE B 383 -3.74 13.64 -8.25
C PHE B 383 -4.59 12.85 -7.26
N VAL B 384 -5.13 13.59 -6.28
CA VAL B 384 -6.00 13.04 -5.22
C VAL B 384 -7.40 13.54 -5.49
N GLN B 385 -8.36 12.62 -5.55
CA GLN B 385 -9.67 12.97 -6.02
C GLN B 385 -10.41 13.86 -5.07
N GLY B 386 -10.72 15.05 -5.55
CA GLY B 386 -11.36 16.06 -4.70
C GLY B 386 -10.43 16.89 -3.83
N ALA B 387 -9.11 16.72 -3.94
CA ALA B 387 -8.13 17.48 -3.10
C ALA B 387 -8.16 18.96 -3.55
N SER B 388 -8.55 19.87 -2.67
CA SER B 388 -8.65 21.25 -3.10
C SER B 388 -7.40 22.10 -2.80
N ILE B 389 -6.36 21.50 -2.18
CA ILE B 389 -5.08 22.20 -2.05
C ILE B 389 -4.39 22.20 -3.44
N GLU B 390 -4.83 21.30 -4.31
CA GLU B 390 -4.36 21.24 -5.73
C GLU B 390 -5.18 22.22 -6.55
N LEU B 391 -4.60 22.74 -7.63
CA LEU B 391 -5.30 23.74 -8.42
C LEU B 391 -6.66 23.21 -8.90
N SER B 392 -7.70 23.97 -8.55
CA SER B 392 -9.06 23.58 -8.85
C SER B 392 -9.89 24.83 -8.80
N ALA B 393 -11.12 24.71 -9.28
CA ALA B 393 -12.07 25.86 -9.31
C ALA B 393 -13.46 25.32 -9.42
N ASP B 394 -14.43 26.07 -8.90
CA ASP B 394 -15.81 25.67 -9.02
C ASP B 394 -16.75 26.90 -8.95
N ALA B 395 -18.00 26.70 -9.35
CA ALA B 395 -18.96 27.78 -9.34
C ALA B 395 -20.36 27.28 -9.58
N PRO B 396 -21.30 27.73 -8.76
CA PRO B 396 -22.67 27.49 -9.15
C PRO B 396 -23.03 28.41 -10.29
N ILE B 397 -23.81 27.92 -11.24
CA ILE B 397 -24.23 28.74 -12.38
C ILE B 397 -25.50 29.55 -12.04
N ARG B 398 -25.28 30.76 -11.52
CA ARG B 398 -26.34 31.69 -11.11
C ARG B 398 -25.73 33.09 -11.06
N GLU B 399 -26.56 34.11 -11.26
CA GLU B 399 -26.12 35.49 -11.21
C GLU B 399 -25.49 35.77 -9.86
N PRO B 400 -24.44 36.60 -9.80
CA PRO B 400 -23.71 37.34 -10.83
C PRO B 400 -22.48 36.58 -11.37
N TYR B 401 -22.57 35.25 -11.39
CA TYR B 401 -21.54 34.38 -12.01
C TYR B 401 -20.19 34.60 -11.40
N ILE B 402 -20.12 34.28 -10.11
CA ILE B 402 -18.88 34.30 -9.36
C ILE B 402 -18.23 32.95 -9.52
N GLY B 403 -16.93 32.96 -9.71
CA GLY B 403 -16.18 31.72 -9.77
C GLY B 403 -15.20 31.75 -8.61
N TYR B 404 -14.85 30.56 -8.12
CA TYR B 404 -13.98 30.33 -6.99
C TYR B 404 -12.80 29.49 -7.42
N LEU B 405 -11.62 30.01 -7.21
CA LEU B 405 -10.39 29.36 -7.52
C LEU B 405 -9.71 29.04 -6.19
N GLN B 406 -9.06 27.90 -6.13
CA GLN B 406 -8.30 27.55 -4.95
C GLN B 406 -7.24 26.53 -5.27
N GLY B 407 -6.14 26.62 -4.55
CA GLY B 407 -5.12 25.62 -4.59
C GLY B 407 -4.01 25.90 -5.52
N GLY B 408 -3.04 25.00 -5.50
CA GLY B 408 -1.89 25.15 -6.38
C GLY B 408 -0.79 24.45 -5.61
N LEU B 409 -0.42 23.29 -6.07
CA LEU B 409 0.66 22.58 -5.38
C LEU B 409 1.95 23.43 -5.42
N THR B 410 2.11 24.22 -6.49
CA THR B 410 3.23 25.17 -6.59
C THR B 410 2.62 26.48 -7.11
N PHE B 411 3.22 27.63 -6.81
CA PHE B 411 2.75 28.89 -7.34
C PHE B 411 2.89 28.92 -8.84
N ASP B 412 3.95 28.32 -9.37
CA ASP B 412 4.11 28.26 -10.84
C ASP B 412 2.90 27.64 -11.53
N HIS B 413 2.34 26.56 -10.96
CA HIS B 413 1.19 25.90 -11.52
C HIS B 413 -0.05 26.78 -11.41
N ALA B 414 -0.31 27.33 -10.25
CA ALA B 414 -1.43 28.25 -10.08
C ALA B 414 -1.36 29.46 -11.03
N LYS B 415 -0.20 30.08 -11.08
CA LYS B 415 0.07 31.22 -12.01
C LYS B 415 -0.21 30.82 -13.44
N LEU B 416 0.36 29.70 -13.86
CA LEU B 416 0.23 29.26 -15.26
C LEU B 416 -1.23 29.01 -15.58
N GLY B 417 -1.95 28.42 -14.65
CA GLY B 417 -3.36 28.20 -14.85
C GLY B 417 -4.15 29.48 -15.01
N VAL B 418 -3.87 30.47 -14.19
CA VAL B 418 -4.58 31.76 -14.32
C VAL B 418 -4.30 32.41 -15.68
N LEU B 419 -3.07 32.33 -16.16
CA LEU B 419 -2.74 32.91 -17.47
C LEU B 419 -3.49 32.21 -18.60
N ILE B 420 -3.55 30.89 -18.54
CA ILE B 420 -4.24 30.07 -19.54
C ILE B 420 -5.70 30.43 -19.53
N ALA B 421 -6.29 30.46 -18.35
CA ALA B 421 -7.72 30.77 -18.25
C ALA B 421 -8.03 32.19 -18.63
N LEU B 422 -7.21 33.14 -18.17
CA LEU B 422 -7.44 34.55 -18.53
C LEU B 422 -7.30 34.83 -20.02
N SER B 423 -6.37 34.13 -20.65
CA SER B 423 -6.18 34.31 -22.07
C SER B 423 -7.42 33.89 -22.88
N LYS B 424 -8.31 33.09 -22.30
CA LYS B 424 -9.56 32.74 -23.00
C LYS B 424 -10.58 33.86 -22.92
N LEU B 425 -10.32 34.86 -22.08
CA LEU B 425 -11.29 35.94 -21.80
C LEU B 425 -10.90 37.30 -22.33
N ILE B 426 -9.62 37.59 -22.35
CA ILE B 426 -9.18 38.90 -22.84
C ILE B 426 -8.03 38.76 -23.85
N MSE B 427 -7.89 39.78 -24.65
CA MSE B 427 -6.88 39.87 -25.67
C MSE B 427 -6.45 41.31 -25.85
O MSE B 427 -5.37 41.56 -26.44
OXT MSE B 427 -7.23 42.18 -25.47
CB MSE B 427 -7.49 39.50 -27.03
CG MSE B 427 -6.96 38.25 -27.64
SE MSE B 427 -7.85 37.99 -29.35
CE MSE B 427 -7.14 39.58 -30.50
N MSE C 2 -23.34 -34.51 -2.08
CA MSE C 2 -23.60 -33.17 -2.76
C MSE C 2 -25.04 -32.66 -2.46
O MSE C 2 -26.02 -33.34 -2.70
CB MSE C 2 -23.33 -33.24 -4.29
CG MSE C 2 -23.71 -31.96 -5.07
SE MSE C 2 -23.29 -31.92 -7.05
CE MSE C 2 -21.25 -31.37 -7.04
N LEU C 3 -25.17 -31.45 -1.92
CA LEU C 3 -26.50 -30.97 -1.63
C LEU C 3 -27.37 -30.86 -2.93
N GLU C 4 -28.67 -31.15 -2.78
CA GLU C 4 -29.63 -30.97 -3.88
C GLU C 4 -29.46 -29.58 -4.47
N PHE C 5 -29.32 -28.56 -3.63
CA PHE C 5 -29.23 -27.19 -4.12
C PHE C 5 -27.91 -26.92 -4.92
N THR C 6 -26.80 -27.58 -4.54
CA THR C 6 -25.58 -27.50 -5.30
C THR C 6 -25.79 -28.10 -6.69
N LYS C 7 -26.40 -29.29 -6.74
CA LYS C 7 -26.64 -29.98 -8.01
C LYS C 7 -27.61 -29.17 -8.91
N ARG C 8 -28.70 -28.68 -8.32
CA ARG C 8 -29.66 -27.88 -9.09
C ARG C 8 -28.91 -26.73 -9.69
N SER C 9 -28.14 -26.04 -8.86
CA SER C 9 -27.44 -24.87 -9.33
C SER C 9 -26.42 -25.16 -10.44
N LEU C 10 -25.68 -26.25 -10.29
CA LEU C 10 -24.71 -26.64 -11.31
C LEU C 10 -25.36 -26.99 -12.64
N MSE C 11 -26.51 -27.64 -12.58
CA MSE C 11 -27.19 -28.02 -13.78
C MSE C 11 -27.83 -26.80 -14.45
O MSE C 11 -27.69 -26.60 -15.67
CB MSE C 11 -28.24 -29.10 -13.50
CG MSE C 11 -27.60 -30.37 -12.94
SE MSE C 11 -28.89 -31.82 -12.80
CE MSE C 11 -28.94 -32.29 -14.75
N ASN C 12 -28.48 -25.97 -13.65
CA ASN C 12 -29.18 -24.84 -14.21
C ASN C 12 -28.27 -23.70 -14.62
N LYS C 13 -27.37 -23.33 -13.73
CA LYS C 13 -26.47 -22.22 -13.97
C LYS C 13 -25.35 -22.60 -14.93
N TYR C 14 -24.75 -23.80 -14.79
CA TYR C 14 -23.58 -24.14 -15.64
C TYR C 14 -23.80 -25.22 -16.71
N ASN C 15 -25.00 -25.74 -16.85
CA ASN C 15 -25.20 -26.81 -17.80
C ASN C 15 -24.34 -28.03 -17.54
N ILE C 16 -23.98 -28.29 -16.27
CA ILE C 16 -23.35 -29.54 -15.91
C ILE C 16 -24.45 -30.63 -16.10
N ASN C 17 -24.12 -31.71 -16.81
CA ASN C 17 -25.13 -32.72 -17.12
C ASN C 17 -25.00 -33.97 -16.24
N GLU C 18 -25.99 -34.85 -16.32
CA GLU C 18 -26.03 -36.03 -15.46
C GLU C 18 -24.86 -36.95 -15.74
N ARG C 19 -24.40 -36.98 -17.01
CA ARG C 19 -23.26 -37.82 -17.40
C ARG C 19 -22.03 -37.38 -16.64
N VAL C 20 -21.78 -36.08 -16.65
CA VAL C 20 -20.63 -35.53 -15.90
C VAL C 20 -20.75 -35.71 -14.38
N LEU C 21 -21.96 -35.58 -13.84
CA LEU C 21 -22.16 -35.79 -12.41
C LEU C 21 -21.89 -37.25 -11.98
N GLU C 22 -22.24 -38.23 -12.81
CA GLU C 22 -21.94 -39.60 -12.48
C GLU C 22 -20.43 -39.88 -12.53
N LEU C 23 -19.74 -39.32 -13.52
CA LEU C 23 -18.29 -39.36 -13.57
C LEU C 23 -17.69 -38.73 -12.31
N TYR C 24 -18.26 -37.61 -11.90
CA TYR C 24 -17.81 -36.92 -10.70
C TYR C 24 -17.86 -37.78 -9.42
N GLU C 25 -18.99 -38.47 -9.22
CA GLU C 25 -19.15 -39.31 -8.06
C GLU C 25 -18.13 -40.43 -8.11
N ARG C 26 -17.90 -41.03 -9.28
CA ARG C 26 -16.95 -42.13 -9.36
C ARG C 26 -15.54 -41.62 -9.08
N ALA C 27 -15.17 -40.55 -9.78
CA ALA C 27 -13.81 -40.00 -9.62
C ALA C 27 -13.48 -39.60 -8.17
N LEU C 28 -14.43 -38.96 -7.51
CA LEU C 28 -14.21 -38.49 -6.15
C LEU C 28 -14.04 -39.67 -5.22
N ASN C 29 -14.84 -40.72 -5.38
CA ASN C 29 -14.62 -41.92 -4.56
C ASN C 29 -13.26 -42.56 -4.87
N ASP C 30 -12.90 -42.58 -6.14
CA ASP C 30 -11.64 -43.21 -6.55
C ASP C 30 -10.40 -42.54 -6.00
N VAL C 31 -10.42 -41.23 -5.86
CA VAL C 31 -9.23 -40.47 -5.36
C VAL C 31 -9.05 -40.35 -3.82
N GLU C 32 -9.97 -40.94 -3.05
CA GLU C 32 -9.98 -40.76 -1.60
C GLU C 32 -8.68 -41.22 -0.94
N LYS C 33 -8.19 -42.39 -1.31
CA LYS C 33 -6.94 -42.88 -0.70
C LYS C 33 -5.75 -41.99 -1.08
N GLU C 34 -5.70 -41.53 -2.34
CA GLU C 34 -4.62 -40.61 -2.77
C GLU C 34 -4.66 -39.32 -1.97
N PHE C 35 -5.87 -38.81 -1.80
CA PHE C 35 -6.04 -37.61 -1.05
C PHE C 35 -5.56 -37.74 0.40
N LYS C 36 -5.85 -38.86 1.06
CA LYS C 36 -5.35 -39.11 2.42
C LYS C 36 -3.84 -39.12 2.41
N TYR C 37 -3.23 -39.62 1.36
CA TYR C 37 -1.76 -39.62 1.27
C TYR C 37 -1.21 -38.18 1.21
N TYR C 38 -1.83 -37.30 0.43
CA TYR C 38 -1.37 -35.92 0.36
C TYR C 38 -1.58 -35.18 1.71
N ASP C 39 -2.62 -35.56 2.46
CA ASP C 39 -2.89 -34.94 3.76
C ASP C 39 -1.75 -35.17 4.75
N GLU C 40 -1.11 -36.31 4.63
CA GLU C 40 -0.03 -36.62 5.54
C GLU C 40 1.17 -35.74 5.23
N ILE C 41 1.42 -35.49 3.93
CA ILE C 41 2.51 -34.61 3.50
C ILE C 41 2.21 -33.18 3.94
N ARG C 42 0.95 -32.78 3.72
CA ARG C 42 0.52 -31.45 4.02
C ARG C 42 0.75 -31.15 5.48
N GLU C 43 0.45 -32.11 6.33
CA GLU C 43 0.60 -31.89 7.77
C GLU C 43 2.07 -31.72 8.18
N TYR C 44 2.94 -32.52 7.60
CA TYR C 44 4.35 -32.42 7.83
C TYR C 44 4.88 -31.06 7.37
N ASN C 45 4.45 -30.63 6.16
CA ASN C 45 4.89 -29.38 5.61
C ASN C 45 4.36 -28.20 6.38
N GLN C 46 3.12 -28.28 6.86
CA GLN C 46 2.60 -27.18 7.69
C GLN C 46 3.45 -27.05 8.94
N LEU C 47 3.82 -28.18 9.55
CA LEU C 47 4.65 -28.17 10.75
C LEU C 47 6.05 -27.63 10.43
N LYS C 48 6.62 -28.10 9.35
CA LYS C 48 7.91 -27.57 8.86
C LYS C 48 7.91 -26.01 8.81
N VAL C 49 6.87 -25.43 8.22
CA VAL C 49 6.81 -23.99 8.09
C VAL C 49 6.59 -23.35 9.45
N LEU C 50 5.72 -23.96 10.26
CA LEU C 50 5.42 -23.41 11.59
C LEU C 50 6.68 -23.34 12.41
N LYS C 51 7.44 -24.41 12.39
CA LYS C 51 8.70 -24.45 13.10
C LYS C 51 9.68 -23.34 12.72
N ALA C 52 9.83 -23.11 11.42
CA ALA C 52 10.70 -22.04 10.90
C ALA C 52 10.30 -20.67 11.37
N PHE C 53 9.00 -20.34 11.32
CA PHE C 53 8.53 -19.08 11.83
C PHE C 53 8.92 -18.95 13.31
N GLN C 54 8.70 -20.00 14.09
CA GLN C 54 8.93 -19.92 15.56
C GLN C 54 10.42 -19.82 15.86
N GLU C 55 11.23 -20.55 15.11
CA GLU C 55 12.67 -20.48 15.32
C GLU C 55 13.27 -19.11 14.95
N GLU C 56 12.65 -18.37 14.03
CA GLU C 56 13.11 -17.03 13.71
C GLU C 56 12.41 -15.98 14.57
N ARG C 57 11.58 -16.40 15.50
CA ARG C 57 10.87 -15.48 16.37
C ARG C 57 10.10 -14.40 15.62
N ILE C 58 9.41 -14.84 14.58
CA ILE C 58 8.58 -13.90 13.84
C ILE C 58 7.53 -13.20 14.73
N SER C 59 7.43 -11.87 14.61
CA SER C 59 6.51 -11.05 15.38
C SER C 59 5.88 -9.97 14.48
N GLU C 60 4.90 -9.25 15.02
CA GLU C 60 4.29 -8.11 14.33
C GLU C 60 5.36 -7.18 13.79
N SER C 61 6.49 -7.08 14.49
CA SER C 61 7.53 -6.18 14.02
C SER C 61 8.23 -6.58 12.69
N HIS C 62 8.01 -7.81 12.23
CA HIS C 62 8.60 -8.20 10.97
C HIS C 62 7.71 -7.77 9.81
N PHE C 63 6.54 -7.22 10.13
CA PHE C 63 5.60 -6.75 9.11
C PHE C 63 5.95 -5.26 8.82
N THR C 64 7.10 -5.11 8.18
CA THR C 64 7.76 -3.84 7.96
C THR C 64 7.14 -3.10 6.81
N ASN C 65 7.43 -1.80 6.83
CA ASN C 65 6.97 -0.86 5.83
C ASN C 65 8.20 -0.04 5.42
N SER C 66 9.23 -0.70 4.87
CA SER C 66 10.49 -0.04 4.62
C SER C 66 10.35 0.89 3.45
N SER C 67 11.22 1.91 3.40
CA SER C 67 11.27 2.87 2.30
C SER C 67 12.69 3.06 1.83
N GLY C 68 12.83 3.80 0.73
CA GLY C 68 14.13 4.11 0.12
C GLY C 68 15.03 2.90 0.00
N TYR C 69 16.25 3.03 0.52
CA TYR C 69 17.28 2.01 0.42
C TYR C 69 16.88 0.74 1.08
N GLY C 70 16.00 0.82 2.06
CA GLY C 70 15.61 -0.38 2.78
C GLY C 70 16.75 -1.01 3.57
N TYR C 71 17.65 -0.18 4.11
CA TYR C 71 18.71 -0.66 4.99
C TYR C 71 18.04 -1.20 6.30
N ASN C 72 18.46 -2.41 6.68
CA ASN C 72 17.96 -3.07 7.88
C ASN C 72 16.44 -3.34 7.95
N ASP C 73 15.89 -3.82 6.84
CA ASP C 73 14.51 -4.20 6.81
C ASP C 73 14.50 -5.60 7.48
N ILE C 74 14.16 -5.62 8.77
CA ILE C 74 14.19 -6.86 9.52
C ILE C 74 13.16 -7.86 9.01
N GLY C 75 12.05 -7.39 8.48
CA GLY C 75 11.07 -8.33 7.98
C GLY C 75 11.60 -9.09 6.78
N ARG C 76 12.19 -8.31 5.89
CA ARG C 76 12.80 -8.83 4.69
C ARG C 76 13.91 -9.79 5.05
N ASP C 77 14.76 -9.40 5.97
CA ASP C 77 15.92 -10.27 6.29
C ASP C 77 15.52 -11.55 7.07
N SER C 78 14.50 -11.47 7.91
CA SER C 78 14.06 -12.64 8.61
C SER C 78 13.36 -13.61 7.67
N LEU C 79 12.64 -13.11 6.67
CA LEU C 79 11.93 -14.02 5.77
C LEU C 79 12.97 -14.83 5.03
N ASP C 80 14.07 -14.21 4.65
CA ASP C 80 15.10 -14.94 3.97
C ASP C 80 15.59 -16.04 4.87
N ARG C 81 15.68 -15.75 6.15
CA ARG C 81 16.15 -16.76 7.12
C ARG C 81 15.12 -17.86 7.28
N VAL C 82 13.85 -17.51 7.34
CA VAL C 82 12.81 -18.51 7.39
C VAL C 82 12.83 -19.43 6.13
N TYR C 83 12.94 -18.86 4.93
CA TYR C 83 13.05 -19.70 3.70
C TYR C 83 14.29 -20.64 3.73
N ALA C 84 15.43 -20.11 4.16
CA ALA C 84 16.66 -20.93 4.28
C ALA C 84 16.44 -22.13 5.22
N ASN C 85 15.77 -21.88 6.34
CA ASN C 85 15.46 -22.95 7.30
C ASN C 85 14.52 -23.99 6.64
N ILE C 86 13.42 -23.54 6.03
CA ILE C 86 12.50 -24.46 5.37
C ILE C 86 13.18 -25.29 4.30
N PHE C 87 14.01 -24.66 3.49
CA PHE C 87 14.69 -25.37 2.40
C PHE C 87 15.98 -26.08 2.83
N ASN C 88 16.32 -25.93 4.10
CA ASN C 88 17.55 -26.50 4.67
C ASN C 88 18.77 -26.06 3.85
N THR C 89 18.83 -24.77 3.56
CA THR C 89 19.90 -24.17 2.81
C THR C 89 20.72 -23.21 3.72
N GLU C 90 21.94 -22.91 3.27
CA GLU C 90 22.70 -21.88 3.96
C GLU C 90 22.03 -20.52 3.85
N SER C 91 21.50 -20.16 2.68
CA SER C 91 20.95 -18.83 2.51
C SER C 91 19.70 -18.86 1.67
N ALA C 92 19.02 -17.73 1.67
CA ALA C 92 17.90 -17.52 0.80
C ALA C 92 17.78 -16.03 0.52
N PHE C 93 17.09 -15.71 -0.56
CA PHE C 93 16.94 -14.37 -1.02
C PHE C 93 15.58 -14.33 -1.65
N VAL C 94 14.65 -13.69 -0.96
CA VAL C 94 13.23 -13.64 -1.32
C VAL C 94 12.88 -12.20 -1.52
N ARG C 95 12.37 -11.81 -2.70
CA ARG C 95 12.15 -10.39 -2.95
C ARG C 95 10.91 -10.19 -3.83
N PRO C 96 10.18 -9.10 -3.57
CA PRO C 96 9.10 -8.72 -4.45
C PRO C 96 9.60 -8.13 -5.78
N HIS C 97 10.88 -7.81 -5.84
CA HIS C 97 11.49 -7.15 -6.96
C HIS C 97 11.62 -8.04 -8.18
N PHE C 98 11.62 -9.36 -8.00
CA PHE C 98 11.67 -10.24 -9.16
C PHE C 98 10.35 -10.09 -9.90
N VAL C 99 10.41 -9.93 -11.21
CA VAL C 99 9.17 -9.63 -11.99
C VAL C 99 8.39 -10.89 -12.32
N ASN C 100 9.04 -12.05 -12.23
CA ASN C 100 8.44 -13.35 -12.45
C ASN C 100 9.47 -14.42 -12.09
N GLY C 101 9.11 -15.68 -12.20
CA GLY C 101 10.05 -16.72 -11.81
C GLY C 101 11.22 -16.88 -12.77
N THR C 102 11.00 -16.57 -14.03
CA THR C 102 12.08 -16.60 -14.98
C THR C 102 13.18 -15.61 -14.58
N HIS C 103 12.79 -14.49 -14.00
CA HIS C 103 13.77 -13.48 -13.49
C HIS C 103 14.64 -14.12 -12.44
N ALA C 104 14.03 -14.81 -11.49
CA ALA C 104 14.78 -15.49 -10.41
C ALA C 104 15.72 -16.54 -10.96
N ILE C 105 15.21 -17.37 -11.85
CA ILE C 105 15.99 -18.43 -12.47
C ILE C 105 17.17 -17.83 -13.24
N GLY C 106 16.88 -16.81 -14.04
CA GLY C 106 17.90 -16.16 -14.86
C GLY C 106 18.96 -15.50 -14.01
N ALA C 107 18.57 -14.91 -12.88
CA ALA C 107 19.57 -14.29 -11.98
C ALA C 107 20.50 -15.33 -11.32
N ALA C 108 19.92 -16.45 -10.91
CA ALA C 108 20.71 -17.54 -10.35
C ALA C 108 21.71 -18.02 -11.37
N LEU C 109 21.29 -18.04 -12.64
CA LEU C 109 22.14 -18.54 -13.72
C LEU C 109 23.27 -17.57 -14.03
N PHE C 110 22.90 -16.36 -14.37
CA PHE C 110 23.87 -15.29 -14.67
C PHE C 110 24.84 -15.09 -13.54
N GLY C 111 24.34 -15.05 -12.30
CA GLY C 111 25.18 -14.73 -11.16
C GLY C 111 26.34 -15.68 -10.95
N ASN C 112 26.11 -16.93 -11.33
CA ASN C 112 27.02 -18.00 -11.14
C ASN C 112 27.73 -18.48 -12.42
N LEU C 113 27.69 -17.64 -13.47
CA LEU C 113 28.41 -17.92 -14.72
C LEU C 113 29.26 -16.75 -15.23
N ARG C 114 30.39 -17.09 -15.87
CA ARG C 114 31.32 -16.12 -16.42
C ARG C 114 31.75 -16.50 -17.84
N PRO C 115 32.33 -15.54 -18.57
CA PRO C 115 32.80 -15.87 -19.90
C PRO C 115 33.66 -17.13 -19.92
N ASN C 116 33.37 -18.00 -20.89
CA ASN C 116 34.09 -19.24 -21.11
C ASN C 116 33.65 -20.36 -20.22
N ASP C 117 32.71 -20.10 -19.31
CA ASP C 117 32.09 -21.21 -18.58
C ASP C 117 31.09 -21.86 -19.51
N THR C 118 30.72 -23.10 -19.17
CA THR C 118 29.67 -23.81 -19.87
C THR C 118 28.54 -24.18 -18.89
N MSE C 119 27.31 -23.87 -19.31
CA MSE C 119 26.11 -24.27 -18.62
C MSE C 119 25.60 -25.49 -19.36
O MSE C 119 25.57 -25.45 -20.59
CB MSE C 119 25.05 -23.16 -18.73
CG MSE C 119 23.65 -23.60 -18.31
SE MSE C 119 22.44 -22.13 -18.57
CE MSE C 119 20.81 -23.02 -18.28
N MSE C 120 25.14 -26.51 -18.63
CA MSE C 120 24.54 -27.69 -19.24
C MSE C 120 23.18 -28.06 -18.68
O MSE C 120 23.05 -28.34 -17.49
CB MSE C 120 25.50 -28.90 -19.14
CG MSE C 120 24.94 -30.19 -19.76
SE MSE C 120 26.26 -31.63 -19.89
CE MSE C 120 26.45 -31.98 -18.02
N SER C 121 22.15 -28.01 -19.51
CA SER C 121 20.80 -28.46 -19.13
C SER C 121 20.76 -29.96 -19.37
N ILE C 122 20.22 -30.71 -18.42
CA ILE C 122 20.20 -32.15 -18.54
C ILE C 122 18.80 -32.77 -18.62
N CYS C 123 17.74 -31.96 -18.63
CA CYS C 123 16.40 -32.50 -18.82
C CYS C 123 15.88 -32.09 -20.20
N GLY C 124 16.75 -32.08 -21.21
CA GLY C 124 16.31 -31.67 -22.54
C GLY C 124 16.07 -30.16 -22.69
N MSE C 125 15.32 -29.80 -23.73
CA MSE C 125 15.03 -28.42 -24.06
C MSE C 125 14.35 -27.72 -22.89
O MSE C 125 13.33 -28.18 -22.37
CB MSE C 125 14.10 -28.38 -25.29
CG MSE C 125 13.88 -26.98 -25.93
SE MSE C 125 15.54 -26.41 -26.73
CE MSE C 125 15.96 -28.04 -27.82
N PRO C 126 14.92 -26.59 -22.46
CA PRO C 126 14.28 -25.91 -21.35
C PRO C 126 12.97 -25.18 -21.74
N TYR C 127 12.20 -24.82 -20.71
CA TYR C 127 11.02 -23.94 -20.79
C TYR C 127 11.32 -22.80 -21.77
N ASP C 128 10.34 -22.42 -22.61
CA ASP C 128 10.54 -21.42 -23.69
C ASP C 128 11.08 -20.07 -23.17
N THR C 129 10.64 -19.67 -21.99
CA THR C 129 11.05 -18.38 -21.45
C THR C 129 12.55 -18.33 -21.12
N LEU C 130 13.19 -19.49 -21.02
CA LEU C 130 14.62 -19.50 -20.75
C LEU C 130 15.48 -19.40 -22.00
N HIS C 131 14.87 -19.46 -23.17
CA HIS C 131 15.65 -19.48 -24.40
C HIS C 131 16.47 -18.21 -24.64
N ASP C 132 15.90 -17.04 -24.34
CA ASP C 132 16.59 -15.79 -24.49
C ASP C 132 17.69 -15.61 -23.45
N ILE C 133 17.45 -16.09 -22.24
CA ILE C 133 18.45 -16.06 -21.17
C ILE C 133 19.69 -16.80 -21.64
N ILE C 134 19.47 -17.95 -22.26
CA ILE C 134 20.59 -18.77 -22.75
C ILE C 134 21.23 -18.15 -23.99
N GLY C 135 20.40 -17.62 -24.86
CA GLY C 135 20.83 -17.06 -26.15
C GLY C 135 20.72 -18.09 -27.25
N MSE C 136 19.55 -18.68 -27.42
CA MSE C 136 19.40 -19.71 -28.44
C MSE C 136 19.09 -19.17 -29.84
O MSE C 136 18.95 -19.94 -30.77
CB MSE C 136 18.35 -20.71 -27.99
CG MSE C 136 18.94 -21.69 -27.03
SE MSE C 136 17.54 -22.78 -26.37
CE MSE C 136 18.40 -23.65 -24.91
N ASP C 137 19.04 -17.88 -30.00
CA ASP C 137 18.70 -17.28 -31.28
C ASP C 137 19.70 -16.15 -31.49
N ASP C 138 20.67 -16.35 -32.37
CA ASP C 138 21.70 -15.32 -32.56
C ASP C 138 21.38 -14.25 -33.59
N SER C 139 20.10 -14.10 -33.90
CA SER C 139 19.69 -12.98 -34.72
C SER C 139 19.27 -11.84 -33.78
N LYS C 140 19.06 -12.16 -32.49
CA LYS C 140 18.61 -11.21 -31.47
C LYS C 140 19.75 -10.79 -30.59
N LYS C 141 19.76 -9.51 -30.22
CA LYS C 141 20.67 -9.00 -29.20
C LYS C 141 19.83 -8.70 -27.96
N VAL C 142 19.95 -9.56 -26.96
CA VAL C 142 19.14 -9.53 -25.73
C VAL C 142 19.95 -9.62 -24.42
N GLY C 143 21.27 -9.58 -24.51
CA GLY C 143 22.15 -9.69 -23.34
C GLY C 143 22.17 -11.12 -22.77
N SER C 144 22.03 -12.09 -23.64
CA SER C 144 21.96 -13.46 -23.17
C SER C 144 23.30 -13.96 -22.64
N LEU C 145 23.24 -15.10 -21.99
CA LEU C 145 24.47 -15.80 -21.57
C LEU C 145 25.50 -15.94 -22.70
N ARG C 146 25.01 -16.35 -23.86
CA ARG C 146 25.83 -16.51 -25.04
C ARG C 146 26.56 -15.21 -25.41
N GLU C 147 25.86 -14.08 -25.37
CA GLU C 147 26.45 -12.78 -25.64
C GLU C 147 27.54 -12.39 -24.63
N TYR C 148 27.45 -12.95 -23.43
CA TYR C 148 28.50 -12.75 -22.41
C TYR C 148 29.53 -13.86 -22.37
N GLY C 149 29.60 -14.64 -23.46
CA GLY C 149 30.66 -15.65 -23.66
C GLY C 149 30.46 -16.99 -22.96
N VAL C 150 29.24 -17.21 -22.45
CA VAL C 150 28.94 -18.43 -21.73
C VAL C 150 28.40 -19.47 -22.71
N LYS C 151 29.07 -20.61 -22.76
CA LYS C 151 28.69 -21.69 -23.66
C LYS C 151 27.57 -22.54 -23.08
N TYR C 152 26.89 -23.25 -23.97
CA TYR C 152 25.73 -24.01 -23.57
C TYR C 152 25.73 -25.40 -24.16
N LYS C 153 25.41 -26.38 -23.32
CA LYS C 153 25.24 -27.76 -23.74
C LYS C 153 23.90 -28.21 -23.26
N MSE C 154 23.26 -29.03 -24.07
CA MSE C 154 22.00 -29.59 -23.64
C MSE C 154 21.95 -31.09 -23.86
O MSE C 154 22.30 -31.57 -24.94
CB MSE C 154 20.88 -28.87 -24.37
CG MSE C 154 19.55 -29.29 -23.87
SE MSE C 154 18.66 -30.22 -25.25
CE MSE C 154 18.02 -28.34 -25.80
N VAL C 155 21.53 -31.84 -22.84
CA VAL C 155 21.43 -33.28 -22.99
C VAL C 155 19.96 -33.66 -23.17
N ASP C 156 19.61 -34.17 -24.35
CA ASP C 156 18.26 -34.70 -24.60
C ASP C 156 17.97 -35.86 -23.64
N LEU C 157 16.69 -36.10 -23.39
CA LEU C 157 16.28 -37.27 -22.62
C LEU C 157 16.49 -38.54 -23.48
N LYS C 158 16.80 -39.65 -22.84
CA LYS C 158 16.94 -40.94 -23.52
C LYS C 158 15.92 -41.90 -22.92
N ASP C 159 15.08 -42.47 -23.77
CA ASP C 159 14.04 -43.40 -23.33
C ASP C 159 13.18 -42.70 -22.32
N GLY C 160 12.93 -41.42 -22.60
CA GLY C 160 12.12 -40.56 -21.76
C GLY C 160 12.67 -40.20 -20.39
N LYS C 161 13.87 -40.66 -20.05
CA LYS C 161 14.49 -40.36 -18.76
C LYS C 161 15.76 -39.53 -18.95
N VAL C 162 16.24 -38.91 -17.86
CA VAL C 162 17.50 -38.17 -17.91
C VAL C 162 18.60 -39.12 -18.39
N ASP C 163 19.35 -38.75 -19.43
CA ASP C 163 20.44 -39.58 -19.96
C ASP C 163 21.68 -39.40 -19.09
N ILE C 164 21.60 -39.95 -17.89
CA ILE C 164 22.66 -39.79 -16.90
C ILE C 164 24.04 -40.32 -17.33
N ASN C 165 24.09 -41.25 -18.28
CA ASN C 165 25.40 -41.69 -18.73
C ASN C 165 26.05 -40.63 -19.61
N THR C 166 25.30 -40.00 -20.49
CA THR C 166 25.88 -38.87 -21.26
C THR C 166 26.27 -37.72 -20.32
N VAL C 167 25.45 -37.42 -19.32
CA VAL C 167 25.78 -36.34 -18.39
C VAL C 167 27.15 -36.59 -17.78
N LYS C 168 27.36 -37.79 -17.26
CA LYS C 168 28.67 -38.15 -16.69
C LYS C 168 29.81 -38.05 -17.69
N GLU C 169 29.59 -38.44 -18.95
CA GLU C 169 30.67 -38.41 -19.96
C GLU C 169 31.03 -36.97 -20.28
N GLU C 170 30.05 -36.08 -20.29
CA GLU C 170 30.30 -34.67 -20.58
C GLU C 170 31.10 -34.06 -19.45
N LEU C 171 30.73 -34.38 -18.22
CA LEU C 171 31.49 -33.93 -17.05
C LEU C 171 32.94 -34.43 -17.03
N LYS C 172 33.16 -35.67 -17.47
CA LYS C 172 34.50 -36.22 -17.53
C LYS C 172 35.31 -35.52 -18.62
N LYS C 173 34.68 -35.16 -19.73
CA LYS C 173 35.45 -34.65 -20.88
C LYS C 173 35.57 -33.12 -20.95
N ASP C 174 34.70 -32.38 -20.24
CA ASP C 174 34.66 -30.91 -20.35
C ASP C 174 34.80 -30.17 -19.00
N ASP C 175 36.04 -29.76 -18.69
CA ASP C 175 36.38 -28.99 -17.47
C ASP C 175 35.72 -27.59 -17.40
N SER C 176 35.12 -27.12 -18.49
CA SER C 176 34.47 -25.82 -18.48
C SER C 176 33.04 -25.89 -18.02
N ILE C 177 32.49 -27.09 -17.81
CA ILE C 177 31.10 -27.14 -17.34
C ILE C 177 31.10 -26.74 -15.87
N LYS C 178 30.46 -25.63 -15.55
CA LYS C 178 30.44 -25.11 -14.17
C LYS C 178 29.10 -25.17 -13.48
N LEU C 179 28.01 -25.30 -14.24
CA LEU C 179 26.69 -25.34 -13.66
C LEU C 179 25.87 -26.29 -14.49
N ILE C 180 25.15 -27.20 -13.82
CA ILE C 180 24.19 -28.08 -14.43
C ILE C 180 22.83 -27.54 -14.05
N HIS C 181 21.96 -27.40 -15.05
CA HIS C 181 20.56 -26.99 -14.88
C HIS C 181 19.60 -28.20 -14.99
N ILE C 182 18.84 -28.41 -13.92
CA ILE C 182 17.83 -29.44 -13.83
C ILE C 182 16.51 -28.70 -13.71
N GLN C 183 15.53 -29.13 -14.49
CA GLN C 183 14.19 -28.52 -14.43
C GLN C 183 13.22 -29.54 -13.79
N ARG C 184 12.66 -29.22 -12.64
CA ARG C 184 11.80 -30.17 -11.91
C ARG C 184 10.48 -30.44 -12.63
N SER C 185 9.76 -29.38 -12.96
CA SER C 185 8.49 -29.48 -13.67
C SER C 185 8.64 -29.51 -15.20
N THR C 186 7.95 -30.43 -15.85
CA THR C 186 8.03 -30.59 -17.30
C THR C 186 7.35 -29.36 -17.80
N GLY C 187 7.69 -28.86 -18.95
CA GLY C 187 6.81 -27.77 -19.39
C GLY C 187 5.68 -28.33 -20.26
N TYR C 188 5.70 -27.86 -21.49
CA TYR C 188 4.81 -28.29 -22.48
C TYR C 188 5.43 -29.50 -23.10
N GLY C 189 5.22 -30.65 -22.50
CA GLY C 189 5.58 -31.90 -23.15
C GLY C 189 4.58 -32.94 -22.68
N TRP C 190 4.94 -34.19 -22.89
CA TRP C 190 4.17 -35.31 -22.42
C TRP C 190 5.18 -36.16 -21.71
N ARG C 191 5.59 -35.72 -20.53
CA ARG C 191 6.59 -36.45 -19.72
C ARG C 191 6.36 -36.06 -18.26
N LYS C 192 6.40 -37.02 -17.37
CA LYS C 192 6.16 -36.73 -15.97
C LYS C 192 7.27 -35.88 -15.40
N SER C 193 6.87 -34.93 -14.56
CA SER C 193 7.78 -34.07 -13.86
C SER C 193 8.67 -34.93 -12.96
N LEU C 194 9.88 -34.43 -12.72
CA LEU C 194 10.89 -35.17 -11.95
C LEU C 194 10.68 -35.13 -10.44
N ARG C 195 10.55 -36.30 -9.85
CA ARG C 195 10.33 -36.44 -8.44
C ARG C 195 11.62 -36.17 -7.70
N ILE C 196 11.48 -35.85 -6.42
CA ILE C 196 12.61 -35.55 -5.59
C ILE C 196 13.60 -36.73 -5.52
N ALA C 197 13.10 -37.94 -5.42
CA ALA C 197 13.96 -39.11 -5.34
C ALA C 197 14.70 -39.30 -6.66
N GLU C 198 14.09 -38.91 -7.78
CA GLU C 198 14.76 -38.96 -9.09
C GLU C 198 15.86 -37.88 -9.20
N ILE C 199 15.53 -36.67 -8.74
CA ILE C 199 16.58 -35.65 -8.60
C ILE C 199 17.70 -36.16 -7.66
N ALA C 200 17.36 -36.73 -6.52
CA ALA C 200 18.38 -37.25 -5.62
C ALA C 200 19.38 -38.19 -6.30
N GLU C 201 18.87 -39.12 -7.10
CA GLU C 201 19.72 -40.07 -7.78
C GLU C 201 20.58 -39.46 -8.85
N ILE C 202 20.00 -38.53 -9.59
CA ILE C 202 20.71 -37.81 -10.65
C ILE C 202 21.89 -37.04 -10.05
N ILE C 203 21.66 -36.39 -8.90
CA ILE C 203 22.75 -35.67 -8.24
C ILE C 203 23.80 -36.66 -7.70
N LYS C 204 23.36 -37.78 -7.15
CA LYS C 204 24.28 -38.81 -6.64
C LYS C 204 25.24 -39.22 -7.77
N SER C 205 24.70 -39.45 -8.96
CA SER C 205 25.54 -39.78 -10.13
C SER C 205 26.46 -38.65 -10.61
N ILE C 206 25.98 -37.41 -10.56
CA ILE C 206 26.82 -36.27 -10.91
C ILE C 206 28.04 -36.22 -9.97
N ARG C 207 27.78 -36.39 -8.67
CA ARG C 207 28.84 -36.27 -7.66
C ARG C 207 29.87 -37.37 -7.72
N GLU C 208 29.49 -38.51 -8.27
CA GLU C 208 30.47 -39.59 -8.45
C GLU C 208 31.55 -39.17 -9.42
N VAL C 209 31.21 -38.23 -10.30
CA VAL C 209 32.13 -37.75 -11.33
C VAL C 209 32.74 -36.39 -11.04
N ASN C 210 31.94 -35.45 -10.50
CA ASN C 210 32.39 -34.08 -10.23
C ASN C 210 31.73 -33.49 -8.97
N GLU C 211 32.53 -33.23 -7.95
CA GLU C 211 32.01 -32.76 -6.67
C GLU C 211 31.87 -31.24 -6.61
N ASN C 212 32.37 -30.55 -7.64
CA ASN C 212 32.40 -29.11 -7.62
C ASN C 212 31.36 -28.41 -8.48
N VAL C 213 30.86 -29.07 -9.52
CA VAL C 213 29.93 -28.40 -10.44
C VAL C 213 28.70 -27.95 -9.65
N ILE C 214 28.15 -26.78 -9.97
CA ILE C 214 26.99 -26.23 -9.33
C ILE C 214 25.75 -26.94 -9.90
N VAL C 215 24.93 -27.55 -9.04
CA VAL C 215 23.69 -28.14 -9.47
C VAL C 215 22.55 -27.20 -9.11
N PHE C 216 21.93 -26.65 -10.15
CA PHE C 216 20.84 -25.70 -10.03
C PHE C 216 19.55 -26.37 -10.43
N VAL C 217 18.49 -26.20 -9.62
CA VAL C 217 17.19 -26.76 -9.96
C VAL C 217 16.14 -25.65 -9.98
N ASP C 218 15.47 -25.53 -11.10
CA ASP C 218 14.29 -24.64 -11.28
C ASP C 218 13.16 -25.39 -10.57
N ASN C 219 12.76 -24.87 -9.42
CA ASN C 219 11.85 -25.54 -8.50
C ASN C 219 10.41 -25.07 -8.70
N CYS C 220 10.18 -24.23 -9.69
CA CYS C 220 8.82 -23.72 -9.92
C CYS C 220 7.78 -24.85 -9.93
N TYR C 221 6.66 -24.64 -9.21
CA TYR C 221 5.52 -25.53 -9.12
C TYR C 221 5.66 -26.73 -8.19
N GLY C 222 6.86 -26.96 -7.64
CA GLY C 222 7.19 -28.13 -6.80
C GLY C 222 7.08 -27.87 -5.31
N GLU C 223 7.04 -26.60 -4.93
CA GLU C 223 7.16 -26.24 -3.52
C GLU C 223 6.01 -26.83 -2.74
N PHE C 224 6.37 -27.55 -1.68
CA PHE C 224 5.45 -28.22 -0.76
C PHE C 224 4.57 -29.38 -1.32
N VAL C 225 4.89 -29.83 -2.52
CA VAL C 225 4.20 -30.96 -3.09
C VAL C 225 4.69 -32.29 -2.47
N GLU C 226 5.97 -32.33 -2.15
CA GLU C 226 6.60 -33.46 -1.48
C GLU C 226 7.03 -32.99 -0.09
N GLU C 227 7.50 -33.91 0.72
CA GLU C 227 7.91 -33.57 2.08
C GLU C 227 9.34 -33.02 2.09
N LYS C 228 10.04 -33.17 0.98
CA LYS C 228 11.40 -32.64 0.77
C LYS C 228 11.44 -31.80 -0.46
N GLU C 229 12.49 -30.97 -0.54
CA GLU C 229 12.75 -30.10 -1.69
C GLU C 229 14.10 -30.46 -2.29
N PRO C 230 14.44 -29.92 -3.48
CA PRO C 230 15.69 -30.40 -4.09
C PRO C 230 16.93 -30.10 -3.28
N THR C 231 16.85 -29.06 -2.46
CA THR C 231 17.92 -28.70 -1.56
C THR C 231 18.15 -29.74 -0.48
N ASP C 232 17.18 -30.63 -0.26
CA ASP C 232 17.33 -31.66 0.76
C ASP C 232 18.07 -32.85 0.20
N VAL C 233 18.30 -32.87 -1.13
CA VAL C 233 18.87 -34.05 -1.80
C VAL C 233 20.05 -33.65 -2.66
N GLY C 234 20.71 -32.55 -2.26
CA GLY C 234 21.96 -32.13 -2.92
C GLY C 234 21.98 -30.98 -3.95
N ALA C 235 20.85 -30.30 -4.19
CA ALA C 235 20.90 -29.10 -5.06
C ALA C 235 21.72 -28.01 -4.35
N ASP C 236 22.57 -27.33 -5.12
CA ASP C 236 23.35 -26.23 -4.59
C ASP C 236 22.56 -24.93 -4.58
N ILE C 237 21.63 -24.79 -5.50
CA ILE C 237 20.88 -23.54 -5.60
C ILE C 237 19.57 -23.87 -6.32
N ILE C 238 18.49 -23.17 -5.96
CA ILE C 238 17.20 -23.35 -6.54
C ILE C 238 16.55 -22.00 -6.64
N ALA C 239 15.57 -21.90 -7.50
CA ALA C 239 14.80 -20.67 -7.67
C ALA C 239 13.37 -20.98 -8.02
N GLY C 240 12.50 -19.99 -7.83
CA GLY C 240 11.07 -20.17 -8.04
C GLY C 240 10.35 -18.85 -7.92
N SER C 241 9.04 -18.90 -8.15
CA SER C 241 8.19 -17.72 -8.24
C SER C 241 7.20 -17.68 -7.08
N LEU C 242 7.01 -16.50 -6.49
CA LEU C 242 6.15 -16.32 -5.36
C LEU C 242 4.66 -16.28 -5.76
N ILE C 243 4.35 -16.16 -7.05
CA ILE C 243 2.94 -16.21 -7.49
C ILE C 243 2.48 -17.63 -7.90
N1 LLP C 244 10.25 -22.85 -15.17
C2 LLP C 244 9.11 -23.57 -15.04
C2' LLP C 244 9.12 -25.06 -15.13
C3 LLP C 244 7.91 -22.90 -14.78
O3 LLP C 244 6.92 -23.59 -14.67
C4 LLP C 244 7.88 -21.49 -14.69
C4' LLP C 244 6.59 -20.75 -14.40
C5 LLP C 244 9.08 -20.80 -14.82
C6 LLP C 244 10.25 -21.47 -15.08
C5' LLP C 244 9.09 -19.32 -14.72
OP4 LLP C 244 7.83 -18.76 -15.08
P LLP C 244 7.43 -17.22 -15.01
OP1 LLP C 244 8.53 -16.49 -15.61
OP2 LLP C 244 7.20 -17.00 -13.58
OP3 LLP C 244 6.22 -17.17 -15.87
N LLP C 244 3.36 -18.61 -7.67
CA LLP C 244 3.03 -20.02 -7.76
CB LLP C 244 4.05 -20.78 -8.63
CG LLP C 244 3.98 -20.40 -10.14
CD LLP C 244 5.21 -20.86 -10.98
CE LLP C 244 5.18 -20.32 -12.44
NZ LLP C 244 6.58 -20.40 -13.09
C LLP C 244 2.89 -20.53 -6.30
O LLP C 244 2.56 -19.75 -5.42
N LYS C 244 3.35 -18.61 -7.61
CA LYS C 244 3.00 -20.00 -7.70
C LYS C 244 2.88 -20.53 -6.26
N ASN C 245 3.10 -21.82 -6.06
CA ASN C 245 2.86 -22.45 -4.75
C ASN C 245 3.24 -21.67 -3.49
N ILE C 246 4.49 -21.22 -3.44
CA ILE C 246 5.07 -20.76 -2.18
C ILE C 246 4.49 -19.42 -1.63
N GLY C 247 3.70 -18.71 -2.43
CA GLY C 247 3.02 -17.48 -2.01
C GLY C 247 1.62 -17.70 -1.44
N GLY C 248 1.19 -18.94 -1.42
CA GLY C 248 -0.08 -19.38 -0.86
C GLY C 248 -1.27 -18.70 -1.45
N GLY C 249 -1.13 -18.21 -2.68
CA GLY C 249 -2.17 -17.43 -3.36
C GLY C 249 -2.33 -15.98 -2.91
N ILE C 250 -1.51 -15.57 -1.94
CA ILE C 250 -1.60 -14.26 -1.28
C ILE C 250 -0.53 -13.33 -1.78
N ALA C 251 0.67 -13.84 -2.08
CA ALA C 251 1.77 -12.99 -2.60
C ALA C 251 1.36 -12.37 -3.92
N THR C 252 1.64 -11.09 -4.12
CA THR C 252 1.22 -10.43 -5.35
C THR C 252 2.30 -10.39 -6.39
N THR C 253 3.56 -10.66 -6.02
CA THR C 253 4.61 -10.74 -7.05
C THR C 253 5.90 -11.21 -6.36
N GLY C 254 6.95 -11.40 -7.16
CA GLY C 254 8.27 -11.72 -6.61
C GLY C 254 8.79 -13.12 -6.90
N GLY C 255 9.89 -13.45 -6.25
CA GLY C 255 10.51 -14.74 -6.42
C GLY C 255 11.50 -15.03 -5.32
N TYR C 256 12.13 -16.18 -5.41
CA TYR C 256 13.14 -16.56 -4.46
C TYR C 256 14.27 -17.35 -5.11
N ILE C 257 15.44 -17.28 -4.47
CA ILE C 257 16.66 -18.05 -4.77
C ILE C 257 17.16 -18.59 -3.43
N ALA C 258 17.46 -19.88 -3.35
CA ALA C 258 17.91 -20.46 -2.09
C ALA C 258 19.00 -21.45 -2.36
N GLY C 259 19.93 -21.56 -1.42
CA GLY C 259 21.00 -22.52 -1.57
C GLY C 259 22.25 -22.12 -0.82
N LYS C 260 23.41 -22.50 -1.34
CA LYS C 260 24.67 -22.16 -0.70
C LYS C 260 24.87 -20.66 -0.70
N GLU C 261 25.41 -20.13 0.38
CA GLU C 261 25.59 -18.67 0.46
C GLU C 261 26.40 -18.12 -0.71
N GLU C 262 27.43 -18.82 -1.09
CA GLU C 262 28.31 -18.40 -2.18
C GLU C 262 27.49 -18.13 -3.44
N TYR C 263 26.59 -19.05 -3.74
CA TYR C 263 25.85 -19.00 -5.00
C TYR C 263 24.67 -18.05 -4.95
N VAL C 264 23.99 -18.01 -3.81
CA VAL C 264 22.91 -17.08 -3.59
C VAL C 264 23.48 -15.68 -3.64
N THR C 265 24.57 -15.44 -2.92
CA THR C 265 25.19 -14.11 -2.94
C THR C 265 25.60 -13.62 -4.36
N GLN C 266 26.20 -14.50 -5.15
CA GLN C 266 26.52 -14.18 -6.55
C GLN C 266 25.26 -13.82 -7.34
N ALA C 267 24.17 -14.55 -7.12
CA ALA C 267 22.89 -14.22 -7.81
C ALA C 267 22.42 -12.82 -7.42
N THR C 268 22.60 -12.45 -6.16
CA THR C 268 22.11 -11.15 -5.74
C THR C 268 22.82 -9.97 -6.45
N PHE C 269 24.08 -10.14 -6.82
CA PHE C 269 24.82 -9.08 -7.55
C PHE C 269 24.31 -8.87 -8.95
N ARG C 270 23.68 -9.90 -9.50
CA ARG C 270 23.00 -9.82 -10.76
C ARG C 270 21.60 -9.21 -10.59
N VAL C 271 20.92 -9.52 -9.50
CA VAL C 271 19.60 -8.97 -9.27
C VAL C 271 19.67 -7.45 -9.03
N THR C 272 20.63 -6.99 -8.23
CA THR C 272 20.84 -5.57 -8.11
C THR C 272 22.12 -5.27 -8.89
N VAL C 273 23.23 -4.98 -8.20
CA VAL C 273 24.51 -4.70 -8.85
C VAL C 273 25.61 -5.15 -7.88
N PRO C 274 26.79 -5.44 -8.41
CA PRO C 274 27.97 -5.75 -7.62
C PRO C 274 28.17 -4.76 -6.50
N GLY C 275 28.60 -5.22 -5.32
CA GLY C 275 28.84 -4.32 -4.20
C GLY C 275 27.55 -3.97 -3.42
N ILE C 276 26.37 -4.12 -4.03
CA ILE C 276 25.15 -3.92 -3.27
C ILE C 276 24.44 -5.24 -2.93
N GLY C 277 24.22 -6.09 -3.92
CA GLY C 277 23.52 -7.35 -3.68
C GLY C 277 22.19 -7.11 -2.96
N GLY C 278 21.92 -7.95 -1.96
CA GLY C 278 20.66 -7.87 -1.22
C GLY C 278 20.65 -6.90 -0.04
N GLU C 279 21.70 -6.12 0.13
CA GLU C 279 21.78 -5.18 1.27
C GLU C 279 20.86 -3.97 1.13
N CYS C 280 20.41 -3.66 -0.08
CA CYS C 280 19.43 -2.61 -0.29
C CYS C 280 18.26 -3.21 -1.01
N GLY C 281 17.08 -2.63 -0.80
CA GLY C 281 15.87 -3.06 -1.44
C GLY C 281 14.73 -3.00 -0.44
N SER C 282 14.03 -1.87 -0.36
CA SER C 282 12.88 -1.79 0.52
C SER C 282 11.75 -2.62 -0.16
N THR C 283 10.66 -2.86 0.57
CA THR C 283 9.79 -3.95 0.19
C THR C 283 8.33 -3.59 0.03
N PHE C 284 8.07 -2.30 -0.11
CA PHE C 284 6.74 -1.77 -0.50
C PHE C 284 5.63 -2.15 0.44
N GLY C 285 5.91 -2.53 1.68
CA GLY C 285 4.84 -2.92 2.57
C GLY C 285 4.29 -4.34 2.33
N VAL C 286 4.95 -5.17 1.53
CA VAL C 286 4.39 -6.48 1.22
C VAL C 286 4.75 -7.57 2.24
N MSE C 287 5.58 -7.29 3.24
CA MSE C 287 6.09 -8.40 4.08
C MSE C 287 5.00 -9.24 4.76
O MSE C 287 5.09 -10.43 4.79
CB MSE C 287 7.10 -7.90 5.10
CG MSE C 287 8.35 -7.32 4.50
SE MSE C 287 9.21 -8.37 3.08
CE MSE C 287 9.40 -9.91 4.19
N ARG C 288 3.92 -8.64 5.25
CA ARG C 288 2.87 -9.41 5.92
C ARG C 288 2.26 -10.43 4.95
N SER C 289 1.99 -10.00 3.72
N SER C 289 2.01 -9.99 3.71
CA SER C 289 1.42 -10.88 2.71
CA SER C 289 1.41 -10.84 2.69
C SER C 289 2.33 -12.05 2.40
C SER C 289 2.32 -12.02 2.34
N LEU C 290 3.62 -11.77 2.30
CA LEU C 290 4.57 -12.84 2.00
C LEU C 290 4.67 -13.83 3.14
N TYR C 291 4.69 -13.32 4.38
CA TYR C 291 4.70 -14.22 5.51
C TYR C 291 3.42 -15.04 5.57
N GLU C 292 2.26 -14.38 5.51
CA GLU C 292 1.02 -15.12 5.61
C GLU C 292 0.86 -16.12 4.47
N GLY C 293 1.24 -15.68 3.27
CA GLY C 293 1.25 -16.56 2.11
C GLY C 293 2.11 -17.79 2.30
N LEU C 294 3.30 -17.61 2.87
CA LEU C 294 4.15 -18.78 3.14
C LEU C 294 3.49 -19.77 4.12
N PHE C 295 2.83 -19.24 5.14
CA PHE C 295 2.21 -20.04 6.16
C PHE C 295 1.05 -20.87 5.60
N MSE C 296 0.33 -20.29 4.64
N MSE C 296 0.31 -20.29 4.65
CA MSE C 296 -0.80 -20.91 3.98
CA MSE C 296 -0.79 -20.94 3.97
C MSE C 296 -0.41 -21.77 2.79
C MSE C 296 -0.35 -21.89 2.88
O MSE C 296 -1.27 -22.45 2.23
O MSE C 296 -1.10 -22.80 2.52
CB MSE C 296 -1.73 -19.84 3.44
CB MSE C 296 -1.67 -19.89 3.28
CG MSE C 296 -2.54 -19.17 4.49
CG MSE C 296 -2.46 -19.04 4.20
SE MSE C 296 -3.53 -17.69 3.71
SE MSE C 296 -3.74 -20.07 5.24
CE MSE C 296 -4.43 -18.61 2.15
CE MSE C 296 -4.85 -20.93 3.90
N ALA C 297 0.85 -21.67 2.34
CA ALA C 297 1.34 -22.41 1.17
C ALA C 297 1.26 -23.94 1.23
N PRO C 298 1.67 -24.55 2.35
CA PRO C 298 1.53 -26.00 2.38
C PRO C 298 0.10 -26.46 2.13
N HIS C 299 -0.86 -25.76 2.70
CA HIS C 299 -2.26 -26.08 2.52
C HIS C 299 -2.75 -25.82 1.11
N VAL C 300 -2.55 -24.62 0.60
CA VAL C 300 -3.05 -24.26 -0.72
C VAL C 300 -2.40 -25.12 -1.81
N THR C 301 -1.11 -25.43 -1.66
CA THR C 301 -0.43 -26.30 -2.60
C THR C 301 -1.16 -27.62 -2.74
N ILE C 302 -1.60 -28.18 -1.62
CA ILE C 302 -2.22 -29.48 -1.65
C ILE C 302 -3.66 -29.38 -2.13
N GLU C 303 -4.32 -28.23 -1.95
CA GLU C 303 -5.62 -28.05 -2.60
C GLU C 303 -5.41 -28.21 -4.11
N ALA C 304 -4.38 -27.56 -4.63
CA ALA C 304 -4.03 -27.62 -6.04
C ALA C 304 -3.68 -29.02 -6.51
N VAL C 305 -2.88 -29.74 -5.73
CA VAL C 305 -2.51 -31.10 -6.04
C VAL C 305 -3.78 -32.00 -6.10
N LYS C 306 -4.65 -31.84 -5.13
CA LYS C 306 -5.90 -32.53 -5.13
C LYS C 306 -6.70 -32.24 -6.42
N GLY C 307 -6.70 -31.00 -6.85
CA GLY C 307 -7.40 -30.59 -8.04
C GLY C 307 -6.84 -31.34 -9.23
N ALA C 308 -5.52 -31.47 -9.28
CA ALA C 308 -4.82 -32.16 -10.37
C ALA C 308 -5.11 -33.64 -10.39
N VAL C 309 -5.05 -34.26 -9.22
CA VAL C 309 -5.33 -35.69 -9.09
C VAL C 309 -6.79 -35.99 -9.43
N PHE C 310 -7.71 -35.19 -8.92
CA PHE C 310 -9.10 -35.32 -9.31
C PHE C 310 -9.29 -35.16 -10.82
N CYS C 311 -8.66 -34.14 -11.39
CA CYS C 311 -8.77 -33.92 -12.83
C CYS C 311 -8.26 -35.15 -13.61
N ALA C 312 -7.09 -35.68 -13.24
CA ALA C 312 -6.56 -36.86 -13.88
C ALA C 312 -7.53 -38.03 -13.87
N ARG C 313 -8.22 -38.25 -12.75
CA ARG C 313 -9.08 -39.40 -12.66
C ARG C 313 -10.37 -39.16 -13.43
N ILE C 314 -11.02 -38.01 -13.25
CA ILE C 314 -12.27 -37.79 -13.97
C ILE C 314 -12.01 -37.80 -15.49
N MSE C 315 -10.91 -37.21 -15.92
CA MSE C 315 -10.68 -37.14 -17.35
C MSE C 315 -10.32 -38.53 -17.89
O MSE C 315 -10.73 -38.92 -18.99
CB MSE C 315 -9.66 -36.08 -17.71
CG MSE C 315 -10.03 -34.65 -17.25
SE MSE C 315 -11.64 -34.08 -18.09
CE MSE C 315 -10.91 -33.92 -19.83
N GLU C 316 -9.54 -39.27 -17.14
CA GLU C 316 -9.26 -40.65 -17.52
C GLU C 316 -10.55 -41.45 -17.64
N LEU C 317 -11.43 -41.36 -16.65
CA LEU C 317 -12.68 -42.09 -16.74
C LEU C 317 -13.55 -41.63 -17.91
N ALA C 318 -13.55 -40.33 -18.22
CA ALA C 318 -14.34 -39.82 -19.34
C ALA C 318 -13.82 -40.31 -20.69
N GLY C 319 -12.56 -40.79 -20.75
CA GLY C 319 -12.00 -41.34 -21.97
C GLY C 319 -10.77 -40.62 -22.55
N PHE C 320 -10.16 -39.75 -21.76
CA PHE C 320 -9.00 -39.02 -22.25
C PHE C 320 -7.73 -39.57 -21.63
N ASP C 321 -6.68 -39.56 -22.42
CA ASP C 321 -5.35 -39.88 -21.98
C ASP C 321 -4.88 -38.71 -21.11
N VAL C 322 -4.31 -38.98 -19.93
CA VAL C 322 -3.88 -37.94 -19.01
C VAL C 322 -2.46 -38.29 -18.56
N LEU C 323 -1.74 -37.29 -18.08
CA LEU C 323 -0.40 -37.44 -17.55
C LEU C 323 -0.13 -36.32 -16.53
N PRO C 324 0.26 -36.67 -15.31
CA PRO C 324 0.39 -38.05 -14.82
C PRO C 324 -0.99 -38.71 -14.59
N LYS C 325 -0.98 -39.98 -14.23
CA LYS C 325 -2.22 -40.67 -13.87
C LYS C 325 -2.58 -40.25 -12.44
N TYR C 326 -3.84 -40.44 -12.06
CA TYR C 326 -4.31 -39.99 -10.73
C TYR C 326 -3.53 -40.61 -9.56
N ASN C 327 -3.02 -41.83 -9.76
CA ASN C 327 -2.26 -42.54 -8.74
C ASN C 327 -0.73 -42.52 -8.88
N ASP C 328 -0.23 -41.68 -9.78
CA ASP C 328 1.21 -41.36 -9.87
C ASP C 328 1.44 -40.24 -8.84
N LYS C 329 2.28 -40.49 -7.84
CA LYS C 329 2.50 -39.53 -6.76
C LYS C 329 3.14 -38.29 -7.36
N ARG C 330 2.59 -37.14 -7.00
CA ARG C 330 2.99 -35.90 -7.64
C ARG C 330 4.23 -35.28 -7.05
N THR C 331 4.86 -34.49 -7.91
CA THR C 331 5.98 -33.62 -7.55
C THR C 331 5.70 -32.16 -7.83
N ASP C 332 4.69 -31.89 -8.67
CA ASP C 332 4.29 -30.51 -8.89
C ASP C 332 2.78 -30.46 -8.98
N ILE C 333 2.24 -29.28 -9.26
CA ILE C 333 0.80 -29.12 -9.30
C ILE C 333 0.19 -29.20 -10.70
N ILE C 334 0.97 -29.61 -11.70
CA ILE C 334 0.48 -29.55 -13.09
C ILE C 334 -0.23 -30.82 -13.51
N GLN C 335 -1.28 -30.71 -14.30
CA GLN C 335 -1.91 -31.89 -14.88
C GLN C 335 -2.07 -31.70 -16.38
N ALA C 336 -1.59 -32.70 -17.15
CA ALA C 336 -1.74 -32.69 -18.60
C ALA C 336 -2.86 -33.61 -19.07
N ILE C 337 -3.59 -33.19 -20.10
CA ILE C 337 -4.68 -33.97 -20.68
C ILE C 337 -4.53 -33.92 -22.21
N LYS C 338 -4.48 -35.08 -22.84
CA LYS C 338 -4.33 -35.13 -24.29
C LYS C 338 -5.72 -35.14 -24.93
N PHE C 339 -6.12 -34.00 -25.49
CA PHE C 339 -7.45 -33.94 -26.09
C PHE C 339 -7.52 -34.58 -27.48
N ASN C 340 -6.40 -34.58 -28.19
CA ASN C 340 -6.35 -35.09 -29.55
C ASN C 340 -7.36 -34.47 -30.49
N ASP C 341 -7.79 -33.25 -30.18
CA ASP C 341 -8.78 -32.58 -30.98
C ASP C 341 -8.70 -31.11 -30.63
N GLU C 342 -8.49 -30.28 -31.62
CA GLU C 342 -8.30 -28.86 -31.34
C GLU C 342 -9.51 -28.19 -30.67
N LYS C 343 -10.69 -28.45 -31.19
CA LYS C 343 -11.89 -27.91 -30.60
C LYS C 343 -12.07 -28.36 -29.14
N LYS C 344 -11.84 -29.64 -28.85
CA LYS C 344 -11.98 -30.11 -27.46
C LYS C 344 -11.03 -29.36 -26.55
N LEU C 345 -9.77 -29.21 -26.99
CA LEU C 345 -8.77 -28.44 -26.23
C LEU C 345 -9.26 -27.03 -25.88
N ILE C 346 -9.71 -26.33 -26.90
CA ILE C 346 -10.09 -24.92 -26.75
C ILE C 346 -11.36 -24.84 -25.90
N ASP C 347 -12.31 -25.70 -26.19
CA ASP C 347 -13.55 -25.67 -25.42
C ASP C 347 -13.24 -25.88 -23.93
N PHE C 348 -12.33 -26.80 -23.63
CA PHE C 348 -11.96 -27.10 -22.25
C PHE C 348 -11.35 -25.89 -21.55
N ILE C 349 -10.37 -25.24 -22.21
CA ILE C 349 -9.68 -24.09 -21.64
C ILE C 349 -10.66 -22.95 -21.44
N LYS C 350 -11.51 -22.73 -22.43
CA LYS C 350 -12.51 -21.70 -22.28
C LYS C 350 -13.40 -22.02 -21.10
N GLY C 351 -13.65 -23.31 -20.86
CA GLY C 351 -14.46 -23.73 -19.72
C GLY C 351 -13.86 -23.32 -18.39
N ILE C 352 -12.55 -23.44 -18.28
CA ILE C 352 -11.88 -23.13 -17.05
C ILE C 352 -12.02 -21.62 -16.79
N GLN C 353 -11.89 -20.82 -17.86
CA GLN C 353 -12.10 -19.38 -17.76
C GLN C 353 -13.51 -19.11 -17.25
N THR C 354 -14.50 -19.80 -17.78
CA THR C 354 -15.85 -19.52 -17.34
C THR C 354 -16.04 -19.96 -15.88
N ALA C 355 -15.16 -20.81 -15.35
CA ALA C 355 -15.30 -21.27 -13.95
C ALA C 355 -14.55 -20.38 -12.97
N SER C 356 -13.97 -19.29 -13.50
CA SER C 356 -13.04 -18.48 -12.75
C SER C 356 -13.75 -17.32 -12.06
N PRO C 357 -13.27 -16.90 -10.88
CA PRO C 357 -13.95 -15.78 -10.20
C PRO C 357 -13.75 -14.38 -10.85
N VAL C 358 -12.57 -14.14 -11.45
CA VAL C 358 -12.19 -12.87 -12.06
C VAL C 358 -12.17 -13.06 -13.60
N ASP C 359 -12.76 -12.11 -14.31
CA ASP C 359 -12.85 -12.13 -15.78
C ASP C 359 -13.45 -13.37 -16.38
N SER C 360 -14.46 -13.92 -15.71
CA SER C 360 -15.14 -15.14 -16.14
C SER C 360 -15.80 -15.02 -17.51
N PHE C 361 -16.09 -13.78 -17.90
CA PHE C 361 -16.84 -13.47 -19.11
C PHE C 361 -15.91 -13.23 -20.28
N VAL C 362 -14.60 -13.24 -20.04
CA VAL C 362 -13.62 -12.94 -21.10
C VAL C 362 -13.46 -14.14 -22.01
N GLN C 363 -13.57 -13.92 -23.31
CA GLN C 363 -13.47 -15.06 -24.27
C GLN C 363 -12.02 -15.30 -24.70
N CYS C 364 -11.46 -16.44 -24.24
CA CYS C 364 -10.07 -16.87 -24.50
C CYS C 364 -9.78 -17.09 -25.97
N GLU C 365 -8.79 -16.35 -26.47
CA GLU C 365 -8.34 -16.46 -27.86
C GLU C 365 -6.92 -17.05 -27.90
N ALA C 366 -6.70 -17.96 -28.85
CA ALA C 366 -5.36 -18.41 -29.18
C ALA C 366 -4.53 -17.18 -29.65
N TRP C 367 -3.55 -16.76 -28.83
CA TRP C 367 -2.74 -15.58 -29.13
C TRP C 367 -1.74 -15.83 -30.30
N ASP C 374 3.21 -21.53 -33.58
CA ASP C 374 2.14 -22.07 -32.71
C ASP C 374 1.52 -21.06 -31.72
N LYS C 375 0.21 -20.85 -31.84
CA LYS C 375 -0.51 -19.97 -30.90
C LYS C 375 -0.67 -20.65 -29.51
N VAL C 376 -0.70 -19.83 -28.46
CA VAL C 376 -0.94 -20.30 -27.07
C VAL C 376 -2.21 -19.74 -26.38
N ILE C 377 -3.16 -20.61 -26.08
CA ILE C 377 -4.39 -20.23 -25.39
C ILE C 377 -4.28 -20.40 -23.86
N MSE C 378 -4.94 -19.51 -23.14
CA MSE C 378 -4.90 -19.53 -21.68
C MSE C 378 -6.18 -19.10 -21.01
O MSE C 378 -6.86 -18.19 -21.49
CB MSE C 378 -3.85 -18.54 -21.19
CG MSE C 378 -2.60 -18.48 -22.06
SE MSE C 378 -1.26 -17.33 -21.21
CE MSE C 378 -0.13 -18.75 -20.15
N ALA C 379 -6.46 -19.77 -19.91
CA ALA C 379 -7.45 -19.37 -18.93
C ALA C 379 -6.63 -18.75 -17.80
N ALA C 380 -6.95 -17.52 -17.41
CA ALA C 380 -6.20 -16.84 -16.35
C ALA C 380 -7.07 -15.87 -15.58
N GLY C 381 -8.23 -16.32 -15.15
CA GLY C 381 -9.14 -15.46 -14.38
C GLY C 381 -8.85 -15.53 -12.89
N THR C 382 -7.82 -14.78 -12.48
CA THR C 382 -7.22 -14.87 -11.16
C THR C 382 -7.15 -13.53 -10.45
N PHE C 383 -7.01 -13.55 -9.13
CA PHE C 383 -6.88 -12.34 -8.32
C PHE C 383 -5.55 -11.65 -8.55
N VAL C 384 -4.49 -12.45 -8.65
CA VAL C 384 -3.14 -12.02 -8.96
C VAL C 384 -2.82 -12.36 -10.43
N GLN C 385 -2.42 -11.34 -11.20
CA GLN C 385 -2.24 -11.48 -12.63
C GLN C 385 -1.11 -12.43 -12.93
N GLY C 386 -1.45 -13.54 -13.59
CA GLY C 386 -0.43 -14.52 -13.91
C GLY C 386 -0.20 -15.56 -12.84
N ALA C 387 -0.85 -15.45 -11.68
CA ALA C 387 -0.61 -16.42 -10.58
C ALA C 387 -1.06 -17.80 -11.07
N SER C 388 -0.22 -18.80 -10.91
CA SER C 388 -0.70 -20.10 -11.38
C SER C 388 -1.00 -21.07 -10.25
N ILE C 389 -0.99 -20.54 -9.01
CA ILE C 389 -1.50 -21.31 -7.88
C ILE C 389 -3.02 -21.18 -7.88
N GLU C 390 -3.55 -20.18 -8.56
CA GLU C 390 -4.97 -20.03 -8.72
C GLU C 390 -5.40 -20.87 -9.92
N LEU C 391 -6.68 -21.27 -9.98
CA LEU C 391 -7.11 -22.13 -11.09
C LEU C 391 -6.83 -21.45 -12.43
N SER C 392 -6.10 -22.17 -13.28
CA SER C 392 -5.68 -21.67 -14.58
C SER C 392 -5.43 -22.84 -15.51
N ALA C 393 -5.30 -22.57 -16.81
CA ALA C 393 -4.98 -23.60 -17.81
C ALA C 393 -4.37 -22.94 -19.03
N ASP C 394 -3.57 -23.70 -19.75
CA ASP C 394 -2.97 -23.16 -20.96
C ASP C 394 -2.51 -24.24 -21.87
N ALA C 395 -2.23 -23.88 -23.12
CA ALA C 395 -1.82 -24.86 -24.10
C ALA C 395 -1.34 -24.23 -25.37
N PRO C 396 -0.25 -24.75 -25.95
CA PRO C 396 0.00 -24.40 -27.34
C PRO C 396 -0.98 -25.13 -28.24
N ILE C 397 -1.42 -24.43 -29.29
CA ILE C 397 -2.31 -25.03 -30.23
C ILE C 397 -1.45 -25.83 -31.22
N ARG C 398 -1.33 -27.13 -31.00
CA ARG C 398 -0.68 -28.00 -31.96
C ARG C 398 -0.96 -29.44 -31.59
N GLU C 399 -0.89 -30.32 -32.59
CA GLU C 399 -1.08 -31.74 -32.40
C GLU C 399 -0.14 -32.22 -31.29
N PRO C 400 -0.59 -33.17 -30.45
CA PRO C 400 -1.88 -33.82 -30.31
C PRO C 400 -2.84 -33.10 -29.33
N TYR C 401 -2.72 -31.76 -29.24
CA TYR C 401 -3.64 -30.91 -28.48
C TYR C 401 -3.77 -31.29 -27.00
N ILE C 402 -2.62 -31.20 -26.35
CA ILE C 402 -2.52 -31.39 -24.94
C ILE C 402 -2.81 -30.05 -24.26
N GLY C 403 -3.63 -30.09 -23.21
CA GLY C 403 -3.88 -28.95 -22.35
C GLY C 403 -3.23 -29.20 -20.99
N TYR C 404 -2.85 -28.11 -20.32
CA TYR C 404 -2.25 -28.15 -19.00
C TYR C 404 -3.11 -27.35 -18.06
N LEU C 405 -3.54 -28.02 -17.00
CA LEU C 405 -4.32 -27.43 -15.94
C LEU C 405 -3.44 -27.36 -14.68
N GLN C 406 -3.59 -26.29 -13.92
CA GLN C 406 -2.91 -26.16 -12.63
C GLN C 406 -3.58 -25.14 -11.74
N GLY C 407 -3.45 -25.39 -10.46
CA GLY C 407 -3.85 -24.47 -9.44
C GLY C 407 -5.26 -24.69 -8.95
N GLY C 408 -5.62 -23.88 -7.97
CA GLY C 408 -6.93 -23.92 -7.34
C GLY C 408 -6.70 -23.49 -5.91
N LEU C 409 -7.18 -22.30 -5.58
CA LEU C 409 -7.06 -21.81 -4.21
C LEU C 409 -7.77 -22.78 -3.25
N THR C 410 -8.85 -23.42 -3.72
CA THR C 410 -9.53 -24.46 -2.98
C THR C 410 -9.83 -25.61 -3.93
N PHE C 411 -9.90 -26.83 -3.39
CA PHE C 411 -10.26 -27.99 -4.19
C PHE C 411 -11.69 -27.87 -4.69
N ASP C 412 -12.57 -27.25 -3.92
CA ASP C 412 -13.92 -27.08 -4.39
C ASP C 412 -13.90 -26.29 -5.67
N HIS C 413 -13.06 -25.24 -5.76
CA HIS C 413 -12.98 -24.46 -6.98
C HIS C 413 -12.41 -25.28 -8.14
N ALA C 414 -11.30 -25.97 -7.93
CA ALA C 414 -10.67 -26.76 -8.97
C ALA C 414 -11.62 -27.77 -9.50
N LYS C 415 -12.26 -28.48 -8.59
CA LYS C 415 -13.20 -29.53 -8.94
C LYS C 415 -14.30 -28.98 -9.80
N LEU C 416 -14.88 -27.89 -9.33
CA LEU C 416 -16.01 -27.28 -10.09
C LEU C 416 -15.63 -26.82 -11.50
N GLY C 417 -14.46 -26.21 -11.58
CA GLY C 417 -13.88 -25.85 -12.85
C GLY C 417 -13.80 -26.99 -13.83
N VAL C 418 -13.29 -28.13 -13.36
CA VAL C 418 -13.16 -29.31 -14.21
C VAL C 418 -14.53 -29.83 -14.62
N LEU C 419 -15.50 -29.84 -13.70
CA LEU C 419 -16.84 -30.27 -14.05
C LEU C 419 -17.41 -29.33 -15.12
N ILE C 420 -17.17 -28.05 -14.96
CA ILE C 420 -17.77 -27.09 -15.91
C ILE C 420 -17.14 -27.31 -17.30
N ALA C 421 -15.82 -27.42 -17.31
CA ALA C 421 -15.09 -27.63 -18.54
C ALA C 421 -15.43 -28.98 -19.23
N LEU C 422 -15.38 -30.07 -18.47
CA LEU C 422 -15.68 -31.39 -19.04
C LEU C 422 -17.09 -31.40 -19.62
N SER C 423 -18.01 -30.63 -19.05
CA SER C 423 -19.39 -30.62 -19.52
C SER C 423 -19.57 -30.06 -20.92
N LYS C 424 -18.55 -29.35 -21.40
CA LYS C 424 -18.54 -28.83 -22.75
C LYS C 424 -18.06 -29.88 -23.74
N LEU C 425 -17.49 -30.98 -23.24
CA LEU C 425 -16.90 -31.97 -24.11
C LEU C 425 -17.68 -33.27 -24.14
N ILE C 426 -18.45 -33.56 -23.11
CA ILE C 426 -19.23 -34.78 -23.09
C ILE C 426 -20.59 -34.57 -22.44
N MSE C 427 -21.59 -35.25 -22.99
CA MSE C 427 -22.96 -35.20 -22.48
C MSE C 427 -23.72 -36.47 -22.76
O MSE C 427 -24.80 -36.67 -22.18
OXT MSE C 427 -23.27 -37.32 -23.55
CB MSE C 427 -23.70 -34.02 -23.09
CG MSE C 427 -23.64 -33.98 -24.60
SE MSE C 427 -23.41 -32.12 -25.12
CE MSE C 427 -21.41 -31.74 -24.78
N GLY D 1 12.46 40.20 7.27
CA GLY D 1 11.46 40.61 8.30
C GLY D 1 10.97 39.41 9.13
N MSE D 2 11.90 38.57 9.57
CA MSE D 2 11.57 37.42 10.40
C MSE D 2 10.64 37.86 11.55
O MSE D 2 10.90 38.87 12.22
CB MSE D 2 12.88 36.83 10.94
CG MSE D 2 12.73 36.00 12.16
SE MSE D 2 14.43 35.13 12.66
CE MSE D 2 14.74 33.97 11.04
N LEU D 3 9.54 37.14 11.76
CA LEU D 3 8.59 37.47 12.83
C LEU D 3 9.25 37.40 14.23
N GLU D 4 8.77 38.23 15.18
CA GLU D 4 9.37 38.23 16.51
C GLU D 4 9.30 36.85 17.16
N PHE D 5 8.18 36.15 16.97
CA PHE D 5 8.03 34.79 17.54
C PHE D 5 9.01 33.75 16.94
N THR D 6 9.32 33.89 15.65
CA THR D 6 10.29 33.02 15.04
C THR D 6 11.65 33.25 15.71
N LYS D 7 12.04 34.52 15.82
CA LYS D 7 13.34 34.86 16.39
C LYS D 7 13.41 34.33 17.83
N ARG D 8 12.36 34.60 18.61
CA ARG D 8 12.30 34.16 20.01
C ARG D 8 12.51 32.62 20.11
N SER D 9 11.77 31.86 19.32
CA SER D 9 11.87 30.40 19.31
C SER D 9 13.26 29.92 18.90
N LEU D 10 13.81 30.56 17.88
CA LEU D 10 15.12 30.19 17.41
C LEU D 10 16.15 30.44 18.48
N MSE D 11 16.07 31.59 19.13
CA MSE D 11 17.04 31.90 20.18
C MSE D 11 16.83 31.03 21.42
O MSE D 11 17.82 30.50 21.97
CB MSE D 11 17.00 33.35 20.55
CG MSE D 11 17.32 34.25 19.40
SE MSE D 11 17.45 36.13 19.86
CE MSE D 11 15.61 36.50 20.95
N ASN D 12 15.58 30.82 21.82
CA ASN D 12 15.27 30.06 23.05
C ASN D 12 15.38 28.55 22.89
N LYS D 13 14.77 28.00 21.85
CA LYS D 13 14.75 26.58 21.66
C LYS D 13 16.02 26.05 21.02
N TYR D 14 16.61 26.80 20.08
CA TYR D 14 17.74 26.29 19.29
C TYR D 14 19.08 26.93 19.61
N ASN D 15 19.07 27.86 20.56
CA ASN D 15 20.24 28.66 20.92
C ASN D 15 20.93 29.32 19.74
N ILE D 16 20.11 29.83 18.81
CA ILE D 16 20.65 30.60 17.70
C ILE D 16 20.99 31.98 18.30
N ASN D 17 22.14 32.55 17.96
CA ASN D 17 22.57 33.80 18.60
C ASN D 17 22.41 34.95 17.62
N GLU D 18 22.61 36.19 18.10
CA GLU D 18 22.45 37.39 17.28
C GLU D 18 23.47 37.46 16.16
N ARG D 19 24.70 36.98 16.39
CA ARG D 19 25.69 37.01 15.34
C ARG D 19 25.21 36.18 14.17
N VAL D 20 24.69 34.98 14.46
CA VAL D 20 24.18 34.14 13.40
C VAL D 20 22.97 34.77 12.69
N LEU D 21 22.08 35.39 13.48
CA LEU D 21 20.95 36.08 12.85
C LEU D 21 21.40 37.26 11.99
N GLU D 22 22.48 37.93 12.36
CA GLU D 22 22.96 39.02 11.50
C GLU D 22 23.49 38.42 10.18
N LEU D 23 24.20 37.30 10.24
CA LEU D 23 24.73 36.67 9.01
C LEU D 23 23.58 36.23 8.10
N TYR D 24 22.52 35.71 8.73
CA TYR D 24 21.28 35.31 8.05
C TYR D 24 20.69 36.45 7.26
N GLU D 25 20.53 37.61 7.88
CA GLU D 25 19.95 38.75 7.18
C GLU D 25 20.83 39.15 6.01
N ARG D 26 22.15 39.21 6.22
CA ARG D 26 23.06 39.62 5.14
C ARG D 26 23.01 38.59 4.02
N ALA D 27 23.15 37.32 4.36
CA ALA D 27 23.15 36.25 3.35
C ALA D 27 21.86 36.25 2.53
N LEU D 28 20.74 36.43 3.18
CA LEU D 28 19.48 36.40 2.48
C LEU D 28 19.44 37.53 1.45
N ASN D 29 19.85 38.72 1.87
CA ASN D 29 19.89 39.83 0.90
C ASN D 29 20.85 39.55 -0.23
N ASP D 30 22.01 39.00 0.09
CA ASP D 30 23.01 38.73 -0.92
C ASP D 30 22.57 37.76 -1.97
N VAL D 31 21.72 36.81 -1.63
CA VAL D 31 21.33 35.77 -2.60
C VAL D 31 20.02 36.03 -3.32
N GLU D 32 19.40 37.17 -3.06
CA GLU D 32 18.09 37.44 -3.68
C GLU D 32 18.11 37.45 -5.22
N LYS D 33 19.12 38.02 -5.84
CA LYS D 33 19.20 38.00 -7.31
C LYS D 33 19.40 36.57 -7.85
N GLU D 34 20.21 35.77 -7.16
CA GLU D 34 20.38 34.39 -7.55
C GLU D 34 19.02 33.65 -7.50
N PHE D 35 18.28 33.82 -6.41
CA PHE D 35 16.99 33.16 -6.24
C PHE D 35 16.01 33.50 -7.40
N LYS D 36 16.01 34.75 -7.83
CA LYS D 36 15.13 35.15 -8.93
C LYS D 36 15.51 34.47 -10.23
N TYR D 37 16.80 34.27 -10.40
CA TYR D 37 17.29 33.56 -11.56
C TYR D 37 16.78 32.11 -11.53
N TYR D 38 16.85 31.45 -10.38
CA TYR D 38 16.34 30.07 -10.30
C TYR D 38 14.85 29.96 -10.48
N ASP D 39 14.13 31.00 -10.08
CA ASP D 39 12.67 31.01 -10.27
C ASP D 39 12.29 30.94 -11.74
N GLU D 40 13.09 31.58 -12.57
CA GLU D 40 12.91 31.59 -14.04
C GLU D 40 13.07 30.21 -14.64
N ILE D 41 14.11 29.52 -14.18
CA ILE D 41 14.33 28.14 -14.56
C ILE D 41 13.21 27.23 -14.04
N ARG D 42 12.78 27.43 -12.79
CA ARG D 42 11.75 26.60 -12.22
C ARG D 42 10.46 26.70 -13.00
N GLU D 43 10.13 27.92 -13.41
CA GLU D 43 8.89 28.17 -14.14
C GLU D 43 8.89 27.41 -15.49
N TYR D 44 10.02 27.48 -16.18
CA TYR D 44 10.22 26.76 -17.40
C TYR D 44 10.02 25.24 -17.18
N ASN D 45 10.74 24.70 -16.21
CA ASN D 45 10.68 23.29 -15.93
C ASN D 45 9.31 22.85 -15.43
N GLN D 46 8.62 23.67 -14.67
CA GLN D 46 7.28 23.30 -14.27
C GLN D 46 6.39 23.14 -15.51
N LEU D 47 6.52 24.07 -16.43
CA LEU D 47 5.78 24.05 -17.68
C LEU D 47 6.17 22.86 -18.55
N LYS D 48 7.46 22.57 -18.65
CA LYS D 48 7.89 21.38 -19.41
C LYS D 48 7.19 20.10 -18.90
N VAL D 49 7.08 19.97 -17.57
CA VAL D 49 6.52 18.78 -16.98
C VAL D 49 4.99 18.76 -17.22
N LEU D 50 4.33 19.87 -16.98
CA LEU D 50 2.90 19.95 -17.19
C LEU D 50 2.58 19.56 -18.64
N LYS D 51 3.31 20.09 -19.60
CA LYS D 51 3.03 19.75 -21.00
C LYS D 51 3.17 18.25 -21.27
N ALA D 52 4.21 17.64 -20.71
CA ALA D 52 4.46 16.20 -20.88
C ALA D 52 3.24 15.39 -20.31
N PHE D 53 2.73 15.78 -19.15
CA PHE D 53 1.55 15.12 -18.59
C PHE D 53 0.36 15.19 -19.58
N GLN D 54 0.12 16.40 -20.07
CA GLN D 54 -1.02 16.68 -20.94
C GLN D 54 -0.87 16.04 -22.29
N GLU D 55 0.36 15.96 -22.81
CA GLU D 55 0.54 15.29 -24.09
C GLU D 55 0.38 13.77 -23.98
N GLU D 56 0.59 13.20 -22.81
CA GLU D 56 0.35 11.79 -22.62
C GLU D 56 -1.08 11.51 -22.11
N ARG D 57 -1.89 12.54 -21.99
CA ARG D 57 -3.25 12.42 -21.49
C ARG D 57 -3.35 11.64 -20.15
N ILE D 58 -2.52 12.03 -19.20
CA ILE D 58 -2.56 11.39 -17.92
C ILE D 58 -3.93 11.61 -17.30
N SER D 59 -4.49 10.52 -16.75
CA SER D 59 -5.76 10.55 -16.04
C SER D 59 -5.71 9.68 -14.80
N GLU D 60 -6.81 9.69 -14.06
CA GLU D 60 -6.93 8.84 -12.84
C GLU D 60 -6.65 7.35 -13.18
N SER D 61 -7.01 6.91 -14.39
CA SER D 61 -6.79 5.51 -14.77
C SER D 61 -5.30 5.10 -14.92
N HIS D 62 -4.42 6.08 -14.94
CA HIS D 62 -2.98 5.82 -14.89
C HIS D 62 -2.50 5.53 -13.49
N PHE D 63 -3.36 5.75 -12.48
CA PHE D 63 -2.97 5.48 -11.07
C PHE D 63 -3.35 4.01 -10.75
N THR D 64 -2.57 3.14 -11.39
CA THR D 64 -2.76 1.71 -11.38
C THR D 64 -2.29 1.09 -10.05
N ASN D 65 -2.75 -0.16 -9.91
CA ASN D 65 -2.53 -1.01 -8.80
C ASN D 65 -2.24 -2.43 -9.36
N SER D 66 -1.24 -2.55 -10.21
CA SER D 66 -0.96 -3.83 -10.89
C SER D 66 -0.45 -4.88 -9.91
N SER D 67 -0.65 -6.15 -10.28
CA SER D 67 -0.18 -7.31 -9.53
C SER D 67 0.49 -8.28 -10.46
N GLY D 68 1.08 -9.29 -9.84
CA GLY D 68 1.73 -10.37 -10.55
C GLY D 68 2.65 -9.85 -11.61
N TYR D 69 2.48 -10.34 -12.85
CA TYR D 69 3.37 -10.01 -13.99
C TYR D 69 3.33 -8.57 -14.39
N GLY D 70 2.22 -7.87 -14.12
CA GLY D 70 2.15 -6.47 -14.51
C GLY D 70 2.12 -6.32 -16.02
N TYR D 71 1.49 -7.30 -16.70
CA TYR D 71 1.28 -7.22 -18.13
C TYR D 71 0.30 -6.03 -18.34
N ASN D 72 0.71 -5.13 -19.24
CA ASN D 72 -0.10 -3.95 -19.60
C ASN D 72 -0.49 -2.98 -18.49
N ASP D 73 0.48 -2.68 -17.61
CA ASP D 73 0.26 -1.66 -16.58
C ASP D 73 0.34 -0.30 -17.30
N ILE D 74 -0.81 0.31 -17.61
CA ILE D 74 -0.83 1.54 -18.40
C ILE D 74 -0.22 2.72 -17.67
N GLY D 75 -0.33 2.74 -16.33
CA GLY D 75 0.33 3.74 -15.52
C GLY D 75 1.84 3.75 -15.68
N ARG D 76 2.41 2.58 -15.52
CA ARG D 76 3.82 2.37 -15.65
C ARG D 76 4.31 2.77 -17.04
N ASP D 77 3.62 2.28 -18.08
CA ASP D 77 4.04 2.52 -19.46
C ASP D 77 3.88 3.97 -19.86
N SER D 78 2.87 4.64 -19.34
CA SER D 78 2.70 6.05 -19.65
C SER D 78 3.69 6.92 -18.89
N LEU D 79 4.11 6.48 -17.69
CA LEU D 79 5.13 7.29 -16.96
C LEU D 79 6.42 7.25 -17.74
N ASP D 80 6.79 6.08 -18.24
CA ASP D 80 7.94 6.02 -19.16
C ASP D 80 7.82 7.01 -20.33
N ARG D 81 6.63 7.12 -20.96
CA ARG D 81 6.47 8.06 -22.07
C ARG D 81 6.58 9.51 -21.60
N VAL D 82 6.06 9.80 -20.41
CA VAL D 82 6.15 11.18 -19.86
C VAL D 82 7.64 11.56 -19.63
N TYR D 83 8.42 10.68 -19.00
CA TYR D 83 9.81 10.95 -18.78
C TYR D 83 10.56 11.10 -20.12
N ALA D 84 10.31 10.21 -21.08
CA ALA D 84 10.99 10.31 -22.40
C ALA D 84 10.71 11.71 -23.04
N ASN D 85 9.47 12.15 -22.90
CA ASN D 85 9.10 13.47 -23.41
C ASN D 85 9.88 14.58 -22.67
N ILE D 86 9.92 14.52 -21.35
CA ILE D 86 10.61 15.55 -20.55
C ILE D 86 12.10 15.62 -20.90
N PHE D 87 12.71 14.45 -21.03
CA PHE D 87 14.14 14.39 -21.31
C PHE D 87 14.48 14.50 -22.80
N ASN D 88 13.46 14.55 -23.63
CA ASN D 88 13.60 14.58 -25.09
C ASN D 88 14.41 13.40 -25.63
N THR D 89 14.04 12.20 -25.14
CA THR D 89 14.68 10.96 -25.54
C THR D 89 13.65 10.08 -26.28
N GLU D 90 14.14 9.11 -27.02
CA GLU D 90 13.24 8.12 -27.65
C GLU D 90 12.50 7.30 -26.59
N SER D 91 13.20 6.91 -25.53
CA SER D 91 12.63 6.04 -24.52
C SER D 91 13.06 6.38 -23.12
N ALA D 92 12.35 5.74 -22.18
CA ALA D 92 12.64 5.85 -20.77
C ALA D 92 12.07 4.62 -20.11
N PHE D 93 12.61 4.35 -18.93
CA PHE D 93 12.35 3.15 -18.14
C PHE D 93 12.48 3.56 -16.67
N VAL D 94 11.32 3.73 -16.05
CA VAL D 94 11.17 4.20 -14.71
C VAL D 94 10.48 3.11 -13.91
N ARG D 95 11.11 2.71 -12.80
CA ARG D 95 10.60 1.58 -12.06
C ARG D 95 10.92 1.73 -10.61
N PRO D 96 9.99 1.28 -9.75
CA PRO D 96 10.24 1.25 -8.29
C PRO D 96 11.21 0.09 -7.94
N HIS D 97 11.39 -0.81 -8.88
CA HIS D 97 12.24 -1.97 -8.66
C HIS D 97 13.72 -1.66 -8.49
N PHE D 98 14.18 -0.51 -8.96
CA PHE D 98 15.59 -0.17 -8.75
C PHE D 98 15.75 0.12 -7.25
N VAL D 99 16.77 -0.48 -6.64
CA VAL D 99 16.95 -0.40 -5.21
C VAL D 99 17.63 0.89 -4.77
N ASN D 100 18.36 1.52 -5.72
CA ASN D 100 19.01 2.82 -5.54
C ASN D 100 19.49 3.31 -6.92
N GLY D 101 20.14 4.46 -6.97
CA GLY D 101 20.51 5.04 -8.25
C GLY D 101 21.71 4.29 -8.81
N THR D 102 22.52 3.71 -7.94
CA THR D 102 23.65 2.89 -8.37
C THR D 102 23.18 1.73 -9.22
N HIS D 103 22.03 1.17 -8.85
CA HIS D 103 21.43 0.05 -9.55
C HIS D 103 21.05 0.52 -10.94
N ALA D 104 20.41 1.67 -11.06
CA ALA D 104 20.01 2.20 -12.38
C ALA D 104 21.23 2.49 -13.27
N ILE D 105 22.26 3.07 -12.67
CA ILE D 105 23.50 3.39 -13.38
C ILE D 105 24.19 2.12 -13.82
N GLY D 106 24.37 1.19 -12.89
CA GLY D 106 24.91 -0.13 -13.21
C GLY D 106 24.19 -0.88 -14.32
N ALA D 107 22.87 -0.87 -14.30
CA ALA D 107 22.07 -1.57 -15.30
C ALA D 107 22.31 -0.93 -16.69
N ALA D 108 22.42 0.39 -16.73
CA ALA D 108 22.69 1.11 -17.98
C ALA D 108 24.05 0.70 -18.55
N LEU D 109 25.05 0.50 -17.67
CA LEU D 109 26.37 0.08 -18.10
C LEU D 109 26.41 -1.38 -18.51
N PHE D 110 26.00 -2.29 -17.63
CA PHE D 110 25.99 -3.71 -17.93
C PHE D 110 25.25 -3.99 -19.21
N GLY D 111 24.08 -3.41 -19.35
CA GLY D 111 23.29 -3.70 -20.52
C GLY D 111 23.91 -3.36 -21.86
N ASN D 112 24.76 -2.33 -21.85
CA ASN D 112 25.33 -1.78 -23.07
C ASN D 112 26.79 -2.11 -23.30
N LEU D 113 27.27 -3.12 -22.59
CA LEU D 113 28.66 -3.58 -22.69
C LEU D 113 28.70 -5.10 -22.76
N ARG D 114 29.72 -5.58 -23.46
CA ARG D 114 29.96 -7.01 -23.66
C ARG D 114 31.44 -7.32 -23.48
N PRO D 115 31.75 -8.60 -23.32
CA PRO D 115 33.15 -8.94 -23.16
C PRO D 115 34.01 -8.41 -24.32
N ASN D 116 35.19 -7.92 -23.96
CA ASN D 116 36.17 -7.33 -24.87
C ASN D 116 35.85 -5.90 -25.25
N ASP D 117 34.69 -5.39 -24.81
CA ASP D 117 34.38 -3.98 -24.96
C ASP D 117 35.15 -3.21 -23.88
N THR D 118 35.43 -1.94 -24.17
CA THR D 118 36.01 -1.04 -23.17
C THR D 118 35.05 0.08 -22.79
N MSE D 119 34.94 0.31 -21.48
CA MSE D 119 34.21 1.43 -20.90
C MSE D 119 35.24 2.50 -20.48
O MSE D 119 36.28 2.16 -19.92
CB MSE D 119 33.45 0.99 -19.64
CG MSE D 119 32.82 2.09 -18.87
SE MSE D 119 32.08 1.47 -17.14
CE MSE D 119 31.71 3.27 -16.37
N MSE D 120 34.94 3.76 -20.73
CA MSE D 120 35.89 4.80 -20.39
C MSE D 120 35.24 5.93 -19.65
O MSE D 120 34.27 6.55 -20.14
CB MSE D 120 36.62 5.33 -21.64
CG MSE D 120 37.70 6.44 -21.32
SE MSE D 120 38.82 6.96 -22.81
CE MSE D 120 37.38 7.69 -23.92
N SER D 121 35.72 6.15 -18.42
CA SER D 121 35.25 7.24 -17.59
C SER D 121 36.13 8.46 -17.90
N ILE D 122 35.51 9.59 -18.15
CA ILE D 122 36.27 10.76 -18.54
C ILE D 122 36.35 11.93 -17.53
N CYS D 123 35.69 11.79 -16.38
CA CYS D 123 35.71 12.79 -15.34
C CYS D 123 36.53 12.33 -14.13
N GLY D 124 37.61 11.60 -14.34
CA GLY D 124 38.38 11.07 -13.21
C GLY D 124 37.69 9.90 -12.53
N MSE D 125 38.09 9.62 -11.29
CA MSE D 125 37.57 8.51 -10.48
C MSE D 125 36.05 8.60 -10.26
O MSE D 125 35.52 9.65 -9.91
CB MSE D 125 38.27 8.49 -9.11
CG MSE D 125 38.16 7.14 -8.29
SE MSE D 125 38.91 5.63 -9.25
CE MSE D 125 40.62 6.37 -9.83
N PRO D 126 35.34 7.51 -10.56
CA PRO D 126 33.92 7.53 -10.33
C PRO D 126 33.57 7.48 -8.86
N TYR D 127 32.34 7.87 -8.57
CA TYR D 127 31.69 7.67 -7.26
C TYR D 127 32.01 6.28 -6.69
N ASP D 128 32.32 6.22 -5.40
CA ASP D 128 32.76 4.99 -4.70
C ASP D 128 31.89 3.77 -4.93
N THR D 129 30.60 3.99 -4.97
CA THR D 129 29.65 2.92 -5.17
C THR D 129 29.74 2.26 -6.53
N LEU D 130 30.41 2.89 -7.50
CA LEU D 130 30.59 2.26 -8.81
C LEU D 130 31.78 1.38 -8.91
N HIS D 131 32.63 1.37 -7.90
CA HIS D 131 33.89 0.69 -8.00
C HIS D 131 33.75 -0.79 -8.17
N ASP D 132 32.76 -1.37 -7.51
CA ASP D 132 32.48 -2.82 -7.67
C ASP D 132 31.79 -3.14 -8.99
N ILE D 133 30.93 -2.21 -9.49
CA ILE D 133 30.32 -2.36 -10.85
C ILE D 133 31.42 -2.52 -11.92
N ILE D 134 32.41 -1.65 -11.86
CA ILE D 134 33.56 -1.66 -12.78
C ILE D 134 34.48 -2.89 -12.52
N GLY D 135 34.73 -3.17 -11.25
CA GLY D 135 35.58 -4.30 -10.84
C GLY D 135 36.98 -3.81 -10.54
N MSE D 136 37.09 -2.91 -9.60
CA MSE D 136 38.36 -2.28 -9.34
C MSE D 136 39.27 -3.04 -8.42
O MSE D 136 40.45 -2.82 -8.43
CB MSE D 136 38.16 -0.83 -8.92
CG MSE D 136 38.02 0.00 -10.17
SE MSE D 136 37.70 1.74 -9.68
CE MSE D 136 36.86 2.46 -11.21
N ASP D 137 38.73 -3.99 -7.68
CA ASP D 137 39.53 -4.83 -6.80
C ASP D 137 39.47 -6.29 -7.28
N ASP D 138 40.56 -6.81 -7.81
CA ASP D 138 40.60 -8.16 -8.36
C ASP D 138 40.67 -9.28 -7.30
N SER D 139 40.60 -8.92 -6.02
CA SER D 139 40.55 -9.93 -4.95
C SER D 139 39.09 -10.29 -4.58
N LYS D 140 38.13 -9.53 -5.09
CA LYS D 140 36.71 -9.75 -4.82
C LYS D 140 36.01 -10.35 -6.03
N LYS D 141 35.10 -11.27 -5.78
CA LYS D 141 34.28 -11.85 -6.82
C LYS D 141 32.91 -11.29 -6.58
N VAL D 142 32.56 -10.27 -7.36
CA VAL D 142 31.31 -9.60 -7.20
C VAL D 142 30.48 -9.48 -8.49
N GLY D 143 30.88 -10.18 -9.54
CA GLY D 143 30.18 -10.11 -10.82
C GLY D 143 30.31 -8.78 -11.53
N SER D 144 31.50 -8.20 -11.43
CA SER D 144 31.77 -6.91 -12.03
C SER D 144 31.93 -7.01 -13.53
N LEU D 145 31.85 -5.85 -14.18
CA LEU D 145 32.15 -5.73 -15.60
C LEU D 145 33.46 -6.41 -15.97
N ARG D 146 34.50 -6.13 -15.20
CA ARG D 146 35.81 -6.75 -15.42
C ARG D 146 35.73 -8.28 -15.40
N GLU D 147 34.97 -8.82 -14.46
CA GLU D 147 34.80 -10.28 -14.36
C GLU D 147 34.04 -10.80 -15.57
N TYR D 148 33.31 -9.93 -16.26
CA TYR D 148 32.67 -10.32 -17.51
C TYR D 148 33.45 -9.89 -18.75
N GLY D 149 34.72 -9.59 -18.57
CA GLY D 149 35.59 -9.32 -19.72
C GLY D 149 35.56 -7.91 -20.24
N VAL D 150 34.92 -7.02 -19.51
CA VAL D 150 34.81 -5.63 -19.95
C VAL D 150 36.04 -4.87 -19.43
N LYS D 151 36.77 -4.26 -20.34
N LYS D 151 36.77 -4.27 -20.35
CA LYS D 151 37.96 -3.49 -20.01
CA LYS D 151 37.95 -3.46 -20.06
C LYS D 151 37.54 -2.08 -19.57
C LYS D 151 37.52 -2.07 -19.57
N TYR D 152 38.40 -1.43 -18.78
CA TYR D 152 38.10 -0.14 -18.21
C TYR D 152 39.25 0.85 -18.38
N LYS D 153 38.94 2.05 -18.83
CA LYS D 153 39.94 3.12 -18.85
C LYS D 153 39.33 4.29 -18.11
N MSE D 154 40.20 5.08 -17.49
CA MSE D 154 39.77 6.26 -16.81
C MSE D 154 40.69 7.44 -17.11
O MSE D 154 41.92 7.31 -17.09
CB MSE D 154 39.68 5.94 -15.33
CG MSE D 154 39.08 7.06 -14.58
SE MSE D 154 40.44 7.75 -13.44
CE MSE D 154 39.80 6.36 -12.27
N VAL D 155 40.10 8.57 -17.48
CA VAL D 155 40.88 9.75 -17.89
C VAL D 155 40.79 10.72 -16.72
N ASP D 156 41.93 10.98 -16.10
CA ASP D 156 42.01 11.95 -15.03
C ASP D 156 41.72 13.34 -15.53
N LEU D 157 41.19 14.15 -14.63
CA LEU D 157 41.04 15.55 -14.96
C LEU D 157 42.43 16.15 -15.18
N LYS D 158 42.50 17.19 -16.00
CA LYS D 158 43.75 17.89 -16.23
C LYS D 158 43.42 19.35 -15.92
N ASP D 159 44.16 19.94 -14.97
CA ASP D 159 43.92 21.32 -14.53
C ASP D 159 42.46 21.49 -14.11
N GLY D 160 41.95 20.49 -13.42
CA GLY D 160 40.56 20.47 -12.91
C GLY D 160 39.39 20.34 -13.90
N LYS D 161 39.73 20.10 -15.16
CA LYS D 161 38.76 20.05 -16.24
C LYS D 161 38.92 18.71 -16.99
N VAL D 162 37.86 18.26 -17.63
CA VAL D 162 37.92 17.05 -18.44
C VAL D 162 39.00 17.23 -19.52
N ASP D 163 39.89 16.26 -19.62
CA ASP D 163 41.01 16.28 -20.55
C ASP D 163 40.55 15.76 -21.89
N ILE D 164 39.83 16.64 -22.56
CA ILE D 164 39.20 16.32 -23.80
C ILE D 164 40.20 15.87 -24.87
N ASN D 165 41.43 16.37 -24.84
CA ASN D 165 42.40 15.91 -25.79
C ASN D 165 42.83 14.45 -25.58
N THR D 166 42.98 14.02 -24.34
CA THR D 166 43.31 12.61 -24.10
C THR D 166 42.12 11.70 -24.45
N VAL D 167 40.91 12.17 -24.18
CA VAL D 167 39.70 11.43 -24.56
C VAL D 167 39.69 11.14 -26.07
N LYS D 168 40.01 12.16 -26.85
CA LYS D 168 40.07 12.05 -28.31
C LYS D 168 41.17 11.14 -28.77
N GLU D 169 42.34 11.27 -28.15
CA GLU D 169 43.47 10.36 -28.43
C GLU D 169 43.09 8.89 -28.15
N GLU D 170 42.39 8.65 -27.05
CA GLU D 170 41.91 7.30 -26.76
C GLU D 170 40.91 6.82 -27.79
N LEU D 171 39.97 7.67 -28.16
CA LEU D 171 39.03 7.26 -29.17
C LEU D 171 39.70 6.97 -30.53
N LYS D 172 40.73 7.72 -30.91
CA LYS D 172 41.40 7.50 -32.17
C LYS D 172 42.14 6.14 -32.12
N LYS D 173 42.72 5.84 -30.96
CA LYS D 173 43.60 4.71 -30.82
C LYS D 173 42.85 3.41 -30.53
N ASP D 174 41.73 3.46 -29.78
CA ASP D 174 41.13 2.24 -29.24
C ASP D 174 39.71 1.99 -29.72
N ASP D 175 39.65 1.09 -30.70
CA ASP D 175 38.48 0.60 -31.42
C ASP D 175 37.50 -0.08 -30.49
N SER D 176 37.98 -0.56 -29.34
CA SER D 176 37.12 -1.31 -28.43
C SER D 176 36.31 -0.44 -27.49
N ILE D 177 36.53 0.89 -27.51
CA ILE D 177 35.82 1.76 -26.56
C ILE D 177 34.40 1.93 -27.03
N LYS D 178 33.43 1.33 -26.32
CA LYS D 178 32.04 1.38 -26.76
C LYS D 178 31.15 2.37 -26.01
N LEU D 179 31.60 2.77 -24.83
CA LEU D 179 30.81 3.61 -23.94
C LEU D 179 31.73 4.53 -23.19
N ILE D 180 31.35 5.80 -23.20
CA ILE D 180 31.98 6.85 -22.44
C ILE D 180 31.01 7.23 -21.31
N HIS D 181 31.56 7.24 -20.12
CA HIS D 181 30.86 7.55 -18.89
C HIS D 181 31.24 8.94 -18.37
N ILE D 182 30.23 9.82 -18.30
CA ILE D 182 30.39 11.16 -17.73
C ILE D 182 29.59 11.17 -16.42
N GLN D 183 30.20 11.63 -15.35
CA GLN D 183 29.46 11.88 -14.07
C GLN D 183 29.16 13.40 -13.97
N ARG D 184 27.89 13.77 -13.91
CA ARG D 184 27.51 15.19 -13.84
C ARG D 184 27.87 15.81 -12.49
N SER D 185 27.42 15.17 -11.41
CA SER D 185 27.70 15.64 -10.05
C SER D 185 29.06 15.15 -9.53
N THR D 186 29.89 16.06 -9.02
CA THR D 186 31.17 15.68 -8.44
C THR D 186 30.89 14.79 -7.24
N GLY D 187 31.78 13.90 -6.88
CA GLY D 187 31.47 13.23 -5.60
C GLY D 187 32.09 13.96 -4.40
N TYR D 188 32.92 13.22 -3.68
CA TYR D 188 33.61 13.79 -2.57
C TYR D 188 34.89 14.44 -3.05
N GLY D 189 34.81 15.63 -3.63
CA GLY D 189 36.03 16.31 -4.00
C GLY D 189 35.95 17.80 -3.72
N TRP D 190 36.81 18.55 -4.38
CA TRP D 190 36.75 19.98 -4.29
C TRP D 190 36.82 20.46 -5.74
N ARG D 191 35.75 20.19 -6.48
CA ARG D 191 35.65 20.50 -7.90
C ARG D 191 34.18 20.73 -8.17
N LYS D 192 33.87 21.79 -8.87
CA LYS D 192 32.49 22.06 -9.25
C LYS D 192 31.93 20.98 -10.22
N SER D 193 30.68 20.60 -9.97
CA SER D 193 29.96 19.65 -10.82
C SER D 193 29.83 20.23 -12.21
N LEU D 194 29.75 19.33 -13.19
CA LEU D 194 29.77 19.71 -14.60
C LEU D 194 28.46 20.26 -15.07
N ARG D 195 28.46 21.48 -15.57
CA ARG D 195 27.23 22.11 -16.06
C ARG D 195 26.79 21.54 -17.43
N ILE D 196 25.53 21.74 -17.78
CA ILE D 196 25.06 21.20 -19.02
C ILE D 196 25.83 21.74 -20.21
N ALA D 197 26.18 23.02 -20.18
CA ALA D 197 26.96 23.63 -21.29
C ALA D 197 28.34 23.03 -21.39
N GLU D 198 28.90 22.61 -20.27
CA GLU D 198 30.18 21.89 -20.28
C GLU D 198 30.06 20.51 -20.86
N ILE D 199 29.00 19.81 -20.48
CA ILE D 199 28.71 18.48 -21.04
C ILE D 199 28.49 18.61 -22.53
N ALA D 200 27.77 19.66 -22.96
CA ALA D 200 27.54 19.88 -24.38
C ALA D 200 28.82 19.95 -25.19
N GLU D 201 29.80 20.67 -24.68
CA GLU D 201 31.07 20.83 -25.37
C GLU D 201 31.92 19.57 -25.37
N ILE D 202 31.90 18.83 -24.27
CA ILE D 202 32.58 17.56 -24.20
C ILE D 202 32.03 16.64 -25.28
N ILE D 203 30.70 16.62 -25.41
CA ILE D 203 30.07 15.69 -26.34
C ILE D 203 30.36 16.11 -27.77
N LYS D 204 30.24 17.41 -28.04
CA LYS D 204 30.57 18.00 -29.34
C LYS D 204 31.98 17.64 -29.73
N SER D 205 32.92 17.65 -28.78
CA SER D 205 34.28 17.21 -29.09
C SER D 205 34.37 15.74 -29.40
N ILE D 206 33.66 14.91 -28.62
CA ILE D 206 33.64 13.49 -28.89
C ILE D 206 33.09 13.26 -30.31
N ARG D 207 32.03 13.97 -30.68
CA ARG D 207 31.41 13.76 -31.96
C ARG D 207 32.24 14.24 -33.15
N GLU D 208 33.35 14.94 -32.89
CA GLU D 208 34.28 15.31 -33.96
C GLU D 208 35.05 14.07 -34.46
N VAL D 209 35.16 13.04 -33.62
CA VAL D 209 35.93 11.87 -33.99
C VAL D 209 35.08 10.61 -34.11
N ASN D 210 33.96 10.53 -33.41
CA ASN D 210 33.24 9.29 -33.30
C ASN D 210 31.79 9.54 -32.94
N GLU D 211 30.90 9.25 -33.89
CA GLU D 211 29.47 9.42 -33.73
C GLU D 211 28.75 8.17 -33.23
N ASN D 212 29.48 7.08 -33.00
CA ASN D 212 28.85 5.84 -32.57
C ASN D 212 29.05 5.46 -31.10
N VAL D 213 30.15 5.90 -30.49
CA VAL D 213 30.41 5.59 -29.09
C VAL D 213 29.22 6.06 -28.25
N ILE D 214 28.76 5.21 -27.32
CA ILE D 214 27.65 5.57 -26.45
C ILE D 214 28.09 6.59 -25.41
N VAL D 215 27.44 7.74 -25.36
CA VAL D 215 27.71 8.69 -24.31
C VAL D 215 26.65 8.56 -23.20
N PHE D 216 27.10 8.03 -22.06
CA PHE D 216 26.32 7.82 -20.86
C PHE D 216 26.61 8.89 -19.83
N VAL D 217 25.55 9.53 -19.31
CA VAL D 217 25.72 10.50 -18.16
C VAL D 217 24.93 10.04 -16.90
N ASP D 218 25.65 9.85 -15.81
CA ASP D 218 25.07 9.67 -14.47
C ASP D 218 24.47 11.01 -14.11
N ASN D 219 23.14 11.11 -14.11
CA ASN D 219 22.46 12.42 -13.96
C ASN D 219 22.02 12.69 -12.52
N CYS D 220 22.42 11.83 -11.59
CA CYS D 220 22.02 12.01 -10.21
C CYS D 220 22.28 13.42 -9.66
N TYR D 221 21.25 13.96 -9.00
CA TYR D 221 21.23 15.26 -8.34
C TYR D 221 21.06 16.43 -9.27
N GLY D 222 21.03 16.17 -10.56
CA GLY D 222 20.98 17.29 -11.49
C GLY D 222 19.62 17.56 -12.10
N GLU D 223 18.63 16.70 -11.89
CA GLU D 223 17.38 16.83 -12.62
C GLU D 223 16.72 18.09 -12.23
N PHE D 224 16.24 18.83 -13.23
CA PHE D 224 15.57 20.14 -13.07
C PHE D 224 16.35 21.28 -12.41
N VAL D 225 17.65 21.12 -12.24
CA VAL D 225 18.47 22.21 -11.73
C VAL D 225 18.74 23.26 -12.85
N GLU D 226 18.83 22.80 -14.09
CA GLU D 226 18.94 23.69 -15.23
C GLU D 226 17.71 23.48 -16.10
N GLU D 227 17.60 24.29 -17.13
CA GLU D 227 16.45 24.19 -18.06
C GLU D 227 16.61 23.07 -19.06
N LYS D 228 17.83 22.52 -19.15
CA LYS D 228 18.12 21.39 -20.03
C LYS D 228 18.70 20.26 -19.20
N GLU D 229 18.65 19.07 -19.78
CA GLU D 229 19.23 17.87 -19.22
C GLU D 229 20.29 17.38 -20.22
N PRO D 230 21.15 16.43 -19.82
CA PRO D 230 22.24 15.98 -20.70
C PRO D 230 21.77 15.39 -22.03
N THR D 231 20.55 14.83 -22.03
CA THR D 231 19.94 14.25 -23.21
C THR D 231 19.56 15.31 -24.24
N ASP D 232 19.52 16.56 -23.81
CA ASP D 232 19.26 17.70 -24.69
C ASP D 232 20.55 18.17 -25.36
N VAL D 233 21.71 17.68 -24.93
CA VAL D 233 22.98 18.11 -25.54
C VAL D 233 23.84 16.94 -26.01
N GLY D 234 23.19 15.83 -26.38
CA GLY D 234 23.86 14.70 -27.02
C GLY D 234 24.08 13.43 -26.23
N ALA D 235 23.63 13.37 -24.99
CA ALA D 235 23.77 12.16 -24.23
C ALA D 235 22.91 11.09 -24.89
N ASP D 236 23.43 9.87 -25.02
CA ASP D 236 22.69 8.72 -25.55
C ASP D 236 21.83 8.00 -24.52
N ILE D 237 22.25 8.07 -23.27
CA ILE D 237 21.58 7.42 -22.21
C ILE D 237 22.00 8.06 -20.90
N ILE D 238 21.01 8.20 -20.02
CA ILE D 238 21.22 8.77 -18.68
C ILE D 238 20.53 7.87 -17.65
N ALA D 239 20.91 8.02 -16.37
CA ALA D 239 20.32 7.25 -15.28
C ALA D 239 20.34 8.08 -14.03
N GLY D 240 19.39 7.79 -13.15
CA GLY D 240 19.25 8.49 -11.88
C GLY D 240 18.36 7.80 -10.87
N SER D 241 18.25 8.39 -9.68
CA SER D 241 17.53 7.85 -8.52
C SER D 241 16.24 8.62 -8.29
N LEU D 242 15.15 7.91 -8.06
CA LEU D 242 13.87 8.56 -7.84
C LEU D 242 13.77 9.14 -6.43
N ILE D 243 14.70 8.79 -5.54
CA ILE D 243 14.69 9.37 -4.17
C ILE D 243 15.63 10.61 -4.05
N1 LLP D 244 26.21 8.98 -8.77
C2 LLP D 244 26.25 10.14 -8.07
C2' LLP D 244 27.13 11.25 -8.57
C3 LLP D 244 25.44 10.28 -6.92
O3 LLP D 244 25.47 11.34 -6.29
C4 LLP D 244 24.61 9.23 -6.48
C4' LLP D 244 23.74 9.39 -5.23
C5 LLP D 244 24.62 8.04 -7.23
C6 LLP D 244 25.42 7.92 -8.36
C5' LLP D 244 23.78 6.88 -6.85
OP4 LLP D 244 23.82 6.58 -5.43
P LLP D 244 22.75 5.66 -4.70
OP1 LLP D 244 23.18 4.31 -4.99
OP2 LLP D 244 21.47 6.00 -5.29
OP3 LLP D 244 22.88 6.03 -3.26
N LLP D 244 16.13 11.08 -5.18
CA LLP D 244 16.79 12.37 -5.28
CB LLP D 244 18.19 12.23 -5.89
CG LLP D 244 19.16 11.44 -4.94
CD LLP D 244 20.52 11.07 -5.58
CE LLP D 244 21.43 10.13 -4.69
NZ LLP D 244 22.43 9.40 -5.60
C LLP D 244 15.77 13.27 -6.03
O LLP D 244 14.58 12.95 -6.02
N LYS D 244 16.10 11.09 -5.19
CA LYS D 244 16.77 12.38 -5.30
C LYS D 244 15.76 13.31 -5.97
N ASN D 245 16.24 14.32 -6.72
CA ASN D 245 15.39 15.35 -7.27
C ASN D 245 14.06 14.95 -7.90
N ILE D 246 14.14 14.04 -8.87
CA ILE D 246 13.00 13.73 -9.79
C ILE D 246 11.80 13.04 -9.13
N GLY D 247 11.97 12.52 -7.90
CA GLY D 247 10.86 11.96 -7.13
C GLY D 247 10.07 13.02 -6.36
N GLY D 248 10.54 14.27 -6.39
CA GLY D 248 9.80 15.42 -5.74
C GLY D 248 9.67 15.27 -4.25
N GLY D 249 10.50 14.42 -3.66
CA GLY D 249 10.39 14.06 -2.24
C GLY D 249 9.26 13.11 -1.85
N ILE D 250 8.47 12.67 -2.84
CA ILE D 250 7.29 11.82 -2.63
C ILE D 250 7.59 10.38 -3.02
N ALA D 251 8.45 10.13 -4.01
CA ALA D 251 8.79 8.75 -4.39
C ALA D 251 9.43 8.05 -3.24
N THR D 252 9.07 6.80 -3.00
CA THR D 252 9.66 6.11 -1.88
C THR D 252 10.82 5.20 -2.26
N THR D 253 11.02 4.93 -3.54
CA THR D 253 12.16 4.13 -3.98
C THR D 253 12.22 4.14 -5.49
N GLY D 254 13.26 3.57 -6.07
CA GLY D 254 13.29 3.42 -7.54
C GLY D 254 14.33 4.25 -8.27
N GLY D 255 14.29 4.15 -9.60
CA GLY D 255 15.29 4.75 -10.46
C GLY D 255 14.75 4.89 -11.88
N TYR D 256 15.51 5.57 -12.73
CA TYR D 256 15.14 5.75 -14.09
C TYR D 256 16.37 5.58 -15.00
N ILE D 257 16.09 5.16 -16.23
CA ILE D 257 17.03 5.13 -17.33
C ILE D 257 16.31 5.77 -18.51
N ALA D 258 16.99 6.65 -19.22
CA ALA D 258 16.41 7.38 -20.34
C ALA D 258 17.43 7.57 -21.43
N GLY D 259 16.95 7.55 -22.66
CA GLY D 259 17.83 7.69 -23.83
C GLY D 259 17.29 7.05 -25.10
N LYS D 260 18.21 6.69 -25.99
CA LYS D 260 17.87 6.03 -27.21
C LYS D 260 17.23 4.70 -26.89
N GLU D 261 16.20 4.34 -27.66
CA GLU D 261 15.50 3.09 -27.45
C GLU D 261 16.45 1.88 -27.43
N GLU D 262 17.40 1.83 -28.32
CA GLU D 262 18.32 0.72 -28.37
C GLU D 262 19.01 0.54 -27.03
N TYR D 263 19.52 1.62 -26.43
CA TYR D 263 20.32 1.52 -25.21
C TYR D 263 19.47 1.34 -23.95
N VAL D 264 18.27 1.92 -23.94
CA VAL D 264 17.36 1.75 -22.82
C VAL D 264 16.90 0.31 -22.83
N THR D 265 16.51 -0.19 -24.00
CA THR D 265 16.06 -1.57 -24.09
C THR D 265 17.12 -2.57 -23.62
N GLN D 266 18.38 -2.38 -24.01
CA GLN D 266 19.41 -3.29 -23.54
C GLN D 266 19.56 -3.29 -21.99
N ALA D 267 19.45 -2.11 -21.41
CA ALA D 267 19.49 -1.94 -19.97
C ALA D 267 18.35 -2.71 -19.33
N THR D 268 17.15 -2.69 -19.94
CA THR D 268 16.04 -3.42 -19.34
C THR D 268 16.31 -4.94 -19.19
N PHE D 269 17.09 -5.51 -20.09
CA PHE D 269 17.40 -6.96 -20.05
C PHE D 269 18.34 -7.30 -18.94
N ARG D 270 19.13 -6.31 -18.50
CA ARG D 270 19.95 -6.46 -17.28
C ARG D 270 19.11 -6.30 -16.01
N VAL D 271 18.13 -5.41 -16.08
CA VAL D 271 17.27 -5.16 -14.93
C VAL D 271 16.41 -6.36 -14.62
N THR D 272 15.83 -6.99 -15.65
CA THR D 272 15.05 -8.19 -15.44
C THR D 272 15.88 -9.26 -16.08
N VAL D 273 15.43 -9.81 -17.21
CA VAL D 273 16.20 -10.78 -17.97
C VAL D 273 15.95 -10.59 -19.46
N PRO D 274 16.87 -11.11 -20.27
CA PRO D 274 16.75 -11.20 -21.69
C PRO D 274 15.40 -11.79 -22.04
N GLY D 275 14.71 -11.21 -23.00
CA GLY D 275 13.44 -11.75 -23.43
C GLY D 275 12.25 -11.16 -22.69
N ILE D 276 12.47 -10.60 -21.50
CA ILE D 276 11.37 -9.95 -20.74
C ILE D 276 11.54 -8.46 -20.74
N GLY D 277 12.72 -8.01 -20.33
CA GLY D 277 12.99 -6.56 -20.28
C GLY D 277 11.95 -5.89 -19.42
N GLY D 278 11.35 -4.82 -19.91
CA GLY D 278 10.39 -4.10 -19.13
C GLY D 278 8.95 -4.44 -19.38
N GLU D 279 8.72 -5.55 -20.05
CA GLU D 279 7.37 -6.02 -20.41
C GLU D 279 6.67 -6.61 -19.20
N CYS D 280 7.45 -7.11 -18.24
CA CYS D 280 6.86 -7.55 -17.00
C CYS D 280 7.33 -6.67 -15.88
N GLY D 281 6.49 -6.59 -14.86
CA GLY D 281 6.88 -5.86 -13.66
C GLY D 281 5.75 -5.03 -13.10
N SER D 282 4.97 -5.59 -12.19
CA SER D 282 3.93 -4.80 -11.55
C SER D 282 4.59 -3.78 -10.59
N THR D 283 3.78 -2.82 -10.14
CA THR D 283 4.35 -1.61 -9.55
C THR D 283 3.84 -1.28 -8.16
N PHE D 284 3.32 -2.28 -7.46
CA PHE D 284 3.05 -2.16 -6.02
C PHE D 284 2.13 -1.02 -5.58
N GLY D 285 1.35 -0.45 -6.48
CA GLY D 285 0.50 0.70 -6.18
C GLY D 285 1.25 2.04 -6.04
N VAL D 286 2.52 2.10 -6.44
CA VAL D 286 3.26 3.36 -6.31
C VAL D 286 3.01 4.42 -7.39
N MSE D 287 2.20 4.13 -8.41
CA MSE D 287 2.17 5.01 -9.58
C MSE D 287 1.70 6.44 -9.24
O MSE D 287 2.33 7.41 -9.66
CB MSE D 287 1.38 4.41 -10.75
CG MSE D 287 1.94 3.09 -11.31
SE MSE D 287 3.87 3.14 -11.76
CE MSE D 287 3.77 4.72 -12.80
N ARG D 288 0.62 6.60 -8.47
CA ARG D 288 0.17 7.97 -8.16
C ARG D 288 1.35 8.79 -7.54
N SER D 289 2.08 8.19 -6.61
CA SER D 289 3.13 8.92 -5.93
C SER D 289 4.26 9.28 -6.88
N LEU D 290 4.54 8.42 -7.87
CA LEU D 290 5.62 8.73 -8.83
C LEU D 290 5.22 9.85 -9.77
N TYR D 291 3.96 9.88 -10.20
CA TYR D 291 3.47 10.98 -11.03
C TYR D 291 3.42 12.27 -10.25
N GLU D 292 2.81 12.25 -9.07
CA GLU D 292 2.72 13.46 -8.30
C GLU D 292 4.11 13.96 -7.95
N GLY D 293 5.02 13.05 -7.58
CA GLY D 293 6.36 13.41 -7.28
C GLY D 293 7.05 14.08 -8.44
N LEU D 294 6.88 13.52 -9.63
CA LEU D 294 7.38 14.19 -10.85
C LEU D 294 6.85 15.62 -11.05
N PHE D 295 5.55 15.80 -10.85
CA PHE D 295 4.94 17.10 -10.98
C PHE D 295 5.51 18.13 -10.02
N MSE D 296 5.78 17.70 -8.79
N MSE D 296 5.78 17.70 -8.77
CA MSE D 296 6.34 18.58 -7.78
CA MSE D 296 6.39 18.56 -7.75
C MSE D 296 7.89 18.69 -7.85
C MSE D 296 7.89 18.78 -7.96
O MSE D 296 8.48 19.50 -7.14
O MSE D 296 8.46 19.72 -7.44
CB MSE D 296 5.98 18.06 -6.38
CB MSE D 296 6.27 17.92 -6.36
CG MSE D 296 4.49 17.98 -6.04
CG MSE D 296 4.91 17.80 -5.78
SE MSE D 296 4.29 16.98 -4.34
SE MSE D 296 4.08 19.50 -5.73
CE MSE D 296 5.83 17.77 -3.38
CE MSE D 296 4.79 20.40 -4.05
N ALA D 297 8.53 17.88 -8.70
CA ALA D 297 10.00 17.85 -8.74
C ALA D 297 10.72 19.15 -9.18
N PRO D 298 10.22 19.83 -10.23
CA PRO D 298 10.86 21.09 -10.59
C PRO D 298 10.87 22.09 -9.45
N HIS D 299 9.80 22.11 -8.69
CA HIS D 299 9.66 23.00 -7.54
C HIS D 299 10.56 22.60 -6.37
N VAL D 300 10.40 21.38 -5.92
CA VAL D 300 11.19 20.89 -4.82
C VAL D 300 12.69 20.94 -5.08
N THR D 301 13.09 20.66 -6.32
CA THR D 301 14.51 20.73 -6.72
C THR D 301 15.06 22.11 -6.48
N ILE D 302 14.28 23.16 -6.79
CA ILE D 302 14.74 24.51 -6.68
C ILE D 302 14.70 24.98 -5.24
N GLU D 303 13.83 24.40 -4.41
CA GLU D 303 13.92 24.65 -2.98
C GLU D 303 15.31 24.17 -2.47
N ALA D 304 15.76 23.03 -2.95
CA ALA D 304 17.05 22.46 -2.49
C ALA D 304 18.20 23.29 -3.05
N VAL D 305 18.09 23.74 -4.30
CA VAL D 305 19.07 24.63 -4.89
C VAL D 305 19.18 25.92 -4.05
N LYS D 306 18.07 26.55 -3.72
CA LYS D 306 18.07 27.74 -2.89
C LYS D 306 18.73 27.48 -1.57
N GLY D 307 18.50 26.32 -0.96
CA GLY D 307 19.15 25.97 0.27
C GLY D 307 20.64 25.86 0.11
N ALA D 308 21.08 25.28 -1.00
CA ALA D 308 22.51 25.14 -1.25
C ALA D 308 23.22 26.54 -1.39
N VAL D 309 22.60 27.42 -2.17
CA VAL D 309 23.10 28.76 -2.46
C VAL D 309 23.11 29.63 -1.24
N PHE D 310 22.03 29.58 -0.43
CA PHE D 310 22.00 30.29 0.84
C PHE D 310 23.06 29.72 1.80
N CYS D 311 23.18 28.42 1.85
CA CYS D 311 24.25 27.81 2.68
C CYS D 311 25.66 28.33 2.26
N ALA D 312 25.96 28.25 0.97
CA ALA D 312 27.18 28.79 0.38
C ALA D 312 27.48 30.22 0.87
N ARG D 313 26.50 31.12 0.77
CA ARG D 313 26.74 32.50 1.16
C ARG D 313 26.91 32.67 2.65
N ILE D 314 26.00 32.09 3.45
CA ILE D 314 26.11 32.28 4.88
C ILE D 314 27.39 31.65 5.47
N MSE D 315 27.81 30.48 5.00
CA MSE D 315 29.01 29.87 5.56
C MSE D 315 30.22 30.72 5.14
O MSE D 315 31.20 30.87 5.87
CB MSE D 315 29.14 28.41 5.12
CG MSE D 315 27.99 27.51 5.56
SE MSE D 315 27.74 27.54 7.46
CE MSE D 315 29.30 26.51 8.00
N GLU D 316 30.16 31.28 3.94
CA GLU D 316 31.21 32.21 3.48
C GLU D 316 31.25 33.49 4.35
N LEU D 317 30.08 34.07 4.64
CA LEU D 317 30.02 35.21 5.55
C LEU D 317 30.64 34.85 6.91
N ALA D 318 30.55 33.59 7.28
CA ALA D 318 31.14 33.08 8.52
C ALA D 318 32.64 32.79 8.44
N GLY D 319 33.25 32.92 7.27
CA GLY D 319 34.68 32.75 7.09
C GLY D 319 35.11 31.50 6.32
N PHE D 320 34.17 30.65 5.90
CA PHE D 320 34.53 29.40 5.28
C PHE D 320 34.65 29.48 3.76
N ASP D 321 35.62 28.72 3.24
CA ASP D 321 35.72 28.48 1.80
C ASP D 321 34.62 27.45 1.48
N VAL D 322 33.81 27.74 0.47
CA VAL D 322 32.69 26.87 0.06
C VAL D 322 32.82 26.61 -1.42
N LEU D 323 32.15 25.56 -1.89
CA LEU D 323 32.13 25.27 -3.30
C LEU D 323 30.89 24.50 -3.66
N PRO D 324 30.15 24.97 -4.68
CA PRO D 324 30.39 26.18 -5.46
C PRO D 324 30.10 27.44 -4.64
N LYS D 325 30.45 28.60 -5.21
CA LYS D 325 30.18 29.87 -4.55
C LYS D 325 28.72 30.19 -4.77
N TYR D 326 28.16 31.05 -3.95
CA TYR D 326 26.76 31.40 -4.00
C TYR D 326 26.28 31.88 -5.35
N ASN D 327 27.16 32.53 -6.09
CA ASN D 327 26.81 33.05 -7.38
C ASN D 327 27.34 32.25 -8.52
N ASP D 328 27.90 31.06 -8.27
CA ASP D 328 28.17 30.08 -9.32
C ASP D 328 26.86 29.41 -9.63
N LYS D 329 26.40 29.53 -10.86
CA LYS D 329 25.11 28.94 -11.24
C LYS D 329 25.22 27.40 -11.20
N ARG D 330 24.24 26.79 -10.55
CA ARG D 330 24.27 25.39 -10.22
C ARG D 330 23.80 24.42 -11.31
N THR D 331 24.34 23.22 -11.20
CA THR D 331 23.92 22.13 -12.03
C THR D 331 23.37 20.96 -11.25
N ASP D 332 23.70 20.91 -9.93
CA ASP D 332 23.12 19.94 -9.03
C ASP D 332 22.77 20.61 -7.69
N ILE D 333 22.25 19.83 -6.75
CA ILE D 333 21.79 20.35 -5.45
C ILE D 333 22.83 20.28 -4.32
N ILE D 334 24.05 19.95 -4.65
CA ILE D 334 25.07 19.73 -3.64
C ILE D 334 25.84 21.01 -3.28
N GLN D 335 26.17 21.17 -1.98
CA GLN D 335 26.97 22.26 -1.51
C GLN D 335 28.05 21.70 -0.64
N ALA D 336 29.29 22.09 -0.90
CA ALA D 336 30.48 21.68 -0.11
C ALA D 336 30.97 22.86 0.74
N ILE D 337 31.48 22.56 1.92
CA ILE D 337 31.97 23.55 2.86
C ILE D 337 33.32 23.02 3.41
N LYS D 338 34.39 23.77 3.26
CA LYS D 338 35.71 23.35 3.79
C LYS D 338 35.84 23.85 5.25
N PHE D 339 35.59 22.97 6.20
CA PHE D 339 35.62 23.36 7.60
C PHE D 339 37.05 23.57 8.11
N ASN D 340 38.01 22.84 7.53
CA ASN D 340 39.44 22.90 7.90
C ASN D 340 39.66 22.50 9.36
N ASP D 341 38.75 21.70 9.90
CA ASP D 341 38.79 21.35 11.30
C ASP D 341 37.80 20.18 11.51
N GLU D 342 38.27 19.12 12.16
CA GLU D 342 37.47 17.94 12.35
C GLU D 342 36.27 18.20 13.26
N LYS D 343 36.47 18.91 14.35
CA LYS D 343 35.37 19.15 15.26
C LYS D 343 34.27 19.94 14.60
N LYS D 344 34.66 21.01 13.91
CA LYS D 344 33.69 21.89 13.21
C LYS D 344 32.83 21.10 12.22
N LEU D 345 33.48 20.22 11.46
CA LEU D 345 32.78 19.39 10.51
C LEU D 345 31.72 18.52 11.20
N ILE D 346 32.14 17.87 12.28
CA ILE D 346 31.27 16.91 12.94
C ILE D 346 30.15 17.63 13.61
N ASP D 347 30.47 18.71 14.28
CA ASP D 347 29.47 19.51 14.94
C ASP D 347 28.41 20.01 13.94
N PHE D 348 28.85 20.39 12.74
CA PHE D 348 27.95 20.94 11.75
C PHE D 348 26.97 19.86 11.26
N ILE D 349 27.51 18.69 10.97
CA ILE D 349 26.72 17.54 10.48
C ILE D 349 25.74 17.08 11.54
N LYS D 350 26.20 16.97 12.79
CA LYS D 350 25.30 16.64 13.89
C LYS D 350 24.19 17.69 14.04
N GLY D 351 24.51 18.94 13.79
CA GLY D 351 23.51 19.99 13.89
C GLY D 351 22.45 19.81 12.82
N ILE D 352 22.85 19.37 11.62
CA ILE D 352 21.91 19.11 10.56
C ILE D 352 20.94 18.02 11.00
N GLN D 353 21.45 16.96 11.60
CA GLN D 353 20.61 15.89 12.12
C GLN D 353 19.63 16.44 13.15
N THR D 354 20.12 17.30 14.03
CA THR D 354 19.26 17.85 15.04
C THR D 354 18.22 18.78 14.47
N ALA D 355 18.45 19.32 13.25
CA ALA D 355 17.44 20.17 12.57
C ALA D 355 16.44 19.36 11.75
N SER D 356 16.50 18.03 11.83
CA SER D 356 15.65 17.19 10.95
C SER D 356 14.37 16.83 11.63
N PRO D 357 13.30 16.59 10.84
CA PRO D 357 12.01 16.23 11.43
C PRO D 357 11.93 14.78 11.94
N VAL D 358 12.71 13.90 11.32
CA VAL D 358 12.69 12.46 11.67
C VAL D 358 14.04 12.12 12.25
N ASP D 359 14.03 11.34 13.33
CA ASP D 359 15.24 10.98 14.06
C ASP D 359 16.08 12.15 14.47
N SER D 360 15.42 13.23 14.86
CA SER D 360 16.19 14.39 15.29
C SER D 360 17.09 14.14 16.50
N PHE D 361 16.76 13.13 17.29
CA PHE D 361 17.41 12.84 18.58
C PHE D 361 18.61 11.88 18.45
N VAL D 362 18.78 11.32 17.26
CA VAL D 362 19.84 10.40 16.99
C VAL D 362 21.15 11.18 16.95
N GLN D 363 22.12 10.69 17.73
CA GLN D 363 23.46 11.30 17.81
C GLN D 363 24.41 10.66 16.78
N CYS D 364 24.70 11.41 15.69
CA CYS D 364 25.53 10.94 14.57
C CYS D 364 26.96 10.60 15.00
N GLU D 365 27.47 9.48 14.49
CA GLU D 365 28.82 8.99 14.80
C GLU D 365 29.57 8.77 13.49
N ALA D 366 30.89 8.96 13.54
CA ALA D 366 31.77 8.59 12.43
C ALA D 366 31.75 7.05 12.33
N TRP D 367 30.85 6.52 11.49
CA TRP D 367 30.60 5.09 11.37
C TRP D 367 31.18 4.53 10.07
N TYR D 372 36.48 1.57 2.73
CA TYR D 372 37.14 2.88 2.71
C TYR D 372 38.20 3.06 3.84
N GLU D 373 39.23 3.86 3.57
CA GLU D 373 40.33 4.13 4.52
C GLU D 373 39.98 5.16 5.62
N ASP D 374 38.94 5.98 5.37
CA ASP D 374 38.44 6.96 6.36
C ASP D 374 37.00 6.69 6.76
N LYS D 375 36.68 7.08 8.00
CA LYS D 375 35.30 6.97 8.54
C LYS D 375 34.42 8.02 7.81
N VAL D 376 33.12 7.75 7.66
CA VAL D 376 32.15 8.68 7.05
C VAL D 376 31.12 9.06 8.14
N ILE D 377 30.54 10.26 8.07
CA ILE D 377 29.54 10.68 9.06
C ILE D 377 28.41 11.25 8.25
N MSE D 378 27.18 11.00 8.69
CA MSE D 378 26.00 11.38 7.95
C MSE D 378 24.88 11.88 8.84
O MSE D 378 24.65 11.33 9.92
CB MSE D 378 25.44 10.19 7.20
CG MSE D 378 26.44 9.46 6.33
SE MSE D 378 25.59 7.92 5.49
CE MSE D 378 23.62 8.58 5.42
N ALA D 379 24.18 12.88 8.34
CA ALA D 379 22.91 13.35 8.88
C ALA D 379 21.91 12.85 7.87
N ALA D 380 20.91 12.07 8.33
CA ALA D 380 19.95 11.41 7.44
C ALA D 380 18.52 11.26 8.05
N GLY D 381 18.04 12.33 8.67
CA GLY D 381 16.74 12.36 9.34
C GLY D 381 15.63 12.72 8.38
N THR D 382 15.20 11.72 7.61
CA THR D 382 14.32 11.94 6.45
C THR D 382 13.08 10.99 6.49
N PHE D 383 12.05 11.34 5.75
CA PHE D 383 10.82 10.57 5.70
C PHE D 383 11.03 9.31 4.89
N VAL D 384 11.88 9.43 3.87
CA VAL D 384 12.26 8.30 3.01
C VAL D 384 13.75 7.95 3.26
N GLN D 385 13.98 6.71 3.59
CA GLN D 385 15.30 6.31 4.05
C GLN D 385 16.29 6.46 2.94
N GLY D 386 17.28 7.33 3.18
CA GLY D 386 18.33 7.58 2.22
C GLY D 386 18.05 8.62 1.19
N ALA D 387 16.86 9.23 1.22
CA ALA D 387 16.43 10.20 0.18
C ALA D 387 17.30 11.43 0.26
N SER D 388 17.97 11.84 -0.81
CA SER D 388 18.82 13.00 -0.57
C SER D 388 18.26 14.30 -1.10
N ILE D 389 17.03 14.30 -1.60
CA ILE D 389 16.36 15.54 -1.92
C ILE D 389 15.84 16.15 -0.59
N GLU D 390 15.81 15.35 0.47
CA GLU D 390 15.49 15.86 1.80
C GLU D 390 16.77 16.33 2.45
N LEU D 391 16.65 17.29 3.36
CA LEU D 391 17.80 17.88 4.02
C LEU D 391 18.65 16.79 4.65
N SER D 392 19.89 16.77 4.22
CA SER D 392 20.86 15.75 4.71
C SER D 392 22.29 16.24 4.48
N ALA D 393 23.27 15.55 5.05
CA ALA D 393 24.64 15.96 4.92
C ALA D 393 25.52 14.75 5.22
N ASP D 394 26.72 14.77 4.69
CA ASP D 394 27.68 13.67 4.90
C ASP D 394 29.08 14.13 4.62
N ALA D 395 30.05 13.33 5.07
CA ALA D 395 31.44 13.68 4.91
C ALA D 395 32.34 12.55 5.30
N PRO D 396 33.35 12.27 4.47
CA PRO D 396 34.45 11.45 4.99
C PRO D 396 35.28 12.25 5.97
N ILE D 397 35.78 11.59 7.02
CA ILE D 397 36.57 12.30 8.00
C ILE D 397 38.03 12.25 7.57
N ARG D 398 38.45 13.30 6.85
CA ARG D 398 39.84 13.46 6.44
C ARG D 398 40.05 14.92 6.10
N GLU D 399 41.30 15.36 6.27
CA GLU D 399 41.73 16.74 5.92
C GLU D 399 41.36 16.97 4.49
N PRO D 400 40.94 18.20 4.15
CA PRO D 400 40.77 19.36 4.99
C PRO D 400 39.34 19.48 5.55
N TYR D 401 38.66 18.34 5.78
CA TYR D 401 37.36 18.29 6.49
C TYR D 401 36.27 19.10 5.79
N ILE D 402 36.05 18.68 4.55
CA ILE D 402 35.01 19.23 3.73
C ILE D 402 33.75 18.48 4.06
N GLY D 403 32.66 19.23 4.20
CA GLY D 403 31.38 18.60 4.38
C GLY D 403 30.45 18.87 3.23
N TYR D 404 29.49 17.95 3.02
CA TYR D 404 28.61 18.05 1.89
C TYR D 404 27.18 18.06 2.35
N LEU D 405 26.48 19.14 2.01
CA LEU D 405 25.08 19.36 2.37
C LEU D 405 24.26 19.27 1.11
N GLN D 406 23.12 18.61 1.18
CA GLN D 406 22.18 18.61 0.08
C GLN D 406 20.77 18.39 0.53
N GLY D 407 19.85 18.95 -0.24
CA GLY D 407 18.44 18.69 -0.03
C GLY D 407 17.75 19.74 0.79
N GLY D 408 16.45 19.56 0.90
CA GLY D 408 15.56 20.41 1.62
C GLY D 408 14.22 20.44 0.90
N LEU D 409 13.23 19.76 1.46
CA LEU D 409 11.90 19.72 0.84
C LEU D 409 11.36 21.13 0.73
N THR D 410 11.79 22.01 1.64
CA THR D 410 11.43 23.42 1.53
C THR D 410 12.66 24.23 1.84
N PHE D 411 12.73 25.40 1.25
CA PHE D 411 13.85 26.28 1.55
C PHE D 411 13.86 26.67 3.03
N ASP D 412 12.68 26.90 3.58
CA ASP D 412 12.63 27.26 5.01
C ASP D 412 13.32 26.18 5.84
N HIS D 413 13.06 24.92 5.52
CA HIS D 413 13.72 23.86 6.26
C HIS D 413 15.24 23.91 6.11
N ALA D 414 15.71 23.98 4.87
CA ALA D 414 17.15 24.07 4.59
C ALA D 414 17.82 25.21 5.34
N LYS D 415 17.18 26.37 5.24
CA LYS D 415 17.66 27.62 5.89
C LYS D 415 17.73 27.44 7.39
N LEU D 416 16.67 26.92 7.98
CA LEU D 416 16.63 26.70 9.44
C LEU D 416 17.70 25.71 9.88
N GLY D 417 17.88 24.68 9.09
CA GLY D 417 18.89 23.68 9.36
C GLY D 417 20.28 24.27 9.36
N VAL D 418 20.58 25.11 8.37
CA VAL D 418 21.90 25.75 8.34
C VAL D 418 22.14 26.66 9.54
N LEU D 419 21.10 27.41 9.94
CA LEU D 419 21.23 28.30 11.06
C LEU D 419 21.46 27.47 12.33
N ILE D 420 20.72 26.39 12.48
CA ILE D 420 20.91 25.53 13.64
C ILE D 420 22.31 24.96 13.61
N ALA D 421 22.72 24.40 12.49
CA ALA D 421 24.06 23.86 12.38
C ALA D 421 25.17 24.93 12.61
N LEU D 422 25.03 26.09 11.97
CA LEU D 422 26.04 27.15 12.10
C LEU D 422 26.17 27.67 13.55
N SER D 423 25.05 27.69 14.27
N SER D 423 25.06 27.70 14.27
CA SER D 423 25.03 28.16 15.66
CA SER D 423 25.03 28.15 15.67
C SER D 423 25.73 27.19 16.61
C SER D 423 25.89 27.26 16.55
N LYS D 424 26.14 26.04 16.09
CA LYS D 424 27.04 25.16 16.83
C LYS D 424 28.52 25.48 16.58
N LEU D 425 28.84 26.35 15.63
CA LEU D 425 30.24 26.68 15.36
C LEU D 425 30.58 28.12 15.74
N ILE D 426 29.68 29.06 15.50
CA ILE D 426 30.00 30.45 15.85
C ILE D 426 28.96 31.02 16.81
N MSE D 427 29.41 31.95 17.64
CA MSE D 427 28.54 32.56 18.65
C MSE D 427 28.67 34.09 18.74
O MSE D 427 27.82 34.76 19.33
OXT MSE D 427 29.59 34.71 18.17
CB MSE D 427 28.75 31.84 19.99
CG MSE D 427 27.86 30.57 20.10
SE MSE D 427 28.72 28.87 20.63
CE MSE D 427 27.11 27.55 20.59
NA NA E . -28.53 -14.00 -4.09
C1 EDO F . -21.54 8.98 19.60
O1 EDO F . -22.63 8.03 19.59
C2 EDO F . -21.82 10.48 19.88
O2 EDO F . -22.70 11.15 18.91
C1 EDO G . -25.61 9.98 17.40
O1 EDO G . -24.36 10.41 16.90
C2 EDO G . -26.34 9.49 16.20
O2 EDO G . -25.76 8.22 15.92
C1 EDO H . -28.64 -20.01 0.70
O1 EDO H . -28.20 -19.67 -0.62
C2 EDO H . -30.14 -19.71 0.83
O2 EDO H . -30.89 -20.55 -0.05
C1 EDO I . -8.56 -30.33 6.23
O1 EDO I . -7.56 -29.34 5.93
C2 EDO I . -9.54 -30.53 5.08
O2 EDO I . -10.53 -29.48 4.99
C1 EDO J . -25.23 -15.96 -5.36
O1 EDO J . -25.96 -16.14 -6.61
C2 EDO J . -25.91 -16.71 -4.19
O2 EDO J . -26.99 -16.04 -3.48
NA NA K . 2.17 23.67 21.11
C1 EDO L . -13.61 34.58 0.62
O1 EDO L . -12.63 35.46 1.23
C2 EDO L . -13.50 34.57 -0.91
O2 EDO L . -14.55 33.75 -1.43
C1 EDO M . 6.58 31.16 -3.92
O1 EDO M . 7.12 30.59 -2.71
C2 EDO M . 7.40 30.75 -5.13
O2 EDO M . 6.89 29.50 -5.70
C1 EDO N . 4.92 24.66 18.42
O1 EDO N . 5.17 23.51 17.59
C2 EDO N . 3.45 24.76 18.82
O2 EDO N . 2.53 25.46 17.92
C1 EDO O . 0.54 30.48 18.56
O1 EDO O . 1.38 31.56 18.97
C2 EDO O . 1.08 29.88 17.26
O2 EDO O . 1.99 28.80 17.55
C1 EDO P . -9.83 37.78 4.73
O1 EDO P . -10.64 36.81 4.09
C2 EDO P . -9.35 38.79 3.71
O2 EDO P . -8.61 39.83 4.37
NA NA Q . 15.90 -26.40 8.32
C1 EDO R . -10.38 -30.34 0.21
O1 EDO R . -10.78 -28.96 0.18
C2 EDO R . -9.64 -30.61 1.51
O2 EDO R . -8.20 -30.55 1.38
C1 EDO S . 25.84 -9.02 -17.01
O1 EDO S . 24.68 -8.26 -17.31
C2 EDO S . 25.41 -10.44 -16.83
O2 EDO S . 25.19 -10.74 -15.44
C1 EDO T . 4.48 -38.31 -11.30
O1 EDO T . 4.58 -39.35 -10.31
C2 EDO T . 5.69 -37.38 -11.15
O2 EDO T . 5.57 -36.25 -12.02
C1 EDO U . 12.40 -32.19 4.85
O1 EDO U . 12.06 -31.41 6.00
C2 EDO U . 13.87 -32.56 4.93
O2 EDO U . 13.99 -33.85 5.50
C1 EDO V . -13.01 -38.62 -26.65
O1 EDO V . -13.96 -38.67 -27.74
C2 EDO V . -13.60 -39.17 -25.35
O2 EDO V . -14.96 -38.65 -25.19
C1 EDO W . 3.97 -33.53 -15.95
O1 EDO W . 3.88 -34.35 -14.76
C2 EDO W . 2.62 -33.05 -16.48
O2 EDO W . 2.79 -32.12 -17.56
NA NA X . 9.82 16.57 -25.24
C1 EDO Y . 10.86 29.91 -1.09
O1 EDO Y . 10.72 28.70 -0.37
C2 EDO Y . 11.72 29.65 -2.31
O2 EDO Y . 10.97 29.30 -3.48
C1 EDO Z . 13.53 21.78 -22.79
O1 EDO Z . 12.66 20.70 -23.23
C2 EDO Z . 15.00 21.60 -23.05
O2 EDO Z . 15.39 22.22 -24.29
#